data_9FJL
# 
_entry.id   9FJL 
# 
_audit_conform.dict_name       mmcif_pdbx.dic 
_audit_conform.dict_version    5.396 
_audit_conform.dict_location   http://mmcif.pdb.org/dictionaries/ascii/mmcif_pdbx.dic 
# 
loop_
_database_2.database_id 
_database_2.database_code 
_database_2.pdbx_database_accession 
_database_2.pdbx_DOI 
PDB   9FJL         pdb_00009fjl 10.2210/pdb9fjl/pdb 
WWPDB D_1292138787 ?            ?                   
# 
_pdbx_audit_revision_history.ordinal             1 
_pdbx_audit_revision_history.data_content_type   'Structure model' 
_pdbx_audit_revision_history.major_revision      1 
_pdbx_audit_revision_history.minor_revision      0 
_pdbx_audit_revision_history.revision_date       2024-09-11 
# 
_pdbx_audit_revision_details.ordinal             1 
_pdbx_audit_revision_details.revision_ordinal    1 
_pdbx_audit_revision_details.data_content_type   'Structure model' 
_pdbx_audit_revision_details.provider            repository 
_pdbx_audit_revision_details.type                'Initial release' 
_pdbx_audit_revision_details.description         ? 
_pdbx_audit_revision_details.details             ? 
# 
_pdbx_database_status.status_code                     REL 
_pdbx_database_status.status_code_sf                  REL 
_pdbx_database_status.status_code_mr                  ? 
_pdbx_database_status.entry_id                        9FJL 
_pdbx_database_status.recvd_initial_deposition_date   2024-05-31 
_pdbx_database_status.SG_entry                        N 
_pdbx_database_status.deposit_site                    PDBE 
_pdbx_database_status.process_site                    PDBE 
_pdbx_database_status.status_code_cs                  ? 
_pdbx_database_status.status_code_nmr_data            ? 
_pdbx_database_status.methods_development_category    CASP 
_pdbx_database_status.pdb_format_compatible           Y 
# 
_pdbx_database_related.db_name        PDB 
_pdbx_database_related.details        'same protein from a different species (Saccharolobus solfataricus)' 
_pdbx_database_related.db_id          9F9U 
_pdbx_database_related.content_type   unspecified 
# 
_pdbx_contact_author.id                 2 
_pdbx_contact_author.email              f.werner@ucl.ac.uk 
_pdbx_contact_author.name_first         Finn 
_pdbx_contact_author.name_last          Werner 
_pdbx_contact_author.name_mi            ? 
_pdbx_contact_author.role               'principal investigator/group leader' 
_pdbx_contact_author.identifier_ORCID   0000-0002-3930-3821 
# 
loop_
_audit_author.name 
_audit_author.pdbx_ordinal 
_audit_author.identifier_ORCID 
'Pilotto, S.'  1 0000-0002-3251-7376 
'Phung, D.K.'  2 0009-0000-2672-550X 
'Pinotsis, N.' 3 0000-0002-5096-257X 
# 
_citation.abstract                  ? 
_citation.abstract_id_CAS           ? 
_citation.book_id_ISBN              ? 
_citation.book_publisher            ? 
_citation.book_publisher_city       ? 
_citation.book_title                ? 
_citation.coordinate_linkage        ? 
_citation.country                   ? 
_citation.database_id_Medline       ? 
_citation.details                   ? 
_citation.id                        primary 
_citation.journal_abbrev            'To Be Published' 
_citation.journal_id_ASTM           ? 
_citation.journal_id_CSD            0353 
_citation.journal_id_ISSN           ? 
_citation.journal_full              ? 
_citation.journal_issue             ? 
_citation.journal_volume            ? 
_citation.language                  ? 
_citation.page_first                ? 
_citation.page_last                 ? 
_citation.title                     'Structure, function and evolution of crenarchaeal NusA2' 
_citation.year                      ? 
_citation.database_id_CSD           ? 
_citation.pdbx_database_id_DOI      ? 
_citation.pdbx_database_id_PubMed   ? 
_citation.pdbx_database_id_patent   ? 
_citation.unpublished_flag          ? 
# 
loop_
_citation_author.citation_id 
_citation_author.name 
_citation_author.ordinal 
_citation_author.identifier_ORCID 
primary 'Phung, D.K.'  1 0009-0000-2672-550X 
primary 'Pilotto, S.'  2 0000-0002-3251-7376 
primary 'Matelska, D.' 3 ?                   
primary 'Pinotsis, N.' 4 0000-0002-5096-257X 
primary 'Werner, F.'   5 0000-0002-3930-3821 
# 
loop_
_entity.id 
_entity.type 
_entity.src_method 
_entity.pdbx_description 
_entity.formula_weight 
_entity.pdbx_number_of_molecules 
_entity.pdbx_ec 
_entity.pdbx_mutation 
_entity.pdbx_fragment 
_entity.details 
1 polymer     man 'Transcription elongation factor NusA' 19217.424 1 ? ? ? 
'The protein was cloned from Sulfolobus acidocaldarius genome and expressed full-length without any tag.' 
2 non-polymer syn 'ZINC ION'                             65.409    1 ? ? ? ? 
# 
_entity_poly.entity_id                      1 
_entity_poly.type                           'polypeptide(L)' 
_entity_poly.nstd_linkage                   no 
_entity_poly.nstd_monomer                   no 
_entity_poly.pdbx_seq_one_letter_code       
;MKIPLDYICVKSGLLCNRCQSLVEKGEVENFEVDLLKQLIELEETQFRELKDSTYHKSYKVGNLLILIVTSGSQMSYQKW
IKVAKALQEKIGLRVRILEKSNSIKSTAVQLLTPARVLGVNTVWLPDGTVQYVVRISKQEKRFLPADETSLEEALSKIHS
TQVRIRVE
;
_entity_poly.pdbx_seq_one_letter_code_can   
;MKIPLDYICVKSGLLCNRCQSLVEKGEVENFEVDLLKQLIELEETQFRELKDSTYHKSYKVGNLLILIVTSGSQMSYQKW
IKVAKALQEKIGLRVRILEKSNSIKSTAVQLLTPARVLGVNTVWLPDGTVQYVVRISKQEKRFLPADETSLEEALSKIHS
TQVRIRVE
;
_entity_poly.pdbx_strand_id                 A 
_entity_poly.pdbx_target_identifier         ? 
# 
_pdbx_entity_nonpoly.entity_id   2 
_pdbx_entity_nonpoly.name        'ZINC ION' 
_pdbx_entity_nonpoly.comp_id     ZN 
# 
loop_
_entity_poly_seq.entity_id 
_entity_poly_seq.num 
_entity_poly_seq.mon_id 
_entity_poly_seq.hetero 
1 1   MET n 
1 2   LYS n 
1 3   ILE n 
1 4   PRO n 
1 5   LEU n 
1 6   ASP n 
1 7   TYR n 
1 8   ILE n 
1 9   CYS n 
1 10  VAL n 
1 11  LYS n 
1 12  SER n 
1 13  GLY n 
1 14  LEU n 
1 15  LEU n 
1 16  CYS n 
1 17  ASN n 
1 18  ARG n 
1 19  CYS n 
1 20  GLN n 
1 21  SER n 
1 22  LEU n 
1 23  VAL n 
1 24  GLU n 
1 25  LYS n 
1 26  GLY n 
1 27  GLU n 
1 28  VAL n 
1 29  GLU n 
1 30  ASN n 
1 31  PHE n 
1 32  GLU n 
1 33  VAL n 
1 34  ASP n 
1 35  LEU n 
1 36  LEU n 
1 37  LYS n 
1 38  GLN n 
1 39  LEU n 
1 40  ILE n 
1 41  GLU n 
1 42  LEU n 
1 43  GLU n 
1 44  GLU n 
1 45  THR n 
1 46  GLN n 
1 47  PHE n 
1 48  ARG n 
1 49  GLU n 
1 50  LEU n 
1 51  LYS n 
1 52  ASP n 
1 53  SER n 
1 54  THR n 
1 55  TYR n 
1 56  HIS n 
1 57  LYS n 
1 58  SER n 
1 59  TYR n 
1 60  LYS n 
1 61  VAL n 
1 62  GLY n 
1 63  ASN n 
1 64  LEU n 
1 65  LEU n 
1 66  ILE n 
1 67  LEU n 
1 68  ILE n 
1 69  VAL n 
1 70  THR n 
1 71  SER n 
1 72  GLY n 
1 73  SER n 
1 74  GLN n 
1 75  MET n 
1 76  SER n 
1 77  TYR n 
1 78  GLN n 
1 79  LYS n 
1 80  TRP n 
1 81  ILE n 
1 82  LYS n 
1 83  VAL n 
1 84  ALA n 
1 85  LYS n 
1 86  ALA n 
1 87  LEU n 
1 88  GLN n 
1 89  GLU n 
1 90  LYS n 
1 91  ILE n 
1 92  GLY n 
1 93  LEU n 
1 94  ARG n 
1 95  VAL n 
1 96  ARG n 
1 97  ILE n 
1 98  LEU n 
1 99  GLU n 
1 100 LYS n 
1 101 SER n 
1 102 ASN n 
1 103 SER n 
1 104 ILE n 
1 105 LYS n 
1 106 SER n 
1 107 THR n 
1 108 ALA n 
1 109 VAL n 
1 110 GLN n 
1 111 LEU n 
1 112 LEU n 
1 113 THR n 
1 114 PRO n 
1 115 ALA n 
1 116 ARG n 
1 117 VAL n 
1 118 LEU n 
1 119 GLY n 
1 120 VAL n 
1 121 ASN n 
1 122 THR n 
1 123 VAL n 
1 124 TRP n 
1 125 LEU n 
1 126 PRO n 
1 127 ASP n 
1 128 GLY n 
1 129 THR n 
1 130 VAL n 
1 131 GLN n 
1 132 TYR n 
1 133 VAL n 
1 134 VAL n 
1 135 ARG n 
1 136 ILE n 
1 137 SER n 
1 138 LYS n 
1 139 GLN n 
1 140 GLU n 
1 141 LYS n 
1 142 ARG n 
1 143 PHE n 
1 144 LEU n 
1 145 PRO n 
1 146 ALA n 
1 147 ASP n 
1 148 GLU n 
1 149 THR n 
1 150 SER n 
1 151 LEU n 
1 152 GLU n 
1 153 GLU n 
1 154 ALA n 
1 155 LEU n 
1 156 SER n 
1 157 LYS n 
1 158 ILE n 
1 159 HIS n 
1 160 SER n 
1 161 THR n 
1 162 GLN n 
1 163 VAL n 
1 164 ARG n 
1 165 ILE n 
1 166 ARG n 
1 167 VAL n 
1 168 GLU n 
# 
_entity_src_gen.entity_id                          1 
_entity_src_gen.pdbx_src_id                        1 
_entity_src_gen.pdbx_alt_source_flag               sample 
_entity_src_gen.pdbx_seq_type                      'Biological sequence' 
_entity_src_gen.pdbx_beg_seq_num                   1 
_entity_src_gen.pdbx_end_seq_num                   168 
_entity_src_gen.gene_src_common_name               ? 
_entity_src_gen.gene_src_genus                     ? 
_entity_src_gen.pdbx_gene_src_gene                 'ATY89_02565, ATZ20_05595' 
_entity_src_gen.gene_src_species                   ? 
_entity_src_gen.gene_src_strain                    ? 
_entity_src_gen.gene_src_tissue                    ? 
_entity_src_gen.gene_src_tissue_fraction           ? 
_entity_src_gen.gene_src_details                   ? 
_entity_src_gen.pdbx_gene_src_fragment             ? 
_entity_src_gen.pdbx_gene_src_scientific_name      'Sulfolobus acidocaldarius DSM 639' 
_entity_src_gen.pdbx_gene_src_ncbi_taxonomy_id     330779 
_entity_src_gen.pdbx_gene_src_variant              ? 
_entity_src_gen.pdbx_gene_src_cell_line            ? 
_entity_src_gen.pdbx_gene_src_atcc                 ? 
_entity_src_gen.pdbx_gene_src_organ                ? 
_entity_src_gen.pdbx_gene_src_organelle            ? 
_entity_src_gen.pdbx_gene_src_cell                 ? 
_entity_src_gen.pdbx_gene_src_cellular_location    ? 
_entity_src_gen.host_org_common_name               ? 
_entity_src_gen.pdbx_host_org_scientific_name      'Escherichia coli BL21(DE3)' 
_entity_src_gen.pdbx_host_org_ncbi_taxonomy_id     469008 
_entity_src_gen.host_org_genus                     ? 
_entity_src_gen.pdbx_host_org_gene                 ? 
_entity_src_gen.pdbx_host_org_organ                ? 
_entity_src_gen.host_org_species                   ? 
_entity_src_gen.pdbx_host_org_tissue               ? 
_entity_src_gen.pdbx_host_org_tissue_fraction      ? 
_entity_src_gen.pdbx_host_org_strain               ? 
_entity_src_gen.pdbx_host_org_variant              pLysS 
_entity_src_gen.pdbx_host_org_cell_line            ? 
_entity_src_gen.pdbx_host_org_atcc                 ? 
_entity_src_gen.pdbx_host_org_culture_collection   ? 
_entity_src_gen.pdbx_host_org_cell                 ? 
_entity_src_gen.pdbx_host_org_organelle            ? 
_entity_src_gen.pdbx_host_org_cellular_location    ? 
_entity_src_gen.pdbx_host_org_vector_type          plasmid 
_entity_src_gen.pdbx_host_org_vector               ? 
_entity_src_gen.host_org_details                   ? 
_entity_src_gen.expression_system_id               ? 
_entity_src_gen.plasmid_name                       pET21a+ 
_entity_src_gen.plasmid_details                    ? 
_entity_src_gen.pdbx_description                   ? 
# 
loop_
_chem_comp.id 
_chem_comp.type 
_chem_comp.mon_nstd_flag 
_chem_comp.name 
_chem_comp.pdbx_synonyms 
_chem_comp.formula 
_chem_comp.formula_weight 
ALA 'L-peptide linking' y ALANINE         ? 'C3 H7 N O2'     89.093  
ARG 'L-peptide linking' y ARGININE        ? 'C6 H15 N4 O2 1' 175.209 
ASN 'L-peptide linking' y ASPARAGINE      ? 'C4 H8 N2 O3'    132.118 
ASP 'L-peptide linking' y 'ASPARTIC ACID' ? 'C4 H7 N O4'     133.103 
CYS 'L-peptide linking' y CYSTEINE        ? 'C3 H7 N O2 S'   121.158 
GLN 'L-peptide linking' y GLUTAMINE       ? 'C5 H10 N2 O3'   146.144 
GLU 'L-peptide linking' y 'GLUTAMIC ACID' ? 'C5 H9 N O4'     147.129 
GLY 'peptide linking'   y GLYCINE         ? 'C2 H5 N O2'     75.067  
HIS 'L-peptide linking' y HISTIDINE       ? 'C6 H10 N3 O2 1' 156.162 
ILE 'L-peptide linking' y ISOLEUCINE      ? 'C6 H13 N O2'    131.173 
LEU 'L-peptide linking' y LEUCINE         ? 'C6 H13 N O2'    131.173 
LYS 'L-peptide linking' y LYSINE          ? 'C6 H15 N2 O2 1' 147.195 
MET 'L-peptide linking' y METHIONINE      ? 'C5 H11 N O2 S'  149.211 
PHE 'L-peptide linking' y PHENYLALANINE   ? 'C9 H11 N O2'    165.189 
PRO 'L-peptide linking' y PROLINE         ? 'C5 H9 N O2'     115.130 
SER 'L-peptide linking' y SERINE          ? 'C3 H7 N O3'     105.093 
THR 'L-peptide linking' y THREONINE       ? 'C4 H9 N O3'     119.119 
TRP 'L-peptide linking' y TRYPTOPHAN      ? 'C11 H12 N2 O2'  204.225 
TYR 'L-peptide linking' y TYROSINE        ? 'C9 H11 N O3'    181.189 
VAL 'L-peptide linking' y VALINE          ? 'C5 H11 N O2'    117.146 
ZN  non-polymer         . 'ZINC ION'      ? 'Zn 2'           65.409  
# 
loop_
_pdbx_poly_seq_scheme.asym_id 
_pdbx_poly_seq_scheme.entity_id 
_pdbx_poly_seq_scheme.seq_id 
_pdbx_poly_seq_scheme.mon_id 
_pdbx_poly_seq_scheme.ndb_seq_num 
_pdbx_poly_seq_scheme.pdb_seq_num 
_pdbx_poly_seq_scheme.auth_seq_num 
_pdbx_poly_seq_scheme.pdb_mon_id 
_pdbx_poly_seq_scheme.auth_mon_id 
_pdbx_poly_seq_scheme.pdb_strand_id 
_pdbx_poly_seq_scheme.pdb_ins_code 
_pdbx_poly_seq_scheme.hetero 
A 1 1   MET 1   1   1   MET MET A . n 
A 1 2   LYS 2   2   2   LYS LYS A . n 
A 1 3   ILE 3   3   3   ILE ILE A . n 
A 1 4   PRO 4   4   4   PRO PRO A . n 
A 1 5   LEU 5   5   5   LEU LEU A . n 
A 1 6   ASP 6   6   6   ASP ASP A . n 
A 1 7   TYR 7   7   7   TYR TYR A . n 
A 1 8   ILE 8   8   8   ILE ILE A . n 
A 1 9   CYS 9   9   9   CYS CYS A . n 
A 1 10  VAL 10  10  10  VAL VAL A . n 
A 1 11  LYS 11  11  11  LYS LYS A . n 
A 1 12  SER 12  12  12  SER SER A . n 
A 1 13  GLY 13  13  13  GLY GLY A . n 
A 1 14  LEU 14  14  14  LEU LEU A . n 
A 1 15  LEU 15  15  15  LEU LEU A . n 
A 1 16  CYS 16  16  16  CYS CYS A . n 
A 1 17  ASN 17  17  17  ASN ASN A . n 
A 1 18  ARG 18  18  18  ARG ARG A . n 
A 1 19  CYS 19  19  19  CYS CYS A . n 
A 1 20  GLN 20  20  20  GLN GLN A . n 
A 1 21  SER 21  21  21  SER SER A . n 
A 1 22  LEU 22  22  22  LEU LEU A . n 
A 1 23  VAL 23  23  23  VAL VAL A . n 
A 1 24  GLU 24  24  24  GLU GLU A . n 
A 1 25  LYS 25  25  25  LYS LYS A . n 
A 1 26  GLY 26  26  26  GLY GLY A . n 
A 1 27  GLU 27  27  27  GLU GLU A . n 
A 1 28  VAL 28  28  28  VAL VAL A . n 
A 1 29  GLU 29  29  29  GLU GLU A . n 
A 1 30  ASN 30  30  30  ASN ASN A . n 
A 1 31  PHE 31  31  31  PHE PHE A . n 
A 1 32  GLU 32  32  32  GLU GLU A . n 
A 1 33  VAL 33  33  33  VAL VAL A . n 
A 1 34  ASP 34  34  34  ASP ASP A . n 
A 1 35  LEU 35  35  35  LEU LEU A . n 
A 1 36  LEU 36  36  36  LEU LEU A . n 
A 1 37  LYS 37  37  37  LYS LYS A . n 
A 1 38  GLN 38  38  38  GLN GLN A . n 
A 1 39  LEU 39  39  39  LEU LEU A . n 
A 1 40  ILE 40  40  40  ILE ILE A . n 
A 1 41  GLU 41  41  41  GLU GLU A . n 
A 1 42  LEU 42  42  42  LEU LEU A . n 
A 1 43  GLU 43  43  43  GLU GLU A . n 
A 1 44  GLU 44  44  44  GLU GLU A . n 
A 1 45  THR 45  45  45  THR THR A . n 
A 1 46  GLN 46  46  46  GLN GLN A . n 
A 1 47  PHE 47  47  47  PHE PHE A . n 
A 1 48  ARG 48  48  48  ARG ARG A . n 
A 1 49  GLU 49  49  49  GLU GLU A . n 
A 1 50  LEU 50  50  50  LEU LEU A . n 
A 1 51  LYS 51  51  51  LYS LYS A . n 
A 1 52  ASP 52  52  52  ASP ASP A . n 
A 1 53  SER 53  53  53  SER SER A . n 
A 1 54  THR 54  54  54  THR THR A . n 
A 1 55  TYR 55  55  55  TYR TYR A . n 
A 1 56  HIS 56  56  56  HIS HIS A . n 
A 1 57  LYS 57  57  57  LYS LYS A . n 
A 1 58  SER 58  58  58  SER SER A . n 
A 1 59  TYR 59  59  59  TYR TYR A . n 
A 1 60  LYS 60  60  60  LYS LYS A . n 
A 1 61  VAL 61  61  61  VAL VAL A . n 
A 1 62  GLY 62  62  62  GLY GLY A . n 
A 1 63  ASN 63  63  63  ASN ASN A . n 
A 1 64  LEU 64  64  64  LEU LEU A . n 
A 1 65  LEU 65  65  65  LEU LEU A . n 
A 1 66  ILE 66  66  66  ILE ILE A . n 
A 1 67  LEU 67  67  67  LEU LEU A . n 
A 1 68  ILE 68  68  68  ILE ILE A . n 
A 1 69  VAL 69  69  69  VAL VAL A . n 
A 1 70  THR 70  70  70  THR THR A . n 
A 1 71  SER 71  71  71  SER SER A . n 
A 1 72  GLY 72  72  72  GLY GLY A . n 
A 1 73  SER 73  73  73  SER SER A . n 
A 1 74  GLN 74  74  74  GLN GLN A . n 
A 1 75  MET 75  75  75  MET MET A . n 
A 1 76  SER 76  76  76  SER SER A . n 
A 1 77  TYR 77  77  77  TYR TYR A . n 
A 1 78  GLN 78  78  78  GLN GLN A . n 
A 1 79  LYS 79  79  79  LYS LYS A . n 
A 1 80  TRP 80  80  80  TRP TRP A . n 
A 1 81  ILE 81  81  81  ILE ILE A . n 
A 1 82  LYS 82  82  82  LYS LYS A . n 
A 1 83  VAL 83  83  83  VAL VAL A . n 
A 1 84  ALA 84  84  84  ALA ALA A . n 
A 1 85  LYS 85  85  85  LYS LYS A . n 
A 1 86  ALA 86  86  86  ALA ALA A . n 
A 1 87  LEU 87  87  87  LEU LEU A . n 
A 1 88  GLN 88  88  88  GLN GLN A . n 
A 1 89  GLU 89  89  89  GLU GLU A . n 
A 1 90  LYS 90  90  90  LYS LYS A . n 
A 1 91  ILE 91  91  91  ILE ILE A . n 
A 1 92  GLY 92  92  92  GLY GLY A . n 
A 1 93  LEU 93  93  93  LEU LEU A . n 
A 1 94  ARG 94  94  94  ARG ARG A . n 
A 1 95  VAL 95  95  95  VAL VAL A . n 
A 1 96  ARG 96  96  96  ARG ARG A . n 
A 1 97  ILE 97  97  97  ILE ILE A . n 
A 1 98  LEU 98  98  98  LEU LEU A . n 
A 1 99  GLU 99  99  99  GLU GLU A . n 
A 1 100 LYS 100 100 100 LYS LYS A . n 
A 1 101 SER 101 101 101 SER SER A . n 
A 1 102 ASN 102 102 102 ASN ASN A . n 
A 1 103 SER 103 103 103 SER SER A . n 
A 1 104 ILE 104 104 104 ILE ILE A . n 
A 1 105 LYS 105 105 105 LYS LYS A . n 
A 1 106 SER 106 106 106 SER SER A . n 
A 1 107 THR 107 107 107 THR THR A . n 
A 1 108 ALA 108 108 108 ALA ALA A . n 
A 1 109 VAL 109 109 109 VAL VAL A . n 
A 1 110 GLN 110 110 110 GLN GLN A . n 
A 1 111 LEU 111 111 111 LEU LEU A . n 
A 1 112 LEU 112 112 112 LEU LEU A . n 
A 1 113 THR 113 113 113 THR THR A . n 
A 1 114 PRO 114 114 114 PRO PRO A . n 
A 1 115 ALA 115 115 115 ALA ALA A . n 
A 1 116 ARG 116 116 116 ARG ARG A . n 
A 1 117 VAL 117 117 117 VAL VAL A . n 
A 1 118 LEU 118 118 118 LEU LEU A . n 
A 1 119 GLY 119 119 119 GLY GLY A . n 
A 1 120 VAL 120 120 120 VAL VAL A . n 
A 1 121 ASN 121 121 121 ASN ASN A . n 
A 1 122 THR 122 122 122 THR THR A . n 
A 1 123 VAL 123 123 123 VAL VAL A . n 
A 1 124 TRP 124 124 124 TRP TRP A . n 
A 1 125 LEU 125 125 125 LEU LEU A . n 
A 1 126 PRO 126 126 126 PRO PRO A . n 
A 1 127 ASP 127 127 127 ASP ASP A . n 
A 1 128 GLY 128 128 128 GLY GLY A . n 
A 1 129 THR 129 129 129 THR THR A . n 
A 1 130 VAL 130 130 130 VAL VAL A . n 
A 1 131 GLN 131 131 131 GLN GLN A . n 
A 1 132 TYR 132 132 132 TYR TYR A . n 
A 1 133 VAL 133 133 133 VAL VAL A . n 
A 1 134 VAL 134 134 134 VAL VAL A . n 
A 1 135 ARG 135 135 135 ARG ARG A . n 
A 1 136 ILE 136 136 136 ILE ILE A . n 
A 1 137 SER 137 137 137 SER SER A . n 
A 1 138 LYS 138 138 138 LYS LYS A . n 
A 1 139 GLN 139 139 139 GLN GLN A . n 
A 1 140 GLU 140 140 140 GLU GLU A . n 
A 1 141 LYS 141 141 141 LYS LYS A . n 
A 1 142 ARG 142 142 142 ARG ARG A . n 
A 1 143 PHE 143 143 143 PHE PHE A . n 
A 1 144 LEU 144 144 144 LEU LEU A . n 
A 1 145 PRO 145 145 145 PRO PRO A . n 
A 1 146 ALA 146 146 146 ALA ALA A . n 
A 1 147 ASP 147 147 147 ASP ASP A . n 
A 1 148 GLU 148 148 148 GLU GLU A . n 
A 1 149 THR 149 149 149 THR THR A . n 
A 1 150 SER 150 150 150 SER SER A . n 
A 1 151 LEU 151 151 151 LEU LEU A . n 
A 1 152 GLU 152 152 152 GLU GLU A . n 
A 1 153 GLU 153 153 153 GLU GLU A . n 
A 1 154 ALA 154 154 154 ALA ALA A . n 
A 1 155 LEU 155 155 155 LEU LEU A . n 
A 1 156 SER 156 156 156 SER SER A . n 
A 1 157 LYS 157 157 157 LYS LYS A . n 
A 1 158 ILE 158 158 158 ILE ILE A . n 
A 1 159 HIS 159 159 159 HIS HIS A . n 
A 1 160 SER 160 160 160 SER SER A . n 
A 1 161 THR 161 161 161 THR THR A . n 
A 1 162 GLN 162 162 162 GLN GLN A . n 
A 1 163 VAL 163 163 163 VAL VAL A . n 
A 1 164 ARG 164 164 164 ARG ARG A . n 
A 1 165 ILE 165 165 165 ILE ILE A . n 
A 1 166 ARG 166 166 166 ARG ARG A . n 
A 1 167 VAL 167 167 167 VAL VAL A . n 
A 1 168 GLU 168 168 168 GLU GLU A . n 
# 
_pdbx_nonpoly_scheme.asym_id         B 
_pdbx_nonpoly_scheme.entity_id       2 
_pdbx_nonpoly_scheme.mon_id          ZN 
_pdbx_nonpoly_scheme.ndb_seq_num     1 
_pdbx_nonpoly_scheme.pdb_seq_num     201 
_pdbx_nonpoly_scheme.auth_seq_num    201 
_pdbx_nonpoly_scheme.pdb_mon_id      ZN 
_pdbx_nonpoly_scheme.auth_mon_id     ZN 
_pdbx_nonpoly_scheme.pdb_strand_id   A 
_pdbx_nonpoly_scheme.pdb_ins_code    . 
# 
loop_
_software.citation_id 
_software.classification 
_software.compiler_name 
_software.compiler_version 
_software.contact_author 
_software.contact_author_email 
_software.date 
_software.description 
_software.dependencies 
_software.hardware 
_software.language 
_software.location 
_software.mods 
_software.name 
_software.os 
_software.os_version 
_software.type 
_software.version 
_software.pdbx_ordinal 
? refinement       ? ? ? ? ? ? ? ? ? ? ? PHENIX  ? ? ? 1.20.1_4487     1 
? phasing          ? ? ? ? ? ? ? ? ? ? ? PHASER  ? ? ? 2.8.2           2 
? 'data scaling'   ? ? ? ? ? ? ? ? ? ? ? Aimless ? ? ? 'CCP4 v8.0.012' 3 
? 'data reduction' ? ? ? ? ? ? ? ? ? ? ? xia2    ? ? ? 'CCP4 v8.0.012' 4 
# 
_cell.angle_alpha                  90.000 
_cell.angle_alpha_esd              ? 
_cell.angle_beta                   90.000 
_cell.angle_beta_esd               ? 
_cell.angle_gamma                  120.000 
_cell.angle_gamma_esd              ? 
_cell.entry_id                     9FJL 
_cell.details                      ? 
_cell.formula_units_Z              ? 
_cell.length_a                     118.691 
_cell.length_a_esd                 ? 
_cell.length_b                     118.691 
_cell.length_b_esd                 ? 
_cell.length_c                     77.950 
_cell.length_c_esd                 ? 
_cell.volume                       951001.528 
_cell.volume_esd                   ? 
_cell.Z_PDB                        6 
_cell.reciprocal_angle_alpha       ? 
_cell.reciprocal_angle_beta        ? 
_cell.reciprocal_angle_gamma       ? 
_cell.reciprocal_angle_alpha_esd   ? 
_cell.reciprocal_angle_beta_esd    ? 
_cell.reciprocal_angle_gamma_esd   ? 
_cell.reciprocal_length_a          ? 
_cell.reciprocal_length_b          ? 
_cell.reciprocal_length_c          ? 
_cell.reciprocal_length_a_esd      ? 
_cell.reciprocal_length_b_esd      ? 
_cell.reciprocal_length_c_esd      ? 
_cell.pdbx_unique_axis             ? 
_cell.pdbx_esd_method              ? 
# 
_symmetry.entry_id                         9FJL 
_symmetry.cell_setting                     ? 
_symmetry.Int_Tables_number                154 
_symmetry.space_group_name_Hall            
;P 32 2"
;
_symmetry.space_group_name_H-M             'P 32 2 1' 
_symmetry.pdbx_full_space_group_name_H-M   ? 
# 
_exptl.absorpt_coefficient_mu     ? 
_exptl.absorpt_correction_T_max   ? 
_exptl.absorpt_correction_T_min   ? 
_exptl.absorpt_correction_type    ? 
_exptl.absorpt_process_details    ? 
_exptl.entry_id                   9FJL 
_exptl.crystals_number            1 
_exptl.details                    ? 
_exptl.method                     'X-RAY DIFFRACTION' 
_exptl.method_details             ? 
# 
_exptl_crystal.colour                       ? 
_exptl_crystal.density_diffrn               ? 
_exptl_crystal.density_Matthews             8.39 
_exptl_crystal.density_method               ? 
_exptl_crystal.density_percent_sol          85.3 
_exptl_crystal.description                  ? 
_exptl_crystal.F_000                        ? 
_exptl_crystal.id                           1 
_exptl_crystal.preparation                  ? 
_exptl_crystal.size_max                     ? 
_exptl_crystal.size_mid                     ? 
_exptl_crystal.size_min                     ? 
_exptl_crystal.size_rad                     ? 
_exptl_crystal.colour_lustre                ? 
_exptl_crystal.colour_modifier              ? 
_exptl_crystal.colour_primary               ? 
_exptl_crystal.density_meas                 ? 
_exptl_crystal.density_meas_esd             ? 
_exptl_crystal.density_meas_gt              ? 
_exptl_crystal.density_meas_lt              ? 
_exptl_crystal.density_meas_temp            ? 
_exptl_crystal.density_meas_temp_esd        ? 
_exptl_crystal.density_meas_temp_gt         ? 
_exptl_crystal.density_meas_temp_lt         ? 
_exptl_crystal.pdbx_crystal_image_url       ? 
_exptl_crystal.pdbx_crystal_image_format    ? 
_exptl_crystal.pdbx_mosaicity               ? 
_exptl_crystal.pdbx_mosaicity_esd           ? 
_exptl_crystal.pdbx_mosaic_method           ? 
_exptl_crystal.pdbx_mosaic_block_size       ? 
_exptl_crystal.pdbx_mosaic_block_size_esd   ? 
# 
_exptl_crystal_grow.apparatus       ? 
_exptl_crystal_grow.atmosphere      ? 
_exptl_crystal_grow.crystal_id      1 
_exptl_crystal_grow.details         ? 
_exptl_crystal_grow.method          'VAPOR DIFFUSION, HANGING DROP' 
_exptl_crystal_grow.method_ref      ? 
_exptl_crystal_grow.pH              7.0 
_exptl_crystal_grow.pressure        ? 
_exptl_crystal_grow.pressure_esd    ? 
_exptl_crystal_grow.seeding         ? 
_exptl_crystal_grow.seeding_ref     ? 
_exptl_crystal_grow.temp_details    ? 
_exptl_crystal_grow.temp_esd        ? 
_exptl_crystal_grow.time            ? 
_exptl_crystal_grow.pdbx_details    
;0.9M sodium di-hydrogen phosphate/potassium di-hydrogen phosphate, 100mM Hepes pH 7.0
5mg/ml sample concentration
;
_exptl_crystal_grow.pdbx_pH_range   ? 
_exptl_crystal_grow.temp            293 
# 
_diffrn.ambient_environment              ? 
_diffrn.ambient_temp                     100 
_diffrn.ambient_temp_details             ? 
_diffrn.ambient_temp_esd                 ? 
_diffrn.crystal_id                       1 
_diffrn.crystal_support                  ? 
_diffrn.crystal_treatment                ? 
_diffrn.details                          ? 
_diffrn.id                               1 
_diffrn.ambient_pressure                 ? 
_diffrn.ambient_pressure_esd             ? 
_diffrn.ambient_pressure_gt              ? 
_diffrn.ambient_pressure_lt              ? 
_diffrn.ambient_temp_gt                  ? 
_diffrn.ambient_temp_lt                  ? 
_diffrn.pdbx_serial_crystal_experiment   N 
# 
_diffrn_detector.details                      ? 
_diffrn_detector.detector                     PIXEL 
_diffrn_detector.diffrn_id                    1 
_diffrn_detector.type                         'DECTRIS PILATUS 6M' 
_diffrn_detector.area_resol_mean              ? 
_diffrn_detector.dtime                        ? 
_diffrn_detector.pdbx_frames_total            ? 
_diffrn_detector.pdbx_collection_time_total   ? 
_diffrn_detector.pdbx_collection_date         2019-03-04 
_diffrn_detector.pdbx_frequency               ? 
_diffrn_detector.id                           ? 
_diffrn_detector.number_of_axes               ? 
# 
_diffrn_radiation.collimation                      ? 
_diffrn_radiation.diffrn_id                        1 
_diffrn_radiation.filter_edge                      ? 
_diffrn_radiation.inhomogeneity                    ? 
_diffrn_radiation.monochromator                    ? 
_diffrn_radiation.polarisn_norm                    ? 
_diffrn_radiation.polarisn_ratio                   ? 
_diffrn_radiation.probe                            ? 
_diffrn_radiation.type                             ? 
_diffrn_radiation.xray_symbol                      ? 
_diffrn_radiation.wavelength_id                    1 
_diffrn_radiation.pdbx_monochromatic_or_laue_m_l   M 
_diffrn_radiation.pdbx_wavelength_list             ? 
_diffrn_radiation.pdbx_wavelength                  ? 
_diffrn_radiation.pdbx_diffrn_protocol             'SINGLE WAVELENGTH' 
_diffrn_radiation.pdbx_analyzer                    ? 
_diffrn_radiation.pdbx_scattering_type             x-ray 
# 
_diffrn_radiation_wavelength.id           1 
_diffrn_radiation_wavelength.wavelength   0.9762 
_diffrn_radiation_wavelength.wt           1.0 
# 
_diffrn_source.current                     ? 
_diffrn_source.details                     ? 
_diffrn_source.diffrn_id                   1 
_diffrn_source.power                       ? 
_diffrn_source.size                        ? 
_diffrn_source.source                      SYNCHROTRON 
_diffrn_source.target                      ? 
_diffrn_source.type                        'DIAMOND BEAMLINE I03' 
_diffrn_source.voltage                     ? 
_diffrn_source.take-off_angle              ? 
_diffrn_source.pdbx_wavelength_list        0.9762 
_diffrn_source.pdbx_wavelength             ? 
_diffrn_source.pdbx_synchrotron_beamline   I03 
_diffrn_source.pdbx_synchrotron_site       Diamond 
# 
_reflns.B_iso_Wilson_estimate                          81.0 
_reflns.entry_id                                       9FJL 
_reflns.data_reduction_details                         ? 
_reflns.data_reduction_method                          ? 
_reflns.d_resolution_high                              3.1 
_reflns.d_resolution_low                               62.11 
_reflns.details                                        ? 
_reflns.limit_h_max                                    ? 
_reflns.limit_h_min                                    ? 
_reflns.limit_k_max                                    ? 
_reflns.limit_k_min                                    ? 
_reflns.limit_l_max                                    ? 
_reflns.limit_l_min                                    ? 
_reflns.number_all                                     ? 
_reflns.number_obs                                     11814 
_reflns.observed_criterion                             ? 
_reflns.observed_criterion_F_max                       ? 
_reflns.observed_criterion_F_min                       ? 
_reflns.observed_criterion_I_max                       ? 
_reflns.observed_criterion_I_min                       ? 
_reflns.observed_criterion_sigma_F                     ? 
_reflns.observed_criterion_sigma_I                     ? 
_reflns.percent_possible_obs                           100 
_reflns.R_free_details                                 ? 
_reflns.Rmerge_F_all                                   ? 
_reflns.Rmerge_F_obs                                   ? 
_reflns.Friedel_coverage                               ? 
_reflns.number_gt                                      ? 
_reflns.threshold_expression                           ? 
_reflns.pdbx_redundancy                                11.6 
_reflns.pdbx_netI_over_av_sigmaI                       ? 
_reflns.pdbx_netI_over_sigmaI                          16.2 
_reflns.pdbx_res_netI_over_av_sigmaI_2                 ? 
_reflns.pdbx_res_netI_over_sigmaI_2                    ? 
_reflns.pdbx_chi_squared                               0.68 
_reflns.pdbx_scaling_rejects                           ? 
_reflns.pdbx_d_res_high_opt                            ? 
_reflns.pdbx_d_res_low_opt                             ? 
_reflns.pdbx_d_res_opt_method                          ? 
_reflns.phase_calculation_details                      ? 
_reflns.pdbx_Rrim_I_all                                0.124 
_reflns.pdbx_Rpim_I_all                                0.036 
_reflns.pdbx_d_opt                                     ? 
_reflns.pdbx_number_measured_all                       ? 
_reflns.pdbx_diffrn_id                                 1 
_reflns.pdbx_ordinal                                   1 
_reflns.pdbx_CC_half                                   0.999 
_reflns.pdbx_CC_star                                   ? 
_reflns.pdbx_R_split                                   ? 
_reflns.pdbx_Rmerge_I_obs                              0.119 
_reflns.pdbx_Rmerge_I_all                              ? 
_reflns.pdbx_Rsym_value                                ? 
_reflns.pdbx_CC_split_method                           ? 
_reflns.pdbx_aniso_diffraction_limit_axis_1_ortho[1]   ? 
_reflns.pdbx_aniso_diffraction_limit_axis_1_ortho[2]   ? 
_reflns.pdbx_aniso_diffraction_limit_axis_1_ortho[3]   ? 
_reflns.pdbx_aniso_diffraction_limit_axis_2_ortho[1]   ? 
_reflns.pdbx_aniso_diffraction_limit_axis_2_ortho[2]   ? 
_reflns.pdbx_aniso_diffraction_limit_axis_2_ortho[3]   ? 
_reflns.pdbx_aniso_diffraction_limit_axis_3_ortho[1]   ? 
_reflns.pdbx_aniso_diffraction_limit_axis_3_ortho[2]   ? 
_reflns.pdbx_aniso_diffraction_limit_axis_3_ortho[3]   ? 
_reflns.pdbx_aniso_diffraction_limit_1                 ? 
_reflns.pdbx_aniso_diffraction_limit_2                 ? 
_reflns.pdbx_aniso_diffraction_limit_3                 ? 
_reflns.pdbx_aniso_B_tensor_eigenvector_1_ortho[1]     ? 
_reflns.pdbx_aniso_B_tensor_eigenvector_1_ortho[2]     ? 
_reflns.pdbx_aniso_B_tensor_eigenvector_1_ortho[3]     ? 
_reflns.pdbx_aniso_B_tensor_eigenvector_2_ortho[1]     ? 
_reflns.pdbx_aniso_B_tensor_eigenvector_2_ortho[2]     ? 
_reflns.pdbx_aniso_B_tensor_eigenvector_2_ortho[3]     ? 
_reflns.pdbx_aniso_B_tensor_eigenvector_3_ortho[1]     ? 
_reflns.pdbx_aniso_B_tensor_eigenvector_3_ortho[2]     ? 
_reflns.pdbx_aniso_B_tensor_eigenvector_3_ortho[3]     ? 
_reflns.pdbx_aniso_B_tensor_eigenvalue_1               ? 
_reflns.pdbx_aniso_B_tensor_eigenvalue_2               ? 
_reflns.pdbx_aniso_B_tensor_eigenvalue_3               ? 
_reflns.pdbx_orthogonalization_convention              ? 
_reflns.pdbx_percent_possible_ellipsoidal              ? 
_reflns.pdbx_percent_possible_spherical                ? 
_reflns.pdbx_percent_possible_ellipsoidal_anomalous    ? 
_reflns.pdbx_percent_possible_spherical_anomalous      ? 
_reflns.pdbx_redundancy_anomalous                      ? 
_reflns.pdbx_CC_half_anomalous                         ? 
_reflns.pdbx_absDiff_over_sigma_anomalous              ? 
_reflns.pdbx_percent_possible_anomalous                ? 
_reflns.pdbx_observed_signal_threshold                 ? 
_reflns.pdbx_signal_type                               ? 
_reflns.pdbx_signal_details                            ? 
_reflns.pdbx_signal_software_id                        ? 
# 
_reflns_shell.d_res_high                                    3.1 
_reflns_shell.d_res_low                                     3.31 
_reflns_shell.meanI_over_sigI_all                           ? 
_reflns_shell.meanI_over_sigI_obs                           1.2 
_reflns_shell.number_measured_all                           ? 
_reflns_shell.number_measured_obs                           ? 
_reflns_shell.number_possible                               ? 
_reflns_shell.number_unique_all                             ? 
_reflns_shell.number_unique_obs                             2124 
_reflns_shell.percent_possible_obs                          ? 
_reflns_shell.Rmerge_F_all                                  ? 
_reflns_shell.Rmerge_F_obs                                  ? 
_reflns_shell.meanI_over_sigI_gt                            ? 
_reflns_shell.meanI_over_uI_all                             ? 
_reflns_shell.meanI_over_uI_gt                              ? 
_reflns_shell.number_measured_gt                            ? 
_reflns_shell.number_unique_gt                              ? 
_reflns_shell.percent_possible_gt                           ? 
_reflns_shell.Rmerge_F_gt                                   ? 
_reflns_shell.Rmerge_I_gt                                   ? 
_reflns_shell.pdbx_redundancy                               12.0 
_reflns_shell.pdbx_chi_squared                              0.19 
_reflns_shell.pdbx_netI_over_sigmaI_all                     ? 
_reflns_shell.pdbx_netI_over_sigmaI_obs                     ? 
_reflns_shell.pdbx_Rrim_I_all                               0.378 
_reflns_shell.pdbx_Rpim_I_all                               0.267 
_reflns_shell.pdbx_rejects                                  ? 
_reflns_shell.pdbx_ordinal                                  1 
_reflns_shell.pdbx_diffrn_id                                1 
_reflns_shell.pdbx_CC_half                                  0.820 
_reflns_shell.pdbx_CC_star                                  ? 
_reflns_shell.pdbx_R_split                                  ? 
_reflns_shell.percent_possible_all                          100 
_reflns_shell.Rmerge_I_all                                  ? 
_reflns_shell.Rmerge_I_obs                                  0.267 
_reflns_shell.pdbx_Rsym_value                               ? 
_reflns_shell.pdbx_percent_possible_ellipsoidal             ? 
_reflns_shell.pdbx_percent_possible_spherical               ? 
_reflns_shell.pdbx_percent_possible_ellipsoidal_anomalous   ? 
_reflns_shell.pdbx_percent_possible_spherical_anomalous     ? 
_reflns_shell.pdbx_redundancy_anomalous                     ? 
_reflns_shell.pdbx_CC_half_anomalous                        ? 
_reflns_shell.pdbx_absDiff_over_sigma_anomalous             ? 
_reflns_shell.pdbx_percent_possible_anomalous               ? 
# 
_refine.aniso_B[1][1]                            ? 
_refine.aniso_B[1][2]                            ? 
_refine.aniso_B[1][3]                            ? 
_refine.aniso_B[2][2]                            ? 
_refine.aniso_B[2][3]                            ? 
_refine.aniso_B[3][3]                            ? 
_refine.B_iso_max                                ? 
_refine.B_iso_mean                               94.39 
_refine.B_iso_min                                ? 
_refine.correlation_coeff_Fo_to_Fc               ? 
_refine.correlation_coeff_Fo_to_Fc_free          ? 
_refine.details                                  ? 
_refine.diff_density_max                         ? 
_refine.diff_density_max_esd                     ? 
_refine.diff_density_min                         ? 
_refine.diff_density_min_esd                     ? 
_refine.diff_density_rms                         ? 
_refine.diff_density_rms_esd                     ? 
_refine.entry_id                                 9FJL 
_refine.pdbx_refine_id                           'X-RAY DIFFRACTION' 
_refine.ls_abs_structure_details                 ? 
_refine.ls_abs_structure_Flack                   ? 
_refine.ls_abs_structure_Flack_esd               ? 
_refine.ls_abs_structure_Rogers                  ? 
_refine.ls_abs_structure_Rogers_esd              ? 
_refine.ls_d_res_high                            3.10 
_refine.ls_d_res_low                             51.39 
_refine.ls_extinction_coef                       ? 
_refine.ls_extinction_coef_esd                   ? 
_refine.ls_extinction_expression                 ? 
_refine.ls_extinction_method                     ? 
_refine.ls_goodness_of_fit_all                   ? 
_refine.ls_goodness_of_fit_all_esd               ? 
_refine.ls_goodness_of_fit_obs                   ? 
_refine.ls_goodness_of_fit_obs_esd               ? 
_refine.ls_hydrogen_treatment                    ? 
_refine.ls_matrix_type                           ? 
_refine.ls_number_constraints                    ? 
_refine.ls_number_parameters                     ? 
_refine.ls_number_reflns_all                     ? 
_refine.ls_number_reflns_obs                     11799 
_refine.ls_number_reflns_R_free                  595 
_refine.ls_number_reflns_R_work                  11204 
_refine.ls_number_restraints                     ? 
_refine.ls_percent_reflns_obs                    99.97 
_refine.ls_percent_reflns_R_free                 5.04 
_refine.ls_R_factor_all                          ? 
_refine.ls_R_factor_obs                          0.2213 
_refine.ls_R_factor_R_free                       0.2445 
_refine.ls_R_factor_R_free_error                 ? 
_refine.ls_R_factor_R_free_error_details         ? 
_refine.ls_R_factor_R_work                       0.2200 
_refine.ls_R_Fsqd_factor_obs                     ? 
_refine.ls_R_I_factor_obs                        ? 
_refine.ls_redundancy_reflns_all                 ? 
_refine.ls_redundancy_reflns_obs                 ? 
_refine.ls_restrained_S_all                      ? 
_refine.ls_restrained_S_obs                      ? 
_refine.ls_shift_over_esd_max                    ? 
_refine.ls_shift_over_esd_mean                   ? 
_refine.ls_structure_factor_coef                 ? 
_refine.ls_weighting_details                     ? 
_refine.ls_weighting_scheme                      ? 
_refine.ls_wR_factor_all                         ? 
_refine.ls_wR_factor_obs                         ? 
_refine.ls_wR_factor_R_free                      ? 
_refine.ls_wR_factor_R_work                      ? 
_refine.occupancy_max                            ? 
_refine.occupancy_min                            ? 
_refine.solvent_model_details                    'FLAT BULK SOLVENT MODEL' 
_refine.solvent_model_param_bsol                 ? 
_refine.solvent_model_param_ksol                 ? 
_refine.pdbx_R_complete                          ? 
_refine.ls_R_factor_gt                           ? 
_refine.ls_goodness_of_fit_gt                    ? 
_refine.ls_goodness_of_fit_ref                   ? 
_refine.ls_shift_over_su_max                     ? 
_refine.ls_shift_over_su_max_lt                  ? 
_refine.ls_shift_over_su_mean                    ? 
_refine.ls_shift_over_su_mean_lt                 ? 
_refine.pdbx_ls_sigma_I                          ? 
_refine.pdbx_ls_sigma_F                          1.38 
_refine.pdbx_ls_sigma_Fsqd                       ? 
_refine.pdbx_data_cutoff_high_absF               ? 
_refine.pdbx_data_cutoff_high_rms_absF           ? 
_refine.pdbx_data_cutoff_low_absF                ? 
_refine.pdbx_isotropic_thermal_model             ? 
_refine.pdbx_ls_cross_valid_method               'FREE R-VALUE' 
_refine.pdbx_method_to_determine_struct          'MOLECULAR REPLACEMENT' 
_refine.pdbx_starting_model                      ? 
_refine.pdbx_stereochemistry_target_values       'GeoStd + Monomer Library + CDL v1.2' 
_refine.pdbx_R_Free_selection_details            ? 
_refine.pdbx_stereochem_target_val_spec_case     ? 
_refine.pdbx_overall_ESU_R                       ? 
_refine.pdbx_overall_ESU_R_Free                  ? 
_refine.pdbx_solvent_vdw_probe_radii             1.1000 
_refine.pdbx_solvent_ion_probe_radii             ? 
_refine.pdbx_solvent_shrinkage_radii             0.9000 
_refine.pdbx_real_space_R                        ? 
_refine.pdbx_density_correlation                 ? 
_refine.pdbx_pd_number_of_powder_patterns        ? 
_refine.pdbx_pd_number_of_points                 ? 
_refine.pdbx_pd_meas_number_of_points            ? 
_refine.pdbx_pd_proc_ls_prof_R_factor            ? 
_refine.pdbx_pd_proc_ls_prof_wR_factor           ? 
_refine.pdbx_pd_Marquardt_correlation_coeff      ? 
_refine.pdbx_pd_Fsqrd_R_factor                   ? 
_refine.pdbx_pd_ls_matrix_band_width             ? 
_refine.pdbx_overall_phase_error                 27.9006 
_refine.pdbx_overall_SU_R_free_Cruickshank_DPI   ? 
_refine.pdbx_overall_SU_R_free_Blow_DPI          ? 
_refine.pdbx_overall_SU_R_Blow_DPI               ? 
_refine.pdbx_TLS_residual_ADP_flag               ? 
_refine.pdbx_diffrn_id                           1 
_refine.overall_SU_B                             ? 
_refine.overall_SU_ML                            0.3016 
_refine.overall_SU_R_Cruickshank_DPI             ? 
_refine.overall_SU_R_free                        ? 
_refine.overall_FOM_free_R_set                   ? 
_refine.overall_FOM_work_R_set                   ? 
_refine.pdbx_average_fsc_overall                 ? 
_refine.pdbx_average_fsc_work                    ? 
_refine.pdbx_average_fsc_free                    ? 
# 
_refine_hist.pdbx_refine_id                   'X-RAY DIFFRACTION' 
_refine_hist.cycle_id                         LAST 
_refine_hist.details                          ? 
_refine_hist.d_res_high                       3.10 
_refine_hist.d_res_low                        51.39 
_refine_hist.number_atoms_solvent             0 
_refine_hist.number_atoms_total               1349 
_refine_hist.number_reflns_all                ? 
_refine_hist.number_reflns_obs                ? 
_refine_hist.number_reflns_R_free             ? 
_refine_hist.number_reflns_R_work             ? 
_refine_hist.R_factor_all                     ? 
_refine_hist.R_factor_obs                     ? 
_refine_hist.R_factor_R_free                  ? 
_refine_hist.R_factor_R_work                  ? 
_refine_hist.pdbx_number_residues_total       ? 
_refine_hist.pdbx_B_iso_mean_ligand           ? 
_refine_hist.pdbx_B_iso_mean_solvent          ? 
_refine_hist.pdbx_number_atoms_protein        1348 
_refine_hist.pdbx_number_atoms_nucleic_acid   0 
_refine_hist.pdbx_number_atoms_ligand         1 
_refine_hist.pdbx_number_atoms_lipid          ? 
_refine_hist.pdbx_number_atoms_carb           ? 
_refine_hist.pdbx_pseudo_atom_details         ? 
# 
loop_
_refine_ls_restr.pdbx_refine_id 
_refine_ls_restr.criterion 
_refine_ls_restr.dev_ideal 
_refine_ls_restr.dev_ideal_target 
_refine_ls_restr.number 
_refine_ls_restr.rejects 
_refine_ls_restr.type 
_refine_ls_restr.weight 
_refine_ls_restr.pdbx_restraint_function 
'X-RAY DIFFRACTION' ? 0.0108 ? 1365 ? f_bond_d           ? ? 
'X-RAY DIFFRACTION' ? 1.3506 ? 1840 ? f_angle_d          ? ? 
'X-RAY DIFFRACTION' ? 0.0743 ? 221  ? f_chiral_restr     ? ? 
'X-RAY DIFFRACTION' ? 0.0109 ? 228  ? f_plane_restr      ? ? 
'X-RAY DIFFRACTION' ? 8.2091 ? 182  ? f_dihedral_angle_d ? ? 
# 
loop_
_refine_ls_shell.pdbx_refine_id 
_refine_ls_shell.d_res_high 
_refine_ls_shell.d_res_low 
_refine_ls_shell.number_reflns_all 
_refine_ls_shell.number_reflns_obs 
_refine_ls_shell.number_reflns_R_free 
_refine_ls_shell.number_reflns_R_work 
_refine_ls_shell.percent_reflns_obs 
_refine_ls_shell.percent_reflns_R_free 
_refine_ls_shell.R_factor_all 
_refine_ls_shell.R_factor_obs 
_refine_ls_shell.R_factor_R_free_error 
_refine_ls_shell.R_factor_R_work 
_refine_ls_shell.redundancy_reflns_all 
_refine_ls_shell.redundancy_reflns_obs 
_refine_ls_shell.wR_factor_all 
_refine_ls_shell.wR_factor_obs 
_refine_ls_shell.wR_factor_R_free 
_refine_ls_shell.wR_factor_R_work 
_refine_ls_shell.pdbx_R_complete 
_refine_ls_shell.pdbx_total_number_of_bins_used 
_refine_ls_shell.pdbx_phase_error 
_refine_ls_shell.pdbx_fsc_work 
_refine_ls_shell.pdbx_fsc_free 
_refine_ls_shell.R_factor_R_free 
'X-RAY DIFFRACTION' 3.10 3.41  . . 163 2733 99.97  . . . . 0.3577 . . . . . . . . . . . 0.3937 
'X-RAY DIFFRACTION' 3.41 3.91  . . 142 2777 99.97  . . . . 0.2626 . . . . . . . . . . . 0.2651 
'X-RAY DIFFRACTION' 3.91 4.92  . . 148 2797 100.00 . . . . 0.2209 . . . . . . . . . . . 0.2982 
'X-RAY DIFFRACTION' 4.92 51.39 . . 142 2897 99.93  . . . . 0.1825 . . . . . . . . . . . 0.1804 
# 
_struct.entry_id                     9FJL 
_struct.title                        'Sulfolobus acidocaldarius NusA2 structure' 
_struct.pdbx_model_details           ? 
_struct.pdbx_formula_weight          ? 
_struct.pdbx_formula_weight_method   ? 
_struct.pdbx_model_type_details      ? 
_struct.pdbx_CASP_flag               Y 
# 
_struct_keywords.entry_id        9FJL 
_struct_keywords.text            'crenarchaea, zinc finger domain, UNKNOWN FUNCTION' 
_struct_keywords.pdbx_keywords   'UNKNOWN FUNCTION' 
# 
loop_
_struct_asym.id 
_struct_asym.pdbx_blank_PDB_chainid_flag 
_struct_asym.pdbx_modified 
_struct_asym.entity_id 
_struct_asym.details 
A N N 1 ? 
B N N 2 ? 
# 
_struct_ref.id                         1 
_struct_ref.db_name                    UNP 
_struct_ref.db_code                    A0A0U2WS94_9CREN 
_struct_ref.pdbx_db_accession          A0A0U2WS94 
_struct_ref.pdbx_db_isoform            ? 
_struct_ref.entity_id                  1 
_struct_ref.pdbx_seq_one_letter_code   
;MKIPLDYICVKSGLLCNRCQSLVEKGEVENFEVDLLKQLIELEETQFRELKDSTYHKSYKVGNLLILIVTSGSQMSYQKW
IKVAKALQEKIGLRVRILEKSNSIKSTAVQLLTPARVLGVNTVWLPDGTVQYVVRISKQEKRFLPADETSLEEALSKIHS
TQVRIRVE
;
_struct_ref.pdbx_align_begin           1 
# 
_struct_ref_seq.align_id                      1 
_struct_ref_seq.ref_id                        1 
_struct_ref_seq.pdbx_PDB_id_code              9FJL 
_struct_ref_seq.pdbx_strand_id                A 
_struct_ref_seq.seq_align_beg                 1 
_struct_ref_seq.pdbx_seq_align_beg_ins_code   ? 
_struct_ref_seq.seq_align_end                 168 
_struct_ref_seq.pdbx_seq_align_end_ins_code   ? 
_struct_ref_seq.pdbx_db_accession             A0A0U2WS94 
_struct_ref_seq.db_align_beg                  1 
_struct_ref_seq.pdbx_db_align_beg_ins_code    ? 
_struct_ref_seq.db_align_end                  168 
_struct_ref_seq.pdbx_db_align_end_ins_code    ? 
_struct_ref_seq.pdbx_auth_seq_align_beg       1 
_struct_ref_seq.pdbx_auth_seq_align_end       168 
# 
_pdbx_struct_assembly.id                   1 
_pdbx_struct_assembly.details              author_and_software_defined_assembly 
_pdbx_struct_assembly.method_details       ? 
_pdbx_struct_assembly.oligomeric_details   monomeric 
_pdbx_struct_assembly.oligomeric_count     1 
# 
_pdbx_struct_assembly_gen.assembly_id       1 
_pdbx_struct_assembly_gen.oper_expression   1 
_pdbx_struct_assembly_gen.asym_id_list      A,B 
# 
_pdbx_struct_assembly_auth_evidence.id                     1 
_pdbx_struct_assembly_auth_evidence.assembly_id            1 
_pdbx_struct_assembly_auth_evidence.experimental_support   'gel filtration' 
_pdbx_struct_assembly_auth_evidence.details                'No evidences it forms oligomers.' 
# 
_pdbx_struct_oper_list.id                   1 
_pdbx_struct_oper_list.type                 'identity operation' 
_pdbx_struct_oper_list.name                 1_555 
_pdbx_struct_oper_list.symmetry_operation   x,y,z 
_pdbx_struct_oper_list.matrix[1][1]         1.0 
_pdbx_struct_oper_list.matrix[1][2]         0.0 
_pdbx_struct_oper_list.matrix[1][3]         0.0 
_pdbx_struct_oper_list.vector[1]            0.0 
_pdbx_struct_oper_list.matrix[2][1]         0.0 
_pdbx_struct_oper_list.matrix[2][2]         1.0 
_pdbx_struct_oper_list.matrix[2][3]         0.0 
_pdbx_struct_oper_list.vector[2]            0.0 
_pdbx_struct_oper_list.matrix[3][1]         0.0 
_pdbx_struct_oper_list.matrix[3][2]         0.0 
_pdbx_struct_oper_list.matrix[3][3]         1.0 
_pdbx_struct_oper_list.vector[3]            0.0 
# 
loop_
_struct_conf.conf_type_id 
_struct_conf.id 
_struct_conf.pdbx_PDB_helix_id 
_struct_conf.beg_label_comp_id 
_struct_conf.beg_label_asym_id 
_struct_conf.beg_label_seq_id 
_struct_conf.pdbx_beg_PDB_ins_code 
_struct_conf.end_label_comp_id 
_struct_conf.end_label_asym_id 
_struct_conf.end_label_seq_id 
_struct_conf.pdbx_end_PDB_ins_code 
_struct_conf.beg_auth_comp_id 
_struct_conf.beg_auth_asym_id 
_struct_conf.beg_auth_seq_id 
_struct_conf.end_auth_comp_id 
_struct_conf.end_auth_asym_id 
_struct_conf.end_auth_seq_id 
_struct_conf.pdbx_PDB_helix_class 
_struct_conf.details 
_struct_conf.pdbx_PDB_helix_length 
HELX_P HELX_P1 AA1 ASP A 6   ? GLY A 13  ? ASP A 6   GLY A 13  1 ? 8  
HELX_P HELX_P2 AA2 CYS A 16  ? GLY A 26  ? CYS A 16  GLY A 26  1 ? 11 
HELX_P HELX_P3 AA3 GLU A 29  ? GLN A 46  ? GLU A 29  GLN A 46  1 ? 18 
HELX_P HELX_P4 AA4 PHE A 47  ? SER A 53  ? PHE A 47  SER A 53  5 ? 7  
HELX_P HELX_P5 AA5 SER A 76  ? ILE A 91  ? SER A 76  ILE A 91  1 ? 16 
HELX_P HELX_P6 AA6 SER A 103 ? THR A 113 ? SER A 103 THR A 113 1 ? 11 
HELX_P HELX_P7 AA7 LYS A 138 ? LEU A 144 ? LYS A 138 LEU A 144 5 ? 7  
HELX_P HELX_P8 AA8 ASP A 147 ? HIS A 159 ? ASP A 147 HIS A 159 1 ? 13 
# 
_struct_conf_type.id          HELX_P 
_struct_conf_type.criteria    ? 
_struct_conf_type.reference   ? 
# 
loop_
_struct_conn.id 
_struct_conn.conn_type_id 
_struct_conn.pdbx_leaving_atom_flag 
_struct_conn.pdbx_PDB_id 
_struct_conn.ptnr1_label_asym_id 
_struct_conn.ptnr1_label_comp_id 
_struct_conn.ptnr1_label_seq_id 
_struct_conn.ptnr1_label_atom_id 
_struct_conn.pdbx_ptnr1_label_alt_id 
_struct_conn.pdbx_ptnr1_PDB_ins_code 
_struct_conn.pdbx_ptnr1_standard_comp_id 
_struct_conn.ptnr1_symmetry 
_struct_conn.ptnr2_label_asym_id 
_struct_conn.ptnr2_label_comp_id 
_struct_conn.ptnr2_label_seq_id 
_struct_conn.ptnr2_label_atom_id 
_struct_conn.pdbx_ptnr2_label_alt_id 
_struct_conn.pdbx_ptnr2_PDB_ins_code 
_struct_conn.ptnr1_auth_asym_id 
_struct_conn.ptnr1_auth_comp_id 
_struct_conn.ptnr1_auth_seq_id 
_struct_conn.ptnr2_auth_asym_id 
_struct_conn.ptnr2_auth_comp_id 
_struct_conn.ptnr2_auth_seq_id 
_struct_conn.ptnr2_symmetry 
_struct_conn.pdbx_ptnr3_label_atom_id 
_struct_conn.pdbx_ptnr3_label_seq_id 
_struct_conn.pdbx_ptnr3_label_comp_id 
_struct_conn.pdbx_ptnr3_label_asym_id 
_struct_conn.pdbx_ptnr3_label_alt_id 
_struct_conn.pdbx_ptnr3_PDB_ins_code 
_struct_conn.details 
_struct_conn.pdbx_dist_value 
_struct_conn.pdbx_value_order 
_struct_conn.pdbx_role 
metalc1 metalc ? ? A ASP 6  OD2 ? ? ? 1_555 B ZN . ZN ? ? A ASP 6  A ZN 201 1_555 ? ? ? ? ? ? ? 1.895 ? ? 
metalc2 metalc ? ? A CYS 9  SG  ? ? ? 1_555 B ZN . ZN ? ? A CYS 9  A ZN 201 1_555 ? ? ? ? ? ? ? 2.286 ? ? 
metalc3 metalc ? ? A CYS 16 SG  ? ? ? 1_555 B ZN . ZN ? ? A CYS 16 A ZN 201 1_555 ? ? ? ? ? ? ? 2.265 ? ? 
metalc4 metalc ? ? A CYS 19 SG  ? ? ? 1_555 B ZN . ZN ? ? A CYS 19 A ZN 201 1_555 ? ? ? ? ? ? ? 2.261 ? ? 
# 
_struct_conn_type.id          metalc 
_struct_conn_type.criteria    ? 
_struct_conn_type.reference   ? 
# 
loop_
_pdbx_struct_conn_angle.id 
_pdbx_struct_conn_angle.ptnr1_label_atom_id 
_pdbx_struct_conn_angle.ptnr1_label_alt_id 
_pdbx_struct_conn_angle.ptnr1_label_asym_id 
_pdbx_struct_conn_angle.ptnr1_label_comp_id 
_pdbx_struct_conn_angle.ptnr1_label_seq_id 
_pdbx_struct_conn_angle.ptnr1_auth_atom_id 
_pdbx_struct_conn_angle.ptnr1_auth_asym_id 
_pdbx_struct_conn_angle.ptnr1_auth_comp_id 
_pdbx_struct_conn_angle.ptnr1_auth_seq_id 
_pdbx_struct_conn_angle.ptnr1_PDB_ins_code 
_pdbx_struct_conn_angle.ptnr1_symmetry 
_pdbx_struct_conn_angle.ptnr2_label_atom_id 
_pdbx_struct_conn_angle.ptnr2_label_alt_id 
_pdbx_struct_conn_angle.ptnr2_label_asym_id 
_pdbx_struct_conn_angle.ptnr2_label_comp_id 
_pdbx_struct_conn_angle.ptnr2_label_seq_id 
_pdbx_struct_conn_angle.ptnr2_auth_atom_id 
_pdbx_struct_conn_angle.ptnr2_auth_asym_id 
_pdbx_struct_conn_angle.ptnr2_auth_comp_id 
_pdbx_struct_conn_angle.ptnr2_auth_seq_id 
_pdbx_struct_conn_angle.ptnr2_PDB_ins_code 
_pdbx_struct_conn_angle.ptnr2_symmetry 
_pdbx_struct_conn_angle.ptnr3_label_atom_id 
_pdbx_struct_conn_angle.ptnr3_label_alt_id 
_pdbx_struct_conn_angle.ptnr3_label_asym_id 
_pdbx_struct_conn_angle.ptnr3_label_comp_id 
_pdbx_struct_conn_angle.ptnr3_label_seq_id 
_pdbx_struct_conn_angle.ptnr3_auth_atom_id 
_pdbx_struct_conn_angle.ptnr3_auth_asym_id 
_pdbx_struct_conn_angle.ptnr3_auth_comp_id 
_pdbx_struct_conn_angle.ptnr3_auth_seq_id 
_pdbx_struct_conn_angle.ptnr3_PDB_ins_code 
_pdbx_struct_conn_angle.ptnr3_symmetry 
_pdbx_struct_conn_angle.value 
_pdbx_struct_conn_angle.value_esd 
1 OD2 ? A ASP 6  ? A ASP 6  ? 1_555 ZN ? B ZN . ? A ZN 201 ? 1_555 SG ? A CYS 9  ? A CYS 9  ? 1_555 125.5 ? 
2 OD2 ? A ASP 6  ? A ASP 6  ? 1_555 ZN ? B ZN . ? A ZN 201 ? 1_555 SG ? A CYS 16 ? A CYS 16 ? 1_555 108.9 ? 
3 SG  ? A CYS 9  ? A CYS 9  ? 1_555 ZN ? B ZN . ? A ZN 201 ? 1_555 SG ? A CYS 16 ? A CYS 16 ? 1_555 115.2 ? 
4 OD2 ? A ASP 6  ? A ASP 6  ? 1_555 ZN ? B ZN . ? A ZN 201 ? 1_555 SG ? A CYS 19 ? A CYS 19 ? 1_555 92.9  ? 
5 SG  ? A CYS 9  ? A CYS 9  ? 1_555 ZN ? B ZN . ? A ZN 201 ? 1_555 SG ? A CYS 19 ? A CYS 19 ? 1_555 102.6 ? 
6 SG  ? A CYS 16 ? A CYS 16 ? 1_555 ZN ? B ZN . ? A ZN 201 ? 1_555 SG ? A CYS 19 ? A CYS 19 ? 1_555 107.3 ? 
# 
_struct_mon_prot_cis.pdbx_id                1 
_struct_mon_prot_cis.label_comp_id          THR 
_struct_mon_prot_cis.label_seq_id           113 
_struct_mon_prot_cis.label_asym_id          A 
_struct_mon_prot_cis.label_alt_id           . 
_struct_mon_prot_cis.pdbx_PDB_ins_code      ? 
_struct_mon_prot_cis.auth_comp_id           THR 
_struct_mon_prot_cis.auth_seq_id            113 
_struct_mon_prot_cis.auth_asym_id           A 
_struct_mon_prot_cis.pdbx_label_comp_id_2   PRO 
_struct_mon_prot_cis.pdbx_label_seq_id_2    114 
_struct_mon_prot_cis.pdbx_label_asym_id_2   A 
_struct_mon_prot_cis.pdbx_PDB_ins_code_2    ? 
_struct_mon_prot_cis.pdbx_auth_comp_id_2    PRO 
_struct_mon_prot_cis.pdbx_auth_seq_id_2     114 
_struct_mon_prot_cis.pdbx_auth_asym_id_2    A 
_struct_mon_prot_cis.pdbx_PDB_model_num     1 
_struct_mon_prot_cis.pdbx_omega_angle       16.09 
# 
loop_
_struct_sheet.id 
_struct_sheet.type 
_struct_sheet.number_strands 
_struct_sheet.details 
AA1 ? 3 ? 
AA2 ? 3 ? 
# 
loop_
_struct_sheet_order.sheet_id 
_struct_sheet_order.range_id_1 
_struct_sheet_order.range_id_2 
_struct_sheet_order.offset 
_struct_sheet_order.sense 
AA1 1 2 ? anti-parallel 
AA1 2 3 ? parallel      
AA2 1 2 ? anti-parallel 
AA2 2 3 ? parallel      
# 
loop_
_struct_sheet_range.sheet_id 
_struct_sheet_range.id 
_struct_sheet_range.beg_label_comp_id 
_struct_sheet_range.beg_label_asym_id 
_struct_sheet_range.beg_label_seq_id 
_struct_sheet_range.pdbx_beg_PDB_ins_code 
_struct_sheet_range.end_label_comp_id 
_struct_sheet_range.end_label_asym_id 
_struct_sheet_range.end_label_seq_id 
_struct_sheet_range.pdbx_end_PDB_ins_code 
_struct_sheet_range.beg_auth_comp_id 
_struct_sheet_range.beg_auth_asym_id 
_struct_sheet_range.beg_auth_seq_id 
_struct_sheet_range.end_auth_comp_id 
_struct_sheet_range.end_auth_asym_id 
_struct_sheet_range.end_auth_seq_id 
AA1 1 THR A 54  ? VAL A 61  ? THR A 54  VAL A 61  
AA1 2 LEU A 64  ? THR A 70  ? LEU A 64  THR A 70  
AA1 3 ARG A 94  ? GLU A 99  ? ARG A 94  GLU A 99  
AA2 1 GLY A 119 ? TRP A 124 ? GLY A 119 TRP A 124 
AA2 2 VAL A 130 ? ARG A 135 ? VAL A 130 ARG A 135 
AA2 3 GLN A 162 ? ARG A 166 ? GLN A 162 ARG A 166 
# 
loop_
_pdbx_struct_sheet_hbond.sheet_id 
_pdbx_struct_sheet_hbond.range_id_1 
_pdbx_struct_sheet_hbond.range_id_2 
_pdbx_struct_sheet_hbond.range_1_label_atom_id 
_pdbx_struct_sheet_hbond.range_1_label_comp_id 
_pdbx_struct_sheet_hbond.range_1_label_asym_id 
_pdbx_struct_sheet_hbond.range_1_label_seq_id 
_pdbx_struct_sheet_hbond.range_1_PDB_ins_code 
_pdbx_struct_sheet_hbond.range_1_auth_atom_id 
_pdbx_struct_sheet_hbond.range_1_auth_comp_id 
_pdbx_struct_sheet_hbond.range_1_auth_asym_id 
_pdbx_struct_sheet_hbond.range_1_auth_seq_id 
_pdbx_struct_sheet_hbond.range_2_label_atom_id 
_pdbx_struct_sheet_hbond.range_2_label_comp_id 
_pdbx_struct_sheet_hbond.range_2_label_asym_id 
_pdbx_struct_sheet_hbond.range_2_label_seq_id 
_pdbx_struct_sheet_hbond.range_2_PDB_ins_code 
_pdbx_struct_sheet_hbond.range_2_auth_atom_id 
_pdbx_struct_sheet_hbond.range_2_auth_comp_id 
_pdbx_struct_sheet_hbond.range_2_auth_asym_id 
_pdbx_struct_sheet_hbond.range_2_auth_seq_id 
AA1 1 2 N TYR A 59  ? N TYR A 59  O ILE A 66  ? O ILE A 66  
AA1 2 3 N LEU A 65  ? N LEU A 65  O ARG A 94  ? O ARG A 94  
AA2 1 2 N GLY A 119 ? N GLY A 119 O ARG A 135 ? O ARG A 135 
AA2 2 3 N VAL A 134 ? N VAL A 134 O ARG A 164 ? O ARG A 164 
# 
_pdbx_entry_details.entry_id                   9FJL 
_pdbx_entry_details.nonpolymer_details         ? 
_pdbx_entry_details.sequence_details           ? 
_pdbx_entry_details.compound_details           ? 
_pdbx_entry_details.source_details             ? 
_pdbx_entry_details.has_ligand_of_interest     N 
_pdbx_entry_details.has_protein_modification   ? 
# 
loop_
_space_group_symop.id 
_space_group_symop.operation_xyz 
1 x,y,z          
2 -y,x-y,z+1/3   
3 -x+y,-x,z+2/3  
4 x-y,-y,-z+2/3  
5 -x,-x+y,-z+1/3 
6 y,x,-z         
# 
loop_
_chem_comp_atom.comp_id 
_chem_comp_atom.atom_id 
_chem_comp_atom.type_symbol 
_chem_comp_atom.pdbx_aromatic_flag 
_chem_comp_atom.pdbx_stereo_config 
_chem_comp_atom.pdbx_ordinal 
ALA N    N  N N 1   
ALA CA   C  N S 2   
ALA C    C  N N 3   
ALA O    O  N N 4   
ALA CB   C  N N 5   
ALA OXT  O  N N 6   
ALA H    H  N N 7   
ALA H2   H  N N 8   
ALA HA   H  N N 9   
ALA HB1  H  N N 10  
ALA HB2  H  N N 11  
ALA HB3  H  N N 12  
ALA HXT  H  N N 13  
ARG N    N  N N 14  
ARG CA   C  N S 15  
ARG C    C  N N 16  
ARG O    O  N N 17  
ARG CB   C  N N 18  
ARG CG   C  N N 19  
ARG CD   C  N N 20  
ARG NE   N  N N 21  
ARG CZ   C  N N 22  
ARG NH1  N  N N 23  
ARG NH2  N  N N 24  
ARG OXT  O  N N 25  
ARG H    H  N N 26  
ARG H2   H  N N 27  
ARG HA   H  N N 28  
ARG HB2  H  N N 29  
ARG HB3  H  N N 30  
ARG HG2  H  N N 31  
ARG HG3  H  N N 32  
ARG HD2  H  N N 33  
ARG HD3  H  N N 34  
ARG HE   H  N N 35  
ARG HH11 H  N N 36  
ARG HH12 H  N N 37  
ARG HH21 H  N N 38  
ARG HH22 H  N N 39  
ARG HXT  H  N N 40  
ASN N    N  N N 41  
ASN CA   C  N S 42  
ASN C    C  N N 43  
ASN O    O  N N 44  
ASN CB   C  N N 45  
ASN CG   C  N N 46  
ASN OD1  O  N N 47  
ASN ND2  N  N N 48  
ASN OXT  O  N N 49  
ASN H    H  N N 50  
ASN H2   H  N N 51  
ASN HA   H  N N 52  
ASN HB2  H  N N 53  
ASN HB3  H  N N 54  
ASN HD21 H  N N 55  
ASN HD22 H  N N 56  
ASN HXT  H  N N 57  
ASP N    N  N N 58  
ASP CA   C  N S 59  
ASP C    C  N N 60  
ASP O    O  N N 61  
ASP CB   C  N N 62  
ASP CG   C  N N 63  
ASP OD1  O  N N 64  
ASP OD2  O  N N 65  
ASP OXT  O  N N 66  
ASP H    H  N N 67  
ASP H2   H  N N 68  
ASP HA   H  N N 69  
ASP HB2  H  N N 70  
ASP HB3  H  N N 71  
ASP HD2  H  N N 72  
ASP HXT  H  N N 73  
CYS N    N  N N 74  
CYS CA   C  N R 75  
CYS C    C  N N 76  
CYS O    O  N N 77  
CYS CB   C  N N 78  
CYS SG   S  N N 79  
CYS OXT  O  N N 80  
CYS H    H  N N 81  
CYS H2   H  N N 82  
CYS HA   H  N N 83  
CYS HB2  H  N N 84  
CYS HB3  H  N N 85  
CYS HG   H  N N 86  
CYS HXT  H  N N 87  
GLN N    N  N N 88  
GLN CA   C  N S 89  
GLN C    C  N N 90  
GLN O    O  N N 91  
GLN CB   C  N N 92  
GLN CG   C  N N 93  
GLN CD   C  N N 94  
GLN OE1  O  N N 95  
GLN NE2  N  N N 96  
GLN OXT  O  N N 97  
GLN H    H  N N 98  
GLN H2   H  N N 99  
GLN HA   H  N N 100 
GLN HB2  H  N N 101 
GLN HB3  H  N N 102 
GLN HG2  H  N N 103 
GLN HG3  H  N N 104 
GLN HE21 H  N N 105 
GLN HE22 H  N N 106 
GLN HXT  H  N N 107 
GLU N    N  N N 108 
GLU CA   C  N S 109 
GLU C    C  N N 110 
GLU O    O  N N 111 
GLU CB   C  N N 112 
GLU CG   C  N N 113 
GLU CD   C  N N 114 
GLU OE1  O  N N 115 
GLU OE2  O  N N 116 
GLU OXT  O  N N 117 
GLU H    H  N N 118 
GLU H2   H  N N 119 
GLU HA   H  N N 120 
GLU HB2  H  N N 121 
GLU HB3  H  N N 122 
GLU HG2  H  N N 123 
GLU HG3  H  N N 124 
GLU HE2  H  N N 125 
GLU HXT  H  N N 126 
GLY N    N  N N 127 
GLY CA   C  N N 128 
GLY C    C  N N 129 
GLY O    O  N N 130 
GLY OXT  O  N N 131 
GLY H    H  N N 132 
GLY H2   H  N N 133 
GLY HA2  H  N N 134 
GLY HA3  H  N N 135 
GLY HXT  H  N N 136 
HIS N    N  N N 137 
HIS CA   C  N S 138 
HIS C    C  N N 139 
HIS O    O  N N 140 
HIS CB   C  N N 141 
HIS CG   C  Y N 142 
HIS ND1  N  Y N 143 
HIS CD2  C  Y N 144 
HIS CE1  C  Y N 145 
HIS NE2  N  Y N 146 
HIS OXT  O  N N 147 
HIS H    H  N N 148 
HIS H2   H  N N 149 
HIS HA   H  N N 150 
HIS HB2  H  N N 151 
HIS HB3  H  N N 152 
HIS HD1  H  N N 153 
HIS HD2  H  N N 154 
HIS HE1  H  N N 155 
HIS HE2  H  N N 156 
HIS HXT  H  N N 157 
ILE N    N  N N 158 
ILE CA   C  N S 159 
ILE C    C  N N 160 
ILE O    O  N N 161 
ILE CB   C  N S 162 
ILE CG1  C  N N 163 
ILE CG2  C  N N 164 
ILE CD1  C  N N 165 
ILE OXT  O  N N 166 
ILE H    H  N N 167 
ILE H2   H  N N 168 
ILE HA   H  N N 169 
ILE HB   H  N N 170 
ILE HG12 H  N N 171 
ILE HG13 H  N N 172 
ILE HG21 H  N N 173 
ILE HG22 H  N N 174 
ILE HG23 H  N N 175 
ILE HD11 H  N N 176 
ILE HD12 H  N N 177 
ILE HD13 H  N N 178 
ILE HXT  H  N N 179 
LEU N    N  N N 180 
LEU CA   C  N S 181 
LEU C    C  N N 182 
LEU O    O  N N 183 
LEU CB   C  N N 184 
LEU CG   C  N N 185 
LEU CD1  C  N N 186 
LEU CD2  C  N N 187 
LEU OXT  O  N N 188 
LEU H    H  N N 189 
LEU H2   H  N N 190 
LEU HA   H  N N 191 
LEU HB2  H  N N 192 
LEU HB3  H  N N 193 
LEU HG   H  N N 194 
LEU HD11 H  N N 195 
LEU HD12 H  N N 196 
LEU HD13 H  N N 197 
LEU HD21 H  N N 198 
LEU HD22 H  N N 199 
LEU HD23 H  N N 200 
LEU HXT  H  N N 201 
LYS N    N  N N 202 
LYS CA   C  N S 203 
LYS C    C  N N 204 
LYS O    O  N N 205 
LYS CB   C  N N 206 
LYS CG   C  N N 207 
LYS CD   C  N N 208 
LYS CE   C  N N 209 
LYS NZ   N  N N 210 
LYS OXT  O  N N 211 
LYS H    H  N N 212 
LYS H2   H  N N 213 
LYS HA   H  N N 214 
LYS HB2  H  N N 215 
LYS HB3  H  N N 216 
LYS HG2  H  N N 217 
LYS HG3  H  N N 218 
LYS HD2  H  N N 219 
LYS HD3  H  N N 220 
LYS HE2  H  N N 221 
LYS HE3  H  N N 222 
LYS HZ1  H  N N 223 
LYS HZ2  H  N N 224 
LYS HZ3  H  N N 225 
LYS HXT  H  N N 226 
MET N    N  N N 227 
MET CA   C  N S 228 
MET C    C  N N 229 
MET O    O  N N 230 
MET CB   C  N N 231 
MET CG   C  N N 232 
MET SD   S  N N 233 
MET CE   C  N N 234 
MET OXT  O  N N 235 
MET H    H  N N 236 
MET H2   H  N N 237 
MET HA   H  N N 238 
MET HB2  H  N N 239 
MET HB3  H  N N 240 
MET HG2  H  N N 241 
MET HG3  H  N N 242 
MET HE1  H  N N 243 
MET HE2  H  N N 244 
MET HE3  H  N N 245 
MET HXT  H  N N 246 
PHE N    N  N N 247 
PHE CA   C  N S 248 
PHE C    C  N N 249 
PHE O    O  N N 250 
PHE CB   C  N N 251 
PHE CG   C  Y N 252 
PHE CD1  C  Y N 253 
PHE CD2  C  Y N 254 
PHE CE1  C  Y N 255 
PHE CE2  C  Y N 256 
PHE CZ   C  Y N 257 
PHE OXT  O  N N 258 
PHE H    H  N N 259 
PHE H2   H  N N 260 
PHE HA   H  N N 261 
PHE HB2  H  N N 262 
PHE HB3  H  N N 263 
PHE HD1  H  N N 264 
PHE HD2  H  N N 265 
PHE HE1  H  N N 266 
PHE HE2  H  N N 267 
PHE HZ   H  N N 268 
PHE HXT  H  N N 269 
PRO N    N  N N 270 
PRO CA   C  N S 271 
PRO C    C  N N 272 
PRO O    O  N N 273 
PRO CB   C  N N 274 
PRO CG   C  N N 275 
PRO CD   C  N N 276 
PRO OXT  O  N N 277 
PRO H    H  N N 278 
PRO HA   H  N N 279 
PRO HB2  H  N N 280 
PRO HB3  H  N N 281 
PRO HG2  H  N N 282 
PRO HG3  H  N N 283 
PRO HD2  H  N N 284 
PRO HD3  H  N N 285 
PRO HXT  H  N N 286 
SER N    N  N N 287 
SER CA   C  N S 288 
SER C    C  N N 289 
SER O    O  N N 290 
SER CB   C  N N 291 
SER OG   O  N N 292 
SER OXT  O  N N 293 
SER H    H  N N 294 
SER H2   H  N N 295 
SER HA   H  N N 296 
SER HB2  H  N N 297 
SER HB3  H  N N 298 
SER HG   H  N N 299 
SER HXT  H  N N 300 
THR N    N  N N 301 
THR CA   C  N S 302 
THR C    C  N N 303 
THR O    O  N N 304 
THR CB   C  N R 305 
THR OG1  O  N N 306 
THR CG2  C  N N 307 
THR OXT  O  N N 308 
THR H    H  N N 309 
THR H2   H  N N 310 
THR HA   H  N N 311 
THR HB   H  N N 312 
THR HG1  H  N N 313 
THR HG21 H  N N 314 
THR HG22 H  N N 315 
THR HG23 H  N N 316 
THR HXT  H  N N 317 
TRP N    N  N N 318 
TRP CA   C  N S 319 
TRP C    C  N N 320 
TRP O    O  N N 321 
TRP CB   C  N N 322 
TRP CG   C  Y N 323 
TRP CD1  C  Y N 324 
TRP CD2  C  Y N 325 
TRP NE1  N  Y N 326 
TRP CE2  C  Y N 327 
TRP CE3  C  Y N 328 
TRP CZ2  C  Y N 329 
TRP CZ3  C  Y N 330 
TRP CH2  C  Y N 331 
TRP OXT  O  N N 332 
TRP H    H  N N 333 
TRP H2   H  N N 334 
TRP HA   H  N N 335 
TRP HB2  H  N N 336 
TRP HB3  H  N N 337 
TRP HD1  H  N N 338 
TRP HE1  H  N N 339 
TRP HE3  H  N N 340 
TRP HZ2  H  N N 341 
TRP HZ3  H  N N 342 
TRP HH2  H  N N 343 
TRP HXT  H  N N 344 
TYR N    N  N N 345 
TYR CA   C  N S 346 
TYR C    C  N N 347 
TYR O    O  N N 348 
TYR CB   C  N N 349 
TYR CG   C  Y N 350 
TYR CD1  C  Y N 351 
TYR CD2  C  Y N 352 
TYR CE1  C  Y N 353 
TYR CE2  C  Y N 354 
TYR CZ   C  Y N 355 
TYR OH   O  N N 356 
TYR OXT  O  N N 357 
TYR H    H  N N 358 
TYR H2   H  N N 359 
TYR HA   H  N N 360 
TYR HB2  H  N N 361 
TYR HB3  H  N N 362 
TYR HD1  H  N N 363 
TYR HD2  H  N N 364 
TYR HE1  H  N N 365 
TYR HE2  H  N N 366 
TYR HH   H  N N 367 
TYR HXT  H  N N 368 
VAL N    N  N N 369 
VAL CA   C  N S 370 
VAL C    C  N N 371 
VAL O    O  N N 372 
VAL CB   C  N N 373 
VAL CG1  C  N N 374 
VAL CG2  C  N N 375 
VAL OXT  O  N N 376 
VAL H    H  N N 377 
VAL H2   H  N N 378 
VAL HA   H  N N 379 
VAL HB   H  N N 380 
VAL HG11 H  N N 381 
VAL HG12 H  N N 382 
VAL HG13 H  N N 383 
VAL HG21 H  N N 384 
VAL HG22 H  N N 385 
VAL HG23 H  N N 386 
VAL HXT  H  N N 387 
ZN  ZN   ZN N N 388 
# 
loop_
_chem_comp_bond.comp_id 
_chem_comp_bond.atom_id_1 
_chem_comp_bond.atom_id_2 
_chem_comp_bond.value_order 
_chem_comp_bond.pdbx_aromatic_flag 
_chem_comp_bond.pdbx_stereo_config 
_chem_comp_bond.pdbx_ordinal 
ALA N   CA   sing N N 1   
ALA N   H    sing N N 2   
ALA N   H2   sing N N 3   
ALA CA  C    sing N N 4   
ALA CA  CB   sing N N 5   
ALA CA  HA   sing N N 6   
ALA C   O    doub N N 7   
ALA C   OXT  sing N N 8   
ALA CB  HB1  sing N N 9   
ALA CB  HB2  sing N N 10  
ALA CB  HB3  sing N N 11  
ALA OXT HXT  sing N N 12  
ARG N   CA   sing N N 13  
ARG N   H    sing N N 14  
ARG N   H2   sing N N 15  
ARG CA  C    sing N N 16  
ARG CA  CB   sing N N 17  
ARG CA  HA   sing N N 18  
ARG C   O    doub N N 19  
ARG C   OXT  sing N N 20  
ARG CB  CG   sing N N 21  
ARG CB  HB2  sing N N 22  
ARG CB  HB3  sing N N 23  
ARG CG  CD   sing N N 24  
ARG CG  HG2  sing N N 25  
ARG CG  HG3  sing N N 26  
ARG CD  NE   sing N N 27  
ARG CD  HD2  sing N N 28  
ARG CD  HD3  sing N N 29  
ARG NE  CZ   sing N N 30  
ARG NE  HE   sing N N 31  
ARG CZ  NH1  sing N N 32  
ARG CZ  NH2  doub N N 33  
ARG NH1 HH11 sing N N 34  
ARG NH1 HH12 sing N N 35  
ARG NH2 HH21 sing N N 36  
ARG NH2 HH22 sing N N 37  
ARG OXT HXT  sing N N 38  
ASN N   CA   sing N N 39  
ASN N   H    sing N N 40  
ASN N   H2   sing N N 41  
ASN CA  C    sing N N 42  
ASN CA  CB   sing N N 43  
ASN CA  HA   sing N N 44  
ASN C   O    doub N N 45  
ASN C   OXT  sing N N 46  
ASN CB  CG   sing N N 47  
ASN CB  HB2  sing N N 48  
ASN CB  HB3  sing N N 49  
ASN CG  OD1  doub N N 50  
ASN CG  ND2  sing N N 51  
ASN ND2 HD21 sing N N 52  
ASN ND2 HD22 sing N N 53  
ASN OXT HXT  sing N N 54  
ASP N   CA   sing N N 55  
ASP N   H    sing N N 56  
ASP N   H2   sing N N 57  
ASP CA  C    sing N N 58  
ASP CA  CB   sing N N 59  
ASP CA  HA   sing N N 60  
ASP C   O    doub N N 61  
ASP C   OXT  sing N N 62  
ASP CB  CG   sing N N 63  
ASP CB  HB2  sing N N 64  
ASP CB  HB3  sing N N 65  
ASP CG  OD1  doub N N 66  
ASP CG  OD2  sing N N 67  
ASP OD2 HD2  sing N N 68  
ASP OXT HXT  sing N N 69  
CYS N   CA   sing N N 70  
CYS N   H    sing N N 71  
CYS N   H2   sing N N 72  
CYS CA  C    sing N N 73  
CYS CA  CB   sing N N 74  
CYS CA  HA   sing N N 75  
CYS C   O    doub N N 76  
CYS C   OXT  sing N N 77  
CYS CB  SG   sing N N 78  
CYS CB  HB2  sing N N 79  
CYS CB  HB3  sing N N 80  
CYS SG  HG   sing N N 81  
CYS OXT HXT  sing N N 82  
GLN N   CA   sing N N 83  
GLN N   H    sing N N 84  
GLN N   H2   sing N N 85  
GLN CA  C    sing N N 86  
GLN CA  CB   sing N N 87  
GLN CA  HA   sing N N 88  
GLN C   O    doub N N 89  
GLN C   OXT  sing N N 90  
GLN CB  CG   sing N N 91  
GLN CB  HB2  sing N N 92  
GLN CB  HB3  sing N N 93  
GLN CG  CD   sing N N 94  
GLN CG  HG2  sing N N 95  
GLN CG  HG3  sing N N 96  
GLN CD  OE1  doub N N 97  
GLN CD  NE2  sing N N 98  
GLN NE2 HE21 sing N N 99  
GLN NE2 HE22 sing N N 100 
GLN OXT HXT  sing N N 101 
GLU N   CA   sing N N 102 
GLU N   H    sing N N 103 
GLU N   H2   sing N N 104 
GLU CA  C    sing N N 105 
GLU CA  CB   sing N N 106 
GLU CA  HA   sing N N 107 
GLU C   O    doub N N 108 
GLU C   OXT  sing N N 109 
GLU CB  CG   sing N N 110 
GLU CB  HB2  sing N N 111 
GLU CB  HB3  sing N N 112 
GLU CG  CD   sing N N 113 
GLU CG  HG2  sing N N 114 
GLU CG  HG3  sing N N 115 
GLU CD  OE1  doub N N 116 
GLU CD  OE2  sing N N 117 
GLU OE2 HE2  sing N N 118 
GLU OXT HXT  sing N N 119 
GLY N   CA   sing N N 120 
GLY N   H    sing N N 121 
GLY N   H2   sing N N 122 
GLY CA  C    sing N N 123 
GLY CA  HA2  sing N N 124 
GLY CA  HA3  sing N N 125 
GLY C   O    doub N N 126 
GLY C   OXT  sing N N 127 
GLY OXT HXT  sing N N 128 
HIS N   CA   sing N N 129 
HIS N   H    sing N N 130 
HIS N   H2   sing N N 131 
HIS CA  C    sing N N 132 
HIS CA  CB   sing N N 133 
HIS CA  HA   sing N N 134 
HIS C   O    doub N N 135 
HIS C   OXT  sing N N 136 
HIS CB  CG   sing N N 137 
HIS CB  HB2  sing N N 138 
HIS CB  HB3  sing N N 139 
HIS CG  ND1  sing Y N 140 
HIS CG  CD2  doub Y N 141 
HIS ND1 CE1  doub Y N 142 
HIS ND1 HD1  sing N N 143 
HIS CD2 NE2  sing Y N 144 
HIS CD2 HD2  sing N N 145 
HIS CE1 NE2  sing Y N 146 
HIS CE1 HE1  sing N N 147 
HIS NE2 HE2  sing N N 148 
HIS OXT HXT  sing N N 149 
ILE N   CA   sing N N 150 
ILE N   H    sing N N 151 
ILE N   H2   sing N N 152 
ILE CA  C    sing N N 153 
ILE CA  CB   sing N N 154 
ILE CA  HA   sing N N 155 
ILE C   O    doub N N 156 
ILE C   OXT  sing N N 157 
ILE CB  CG1  sing N N 158 
ILE CB  CG2  sing N N 159 
ILE CB  HB   sing N N 160 
ILE CG1 CD1  sing N N 161 
ILE CG1 HG12 sing N N 162 
ILE CG1 HG13 sing N N 163 
ILE CG2 HG21 sing N N 164 
ILE CG2 HG22 sing N N 165 
ILE CG2 HG23 sing N N 166 
ILE CD1 HD11 sing N N 167 
ILE CD1 HD12 sing N N 168 
ILE CD1 HD13 sing N N 169 
ILE OXT HXT  sing N N 170 
LEU N   CA   sing N N 171 
LEU N   H    sing N N 172 
LEU N   H2   sing N N 173 
LEU CA  C    sing N N 174 
LEU CA  CB   sing N N 175 
LEU CA  HA   sing N N 176 
LEU C   O    doub N N 177 
LEU C   OXT  sing N N 178 
LEU CB  CG   sing N N 179 
LEU CB  HB2  sing N N 180 
LEU CB  HB3  sing N N 181 
LEU CG  CD1  sing N N 182 
LEU CG  CD2  sing N N 183 
LEU CG  HG   sing N N 184 
LEU CD1 HD11 sing N N 185 
LEU CD1 HD12 sing N N 186 
LEU CD1 HD13 sing N N 187 
LEU CD2 HD21 sing N N 188 
LEU CD2 HD22 sing N N 189 
LEU CD2 HD23 sing N N 190 
LEU OXT HXT  sing N N 191 
LYS N   CA   sing N N 192 
LYS N   H    sing N N 193 
LYS N   H2   sing N N 194 
LYS CA  C    sing N N 195 
LYS CA  CB   sing N N 196 
LYS CA  HA   sing N N 197 
LYS C   O    doub N N 198 
LYS C   OXT  sing N N 199 
LYS CB  CG   sing N N 200 
LYS CB  HB2  sing N N 201 
LYS CB  HB3  sing N N 202 
LYS CG  CD   sing N N 203 
LYS CG  HG2  sing N N 204 
LYS CG  HG3  sing N N 205 
LYS CD  CE   sing N N 206 
LYS CD  HD2  sing N N 207 
LYS CD  HD3  sing N N 208 
LYS CE  NZ   sing N N 209 
LYS CE  HE2  sing N N 210 
LYS CE  HE3  sing N N 211 
LYS NZ  HZ1  sing N N 212 
LYS NZ  HZ2  sing N N 213 
LYS NZ  HZ3  sing N N 214 
LYS OXT HXT  sing N N 215 
MET N   CA   sing N N 216 
MET N   H    sing N N 217 
MET N   H2   sing N N 218 
MET CA  C    sing N N 219 
MET CA  CB   sing N N 220 
MET CA  HA   sing N N 221 
MET C   O    doub N N 222 
MET C   OXT  sing N N 223 
MET CB  CG   sing N N 224 
MET CB  HB2  sing N N 225 
MET CB  HB3  sing N N 226 
MET CG  SD   sing N N 227 
MET CG  HG2  sing N N 228 
MET CG  HG3  sing N N 229 
MET SD  CE   sing N N 230 
MET CE  HE1  sing N N 231 
MET CE  HE2  sing N N 232 
MET CE  HE3  sing N N 233 
MET OXT HXT  sing N N 234 
PHE N   CA   sing N N 235 
PHE N   H    sing N N 236 
PHE N   H2   sing N N 237 
PHE CA  C    sing N N 238 
PHE CA  CB   sing N N 239 
PHE CA  HA   sing N N 240 
PHE C   O    doub N N 241 
PHE C   OXT  sing N N 242 
PHE CB  CG   sing N N 243 
PHE CB  HB2  sing N N 244 
PHE CB  HB3  sing N N 245 
PHE CG  CD1  doub Y N 246 
PHE CG  CD2  sing Y N 247 
PHE CD1 CE1  sing Y N 248 
PHE CD1 HD1  sing N N 249 
PHE CD2 CE2  doub Y N 250 
PHE CD2 HD2  sing N N 251 
PHE CE1 CZ   doub Y N 252 
PHE CE1 HE1  sing N N 253 
PHE CE2 CZ   sing Y N 254 
PHE CE2 HE2  sing N N 255 
PHE CZ  HZ   sing N N 256 
PHE OXT HXT  sing N N 257 
PRO N   CA   sing N N 258 
PRO N   CD   sing N N 259 
PRO N   H    sing N N 260 
PRO CA  C    sing N N 261 
PRO CA  CB   sing N N 262 
PRO CA  HA   sing N N 263 
PRO C   O    doub N N 264 
PRO C   OXT  sing N N 265 
PRO CB  CG   sing N N 266 
PRO CB  HB2  sing N N 267 
PRO CB  HB3  sing N N 268 
PRO CG  CD   sing N N 269 
PRO CG  HG2  sing N N 270 
PRO CG  HG3  sing N N 271 
PRO CD  HD2  sing N N 272 
PRO CD  HD3  sing N N 273 
PRO OXT HXT  sing N N 274 
SER N   CA   sing N N 275 
SER N   H    sing N N 276 
SER N   H2   sing N N 277 
SER CA  C    sing N N 278 
SER CA  CB   sing N N 279 
SER CA  HA   sing N N 280 
SER C   O    doub N N 281 
SER C   OXT  sing N N 282 
SER CB  OG   sing N N 283 
SER CB  HB2  sing N N 284 
SER CB  HB3  sing N N 285 
SER OG  HG   sing N N 286 
SER OXT HXT  sing N N 287 
THR N   CA   sing N N 288 
THR N   H    sing N N 289 
THR N   H2   sing N N 290 
THR CA  C    sing N N 291 
THR CA  CB   sing N N 292 
THR CA  HA   sing N N 293 
THR C   O    doub N N 294 
THR C   OXT  sing N N 295 
THR CB  OG1  sing N N 296 
THR CB  CG2  sing N N 297 
THR CB  HB   sing N N 298 
THR OG1 HG1  sing N N 299 
THR CG2 HG21 sing N N 300 
THR CG2 HG22 sing N N 301 
THR CG2 HG23 sing N N 302 
THR OXT HXT  sing N N 303 
TRP N   CA   sing N N 304 
TRP N   H    sing N N 305 
TRP N   H2   sing N N 306 
TRP CA  C    sing N N 307 
TRP CA  CB   sing N N 308 
TRP CA  HA   sing N N 309 
TRP C   O    doub N N 310 
TRP C   OXT  sing N N 311 
TRP CB  CG   sing N N 312 
TRP CB  HB2  sing N N 313 
TRP CB  HB3  sing N N 314 
TRP CG  CD1  doub Y N 315 
TRP CG  CD2  sing Y N 316 
TRP CD1 NE1  sing Y N 317 
TRP CD1 HD1  sing N N 318 
TRP CD2 CE2  doub Y N 319 
TRP CD2 CE3  sing Y N 320 
TRP NE1 CE2  sing Y N 321 
TRP NE1 HE1  sing N N 322 
TRP CE2 CZ2  sing Y N 323 
TRP CE3 CZ3  doub Y N 324 
TRP CE3 HE3  sing N N 325 
TRP CZ2 CH2  doub Y N 326 
TRP CZ2 HZ2  sing N N 327 
TRP CZ3 CH2  sing Y N 328 
TRP CZ3 HZ3  sing N N 329 
TRP CH2 HH2  sing N N 330 
TRP OXT HXT  sing N N 331 
TYR N   CA   sing N N 332 
TYR N   H    sing N N 333 
TYR N   H2   sing N N 334 
TYR CA  C    sing N N 335 
TYR CA  CB   sing N N 336 
TYR CA  HA   sing N N 337 
TYR C   O    doub N N 338 
TYR C   OXT  sing N N 339 
TYR CB  CG   sing N N 340 
TYR CB  HB2  sing N N 341 
TYR CB  HB3  sing N N 342 
TYR CG  CD1  doub Y N 343 
TYR CG  CD2  sing Y N 344 
TYR CD1 CE1  sing Y N 345 
TYR CD1 HD1  sing N N 346 
TYR CD2 CE2  doub Y N 347 
TYR CD2 HD2  sing N N 348 
TYR CE1 CZ   doub Y N 349 
TYR CE1 HE1  sing N N 350 
TYR CE2 CZ   sing Y N 351 
TYR CE2 HE2  sing N N 352 
TYR CZ  OH   sing N N 353 
TYR OH  HH   sing N N 354 
TYR OXT HXT  sing N N 355 
VAL N   CA   sing N N 356 
VAL N   H    sing N N 357 
VAL N   H2   sing N N 358 
VAL CA  C    sing N N 359 
VAL CA  CB   sing N N 360 
VAL CA  HA   sing N N 361 
VAL C   O    doub N N 362 
VAL C   OXT  sing N N 363 
VAL CB  CG1  sing N N 364 
VAL CB  CG2  sing N N 365 
VAL CB  HB   sing N N 366 
VAL CG1 HG11 sing N N 367 
VAL CG1 HG12 sing N N 368 
VAL CG1 HG13 sing N N 369 
VAL CG2 HG21 sing N N 370 
VAL CG2 HG22 sing N N 371 
VAL CG2 HG23 sing N N 372 
VAL OXT HXT  sing N N 373 
# 
_pdbx_audit_support.funding_organization   'Wellcome Trust' 
_pdbx_audit_support.country                'United Kingdom' 
_pdbx_audit_support.grant_number           207446/Z/17/Z 
_pdbx_audit_support.ordinal                1 
# 
_pdbx_initial_refinement_model.id               1 
_pdbx_initial_refinement_model.entity_id_list   ? 
_pdbx_initial_refinement_model.type             'experimental model' 
_pdbx_initial_refinement_model.source_name      PDB 
_pdbx_initial_refinement_model.accession_code   9F9U 
_pdbx_initial_refinement_model.details          'obtained by SAD on zinc ion' 
# 
_space_group.name_H-M_alt     'P 31 2 1' 
_space_group.name_Hall        
;P 31 2"
;
_space_group.IT_number        152 
_space_group.crystal_system   trigonal 
_space_group.id               1 
# 
_atom_sites.entry_id                    9FJL 
_atom_sites.Cartn_transf_matrix[1][1]   ? 
_atom_sites.Cartn_transf_matrix[1][2]   ? 
_atom_sites.Cartn_transf_matrix[1][3]   ? 
_atom_sites.Cartn_transf_matrix[2][1]   ? 
_atom_sites.Cartn_transf_matrix[2][2]   ? 
_atom_sites.Cartn_transf_matrix[2][3]   ? 
_atom_sites.Cartn_transf_matrix[3][1]   ? 
_atom_sites.Cartn_transf_matrix[3][2]   ? 
_atom_sites.Cartn_transf_matrix[3][3]   ? 
_atom_sites.Cartn_transf_vector[1]      ? 
_atom_sites.Cartn_transf_vector[2]      ? 
_atom_sites.Cartn_transf_vector[3]      ? 
_atom_sites.Cartn_transform_axes        ? 
_atom_sites.fract_transf_matrix[1][1]   0.00740093 
_atom_sites.fract_transf_matrix[1][2]   0.00340925 
_atom_sites.fract_transf_matrix[1][3]   -0.00531436 
_atom_sites.fract_transf_matrix[2][1]   0.00840915 
_atom_sites.fract_transf_matrix[2][2]   -0.00488197 
_atom_sites.fract_transf_matrix[2][3]   -0.00032556 
_atom_sites.fract_transf_matrix[3][1]   -0.00423441 
_atom_sites.fract_transf_matrix[3][2]   -0.00661740 
_atom_sites.fract_transf_matrix[3][3]   -0.01014214 
_atom_sites.fract_transf_vector[1]      0.390296 
_atom_sites.fract_transf_vector[2]      -0.179954 
_atom_sites.fract_transf_vector[3]      -0.285989 
_atom_sites.solution_primary            ? 
_atom_sites.solution_secondary          ? 
_atom_sites.solution_hydrogens          ? 
_atom_sites.special_details             ? 
# 
loop_
_atom_type.symbol 
_atom_type.scat_dispersion_real 
_atom_type.scat_dispersion_imag 
_atom_type.scat_Cromer_Mann_a1 
_atom_type.scat_Cromer_Mann_a2 
_atom_type.scat_Cromer_Mann_a3 
_atom_type.scat_Cromer_Mann_a4 
_atom_type.scat_Cromer_Mann_b1 
_atom_type.scat_Cromer_Mann_b2 
_atom_type.scat_Cromer_Mann_b3 
_atom_type.scat_Cromer_Mann_b4 
_atom_type.scat_Cromer_Mann_c 
_atom_type.scat_source 
_atom_type.scat_dispersion_source 
C  ? ? 5.96793  ? ? ? 14.89577 ? ? ? 0.0 
;1-Gaussian fit: Grosse-Kunstleve RW, Sauter NK, Adams PD: Newsletter of the IUCr Commission on Crystallographic Computing 2004, 3, 22-31.
;
? 
H  ? ? 0.99627  ? ? ? 14.84254 ? ? ? 0.0 
;1-Gaussian fit: Grosse-Kunstleve RW, Sauter NK, Adams PD: Newsletter of the IUCr Commission on Crystallographic Computing 2004, 3, 22-31.
;
? 
N  ? ? 6.96715  ? ? ? 11.43723 ? ? ? 0.0 
;1-Gaussian fit: Grosse-Kunstleve RW, Sauter NK, Adams PD: Newsletter of the IUCr Commission on Crystallographic Computing 2004, 3, 22-31.
;
? 
O  ? ? 7.96527  ? ? ? 9.05267  ? ? ? 0.0 
;1-Gaussian fit: Grosse-Kunstleve RW, Sauter NK, Adams PD: Newsletter of the IUCr Commission on Crystallographic Computing 2004, 3, 22-31.
;
? 
S  ? ? 15.91112 ? ? ? 10.84690 ? ? ? 0.0 
;1-Gaussian fit: Grosse-Kunstleve RW, Sauter NK, Adams PD: Newsletter of the IUCr Commission on Crystallographic Computing 2004, 3, 22-31.
;
? 
ZN ? ? 29.81721 ? ? ? 5.87945  ? ? ? 0.0 
;1-Gaussian fit: Grosse-Kunstleve RW, Sauter NK, Adams PD: Newsletter of the IUCr Commission on Crystallographic Computing 2004, 3, 22-31.
;
? 
# 
loop_
_atom_site.group_PDB 
_atom_site.id 
_atom_site.type_symbol 
_atom_site.label_atom_id 
_atom_site.label_alt_id 
_atom_site.label_comp_id 
_atom_site.label_asym_id 
_atom_site.label_entity_id 
_atom_site.label_seq_id 
_atom_site.pdbx_PDB_ins_code 
_atom_site.Cartn_x 
_atom_site.Cartn_y 
_atom_site.Cartn_z 
_atom_site.occupancy 
_atom_site.B_iso_or_equiv 
_atom_site.pdbx_formal_charge 
_atom_site.auth_seq_id 
_atom_site.auth_comp_id 
_atom_site.auth_asym_id 
_atom_site.auth_atom_id 
_atom_site.pdbx_PDB_model_num 
ATOM   1    N  N   . MET A 1 1   ? 4.13282   14.41623  -8.04915  1.000 96.59241  ? 1   MET A N   1 
ATOM   2    C  CA  . MET A 1 1   ? 4.54270   13.05871  -7.70976  1.000 98.64943  ? 1   MET A CA  1 
ATOM   3    C  C   . MET A 1 1   ? 4.72828   12.26685  -9.00041  1.000 95.23895  ? 1   MET A C   1 
ATOM   4    O  O   . MET A 1 1   ? 4.13729   12.60739  -10.03053 1.000 94.82346  ? 1   MET A O   1 
ATOM   5    C  CB  . MET A 1 1   ? 3.51146   12.37997  -6.78333  1.000 95.37029  ? 1   MET A CB  1 
ATOM   6    C  CG  . MET A 1 1   ? 3.62688   10.84917  -6.70288  1.000 92.76655  ? 1   MET A CG  1 
ATOM   7    S  SD  . MET A 1 1   ? 2.40879   9.96518   -5.70662  1.000 89.82517  ? 1   MET A SD  1 
ATOM   8    C  CE  . MET A 1 1   ? 1.86037   11.24899  -4.61612  1.000 94.41788  ? 1   MET A CE  1 
ATOM   9    N  N   . LYS A 1 2   ? 5.56236   11.23089  -8.96296  1.000 83.88756  ? 2   LYS A N   1 
ATOM   10   C  CA  . LYS A 1 2   ? 5.74558   10.38118  -10.12087 1.000 88.42730  ? 2   LYS A CA  1 
ATOM   11   C  C   . LYS A 1 2   ? 4.64744   9.32693   -10.08467 1.000 89.68381  ? 2   LYS A C   1 
ATOM   12   O  O   . LYS A 1 2   ? 4.45026   8.67478   -9.05963  1.000 94.65766  ? 2   LYS A O   1 
ATOM   13   C  CB  . LYS A 1 2   ? 7.12788   9.73068   -10.10268 1.000 91.55431  ? 2   LYS A CB  1 
ATOM   14   C  CG  . LYS A 1 2   ? 7.35685   8.71795   -11.23655 1.000 100.15046 ? 2   LYS A CG  1 
ATOM   15   C  CD  . LYS A 1 2   ? 7.09998   9.41251   -12.59907 1.000 104.75405 ? 2   LYS A CD  1 
ATOM   16   C  CE  . LYS A 1 2   ? 7.06600   8.46397   -13.80673 1.000 107.58831 ? 2   LYS A CE  1 
ATOM   17   N  NZ  . LYS A 1 2   ? 6.70801   9.17233   -15.08826 1.000 98.28371  ? 2   LYS A NZ  1 
ATOM   18   N  N   . ILE A 1 3   ? 3.91532   9.17620   -11.18160 1.000 86.43673  ? 3   ILE A N   1 
ATOM   19   C  CA  . ILE A 1 3   ? 2.80856   8.22668   -11.20243 1.000 79.91279  ? 3   ILE A CA  1 
ATOM   20   C  C   . ILE A 1 3   ? 2.83976   7.43867   -12.50802 1.000 82.04512  ? 3   ILE A C   1 
ATOM   21   O  O   . ILE A 1 3   ? 3.67215   7.73534   -13.37778 1.000 87.47652  ? 3   ILE A O   1 
ATOM   22   C  CB  . ILE A 1 3   ? 1.46116   8.93477   -11.01983 1.000 82.29251  ? 3   ILE A CB  1 
ATOM   23   C  CG1 . ILE A 1 3   ? 1.30495   10.05221  -12.04825 1.000 86.79339  ? 3   ILE A CG1 1 
ATOM   24   C  CG2 . ILE A 1 3   ? 1.33585   9.42995   -9.60781  1.000 81.16577  ? 3   ILE A CG2 1 
ATOM   25   C  CD1 . ILE A 1 3   ? -0.04532  10.72723  -12.01113 1.000 83.22269  ? 3   ILE A CD1 1 
ATOM   26   N  N   . PRO A 1 4   ? 2.00990   6.41386   -12.66239 1.000 79.12946  ? 4   PRO A N   1 
ATOM   27   C  CA  . PRO A 1 4   ? 2.01757   5.61217   -13.89615 1.000 81.77107  ? 4   PRO A CA  1 
ATOM   28   C  C   . PRO A 1 4   ? 1.08601   6.11238   -14.98423 1.000 88.38069  ? 4   PRO A C   1 
ATOM   29   O  O   . PRO A 1 4   ? 1.06319   5.51576   -16.06726 1.000 95.23458  ? 4   PRO A O   1 
ATOM   30   C  CB  . PRO A 1 4   ? 1.55319   4.23274   -13.41070 1.000 75.73258  ? 4   PRO A CB  1 
ATOM   31   C  CG  . PRO A 1 4   ? 0.81554   4.49789   -12.16188 1.000 73.39599  ? 4   PRO A CG  1 
ATOM   32   C  CD  . PRO A 1 4   ? 1.47140   5.64815   -11.52515 1.000 78.16648  ? 4   PRO A CD  1 
ATOM   33   N  N   . LEU A 1 5   ? 0.31723   7.16399   -14.73209 1.000 81.49016  ? 5   LEU A N   1 
ATOM   34   C  CA  . LEU A 1 5   ? -0.59854  7.70308   -15.72182 1.000 85.59683  ? 5   LEU A CA  1 
ATOM   35   C  C   . LEU A 1 5   ? -0.32618  9.19290   -15.90720 1.000 93.17566  ? 5   LEU A C   1 
ATOM   36   O  O   . LEU A 1 5   ? 0.36450   9.82575   -15.10271 1.000 91.60335  ? 5   LEU A O   1 
ATOM   37   C  CB  . LEU A 1 5   ? -2.06170  7.46955   -15.32074 1.000 81.74950  ? 5   LEU A CB  1 
ATOM   38   C  CG  . LEU A 1 5   ? -2.52791  6.02735   -15.14161 1.000 79.88516  ? 5   LEU A CG  1 
ATOM   39   C  CD1 . LEU A 1 5   ? -4.03220  5.98866   -14.90016 1.000 63.81982  ? 5   LEU A CD1 1 
ATOM   40   C  CD2 . LEU A 1 5   ? -2.14967  5.19363   -16.35779 1.000 85.50720  ? 5   LEU A CD2 1 
ATOM   41   N  N   . ASP A 1 6   ? -0.86458  9.73936   -17.00251 1.000 92.62764  ? 6   ASP A N   1 
ATOM   42   C  CA  . ASP A 1 6   ? -0.74082  11.15359  -17.31615 1.000 82.56477  ? 6   ASP A CA  1 
ATOM   43   C  C   . ASP A 1 6   ? -1.58445  11.99603  -16.37595 1.000 85.79935  ? 6   ASP A C   1 
ATOM   44   O  O   . ASP A 1 6   ? -2.73647  11.66779  -16.08574 1.000 85.72449  ? 6   ASP A O   1 
ATOM   45   C  CB  . ASP A 1 6   ? -1.16110  11.42150  -18.75896 1.000 88.25779  ? 6   ASP A CB  1 
ATOM   46   C  CG  . ASP A 1 6   ? -0.27075  10.72851  -19.76872 1.000 92.85885  ? 6   ASP A CG  1 
ATOM   47   O  OD1 . ASP A 1 6   ? 0.94306   11.03492  -19.76895 1.000 92.80607  ? 6   ASP A OD1 1 
ATOM   48   O  OD2 . ASP A 1 6   ? -0.77765  9.90828   -20.57129 1.000 93.92566  ? 6   ASP A OD2 1 
ATOM   49   N  N   . TYR A 1 7   ? -1.00416  13.09747  -15.90416 1.000 84.52500  ? 7   TYR A N   1 
ATOM   50   C  CA  . TYR A 1 7   ? -1.75668  13.98350  -15.03055 1.000 79.51513  ? 7   TYR A CA  1 
ATOM   51   C  C   . TYR A 1 7   ? -3.04173  14.44639  -15.69268 1.000 80.85635  ? 7   TYR A C   1 
ATOM   52   O  O   . TYR A 1 7   ? -4.09984  14.49853  -15.05255 1.000 81.55486  ? 7   TYR A O   1 
ATOM   53   C  CB  . TYR A 1 7   ? -0.93247  15.19905  -14.66416 1.000 79.64240  ? 7   TYR A CB  1 
ATOM   54   C  CG  . TYR A 1 7   ? -0.24138  15.12500  -13.33786 1.000 86.74030  ? 7   TYR A CG  1 
ATOM   55   C  CD1 . TYR A 1 7   ? 0.70717   14.14770  -13.08143 1.000 89.06052  ? 7   TYR A CD1 1 
ATOM   56   C  CD2 . TYR A 1 7   ? -0.55743  16.02723  -12.32525 1.000 87.22696  ? 7   TYR A CD2 1 
ATOM   57   C  CE1 . TYR A 1 7   ? 1.35103   14.09044  -11.85811 1.000 92.01594  ? 7   TYR A CE1 1 
ATOM   58   C  CE2 . TYR A 1 7   ? 0.06534   15.97589  -11.10492 1.000 87.78339  ? 7   TYR A CE2 1 
ATOM   59   C  CZ  . TYR A 1 7   ? 1.02202   15.00599  -10.87190 1.000 94.97518  ? 7   TYR A CZ  1 
ATOM   60   O  OH  . TYR A 1 7   ? 1.66519   14.94036  -9.65320  1.000 95.41285  ? 7   TYR A OH  1 
ATOM   61   N  N   . ILE A 1 8   ? -2.96425  14.82527  -16.96776 1.000 80.69573  ? 8   ILE A N   1 
ATOM   62   C  CA  . ILE A 1 8   ? -4.15219  15.33931  -17.63402 1.000 80.73496  ? 8   ILE A CA  1 
ATOM   63   C  C   . ILE A 1 8   ? -5.21664  14.27185  -17.64161 1.000 87.16492  ? 8   ILE A C   1 
ATOM   64   O  O   . ILE A 1 8   ? -6.30686  14.47095  -17.11153 1.000 89.16997  ? 8   ILE A O   1 
ATOM   65   C  CB  . ILE A 1 8   ? -3.83937  15.82293  -19.06005 1.000 80.09504  ? 8   ILE A CB  1 
ATOM   66   C  CG1 . ILE A 1 8   ? -5.13588  16.07499  -19.82008 1.000 83.17325  ? 8   ILE A CG1 1 
ATOM   67   C  CG2 . ILE A 1 8   ? -3.01237  14.80049  -19.79296 1.000 82.20916  ? 8   ILE A CG2 1 
ATOM   68   C  CD1 . ILE A 1 8   ? -5.93648  17.21022  -19.22788 1.000 85.14502  ? 8   ILE A CD1 1 
ATOM   69   N  N   . CYS A 1 9   ? -4.88342  13.10400  -18.19001 1.000 88.43058  ? 9   CYS A N   1 
ATOM   70   C  CA  . CYS A 1 9   ? -5.78207  11.96176  -18.18452 1.000 81.81291  ? 9   CYS A CA  1 
ATOM   71   C  C   . CYS A 1 9   ? -6.40459  11.74816  -16.80852 1.000 88.12532  ? 9   CYS A C   1 
ATOM   72   O  O   . CYS A 1 9   ? -7.63172  11.67637  -16.68292 1.000 90.87835  ? 9   CYS A O   1 
ATOM   73   C  CB  . CYS A 1 9   ? -5.01102  10.72500  -18.61272 1.000 80.80372  ? 9   CYS A CB  1 
ATOM   74   S  SG  . CYS A 1 9   ? -4.39265  10.74041  -20.28505 1.000 83.71630  ? 9   CYS A SG  1 
ATOM   75   N  N   . VAL A 1 10  ? -5.57889  11.67373  -15.75463 1.000 84.81898  ? 10  VAL A N   1 
ATOM   76   C  CA  . VAL A 1 10  ? -6.10705  11.33228  -14.43092 1.000 83.88141  ? 10  VAL A CA  1 
ATOM   77   C  C   . VAL A 1 10  ? -7.06745  12.41091  -13.95615 1.000 90.88238  ? 10  VAL A C   1 
ATOM   78   O  O   . VAL A 1 10  ? -8.16560  12.13483  -13.45345 1.000 93.08979  ? 10  VAL A O   1 
ATOM   79   C  CB  . VAL A 1 10  ? -4.97090  11.13588  -13.40791 1.000 84.89305  ? 10  VAL A CB  1 
ATOM   80   C  CG1 . VAL A 1 10  ? -5.53931  11.12526  -11.98949 1.000 86.47741  ? 10  VAL A CG1 1 
ATOM   81   C  CG2 . VAL A 1 10  ? -4.16980  9.87650   -13.68055 1.000 88.16911  ? 10  VAL A CG2 1 
ATOM   82   N  N   . LYS A 1 11  ? -6.66070  13.66065  -14.11042 1.000 92.37572  ? 11  LYS A N   1 
ATOM   83   C  CA  . LYS A 1 11  ? -7.46198  14.75467  -13.60152 1.000 91.19730  ? 11  LYS A CA  1 
ATOM   84   C  C   . LYS A 1 11  ? -8.63134  15.04081  -14.53742 1.000 93.93360  ? 11  LYS A C   1 
ATOM   85   O  O   . LYS A 1 11  ? -9.74043  15.31332  -14.07627 1.000 95.30434  ? 11  LYS A O   1 
ATOM   86   C  CB  . LYS A 1 11  ? -6.52320  15.93951  -13.36107 1.000 91.01034  ? 11  LYS A CB  1 
ATOM   87   C  CG  . LYS A 1 11  ? -7.11798  17.17044  -12.74289 1.000 109.17027 ? 11  LYS A CG  1 
ATOM   88   C  CD  . LYS A 1 11  ? -5.98787  17.99763  -12.12888 1.000 105.13372 ? 11  LYS A CD  1 
ATOM   89   C  CE  . LYS A 1 11  ? -4.83424  18.21124  -13.07580 1.000 104.42372 ? 11  LYS A CE  1 
ATOM   90   N  NZ  . LYS A 1 11  ? -3.75265  18.95514  -12.37645 1.000 104.16372 ? 11  LYS A NZ  1 
ATOM   91   N  N   . SER A 1 12  ? -8.42141  14.87330  -15.84937 1.000 96.14349  ? 12  SER A N   1 
ATOM   92   C  CA  . SER A 1 12  ? -9.48135  15.01883  -16.84764 1.000 85.43709  ? 12  SER A CA  1 
ATOM   93   C  C   . SER A 1 12  ? -10.63859 14.05225  -16.64431 1.000 87.81660  ? 12  SER A C   1 
ATOM   94   O  O   . SER A 1 12  ? -11.79732 14.39745  -16.89256 1.000 84.78213  ? 12  SER A O   1 
ATOM   95   C  CB  . SER A 1 12  ? -8.90310  14.78695  -18.23864 1.000 82.99158  ? 12  SER A CB  1 
ATOM   96   O  OG  . SER A 1 12  ? -9.94773  14.79666  -19.19057 1.000 98.51833  ? 12  SER A OG  1 
ATOM   97   N  N   . GLY A 1 13  ? -10.34302 12.81781  -16.24992 1.000 94.80943  ? 13  GLY A N   1 
ATOM   98   C  CA  . GLY A 1 13  ? -11.28997 11.72913  -16.40216 1.000 94.11223  ? 13  GLY A CA  1 
ATOM   99   C  C   . GLY A 1 13  ? -11.28798 11.10635  -17.77787 1.000 91.61254  ? 13  GLY A C   1 
ATOM   100  O  O   . GLY A 1 13  ? -11.90689 10.04931  -17.97140 1.000 89.97010  ? 13  GLY A O   1 
ATOM   101  N  N   . LEU A 1 14  ? -10.58384 11.70866  -18.72647 1.000 86.88265  ? 14  LEU A N   1 
ATOM   102  C  CA  . LEU A 1 14  ? -10.57034 11.28383  -20.11825 1.000 89.18209  ? 14  LEU A CA  1 
ATOM   103  C  C   . LEU A 1 14  ? -9.18463  10.77170  -20.48911 1.000 91.74388  ? 14  LEU A C   1 
ATOM   104  O  O   . LEU A 1 14  ? -8.21390  11.54121  -20.54000 1.000 92.10936  ? 14  LEU A O   1 
ATOM   105  C  CB  . LEU A 1 14  ? -11.00911 12.43911  -21.00888 1.000 86.15534  ? 14  LEU A CB  1 
ATOM   106  C  CG  . LEU A 1 14  ? -12.42911 12.86198  -20.64954 1.000 84.61733  ? 14  LEU A CG  1 
ATOM   107  C  CD1 . LEU A 1 14  ? -12.92407 13.88383  -21.61747 1.000 87.18345  ? 14  LEU A CD1 1 
ATOM   108  C  CD2 . LEU A 1 14  ? -13.24874 11.61250  -20.82370 1.000 79.19393  ? 14  LEU A CD2 1 
ATOM   109  N  N   . LEU A 1 15  ? -9.10754  9.48412   -20.79615 1.000 86.14065  ? 15  LEU A N   1 
ATOM   110  C  CA  . LEU A 1 15  ? -7.82150  8.82764   -20.91110 1.000 86.07588  ? 15  LEU A CA  1 
ATOM   111  C  C   . LEU A 1 15  ? -7.31676  8.74943   -22.33999 1.000 88.25711  ? 15  LEU A C   1 
ATOM   112  O  O   . LEU A 1 15  ? -8.02775  8.29359   -23.24913 1.000 85.69897  ? 15  LEU A O   1 
ATOM   113  C  CB  . LEU A 1 15  ? -7.87577  7.42227   -20.32629 1.000 89.82697  ? 15  LEU A CB  1 
ATOM   114  C  CG  . LEU A 1 15  ? -7.67246  7.42334   -18.81913 1.000 82.81035  ? 15  LEU A CG  1 
ATOM   115  C  CD1 . LEU A 1 15  ? -8.93180  7.86996   -18.13596 1.000 89.07552  ? 15  LEU A CD1 1 
ATOM   116  C  CD2 . LEU A 1 15  ? -7.29323  6.03568   -18.41266 1.000 92.47664  ? 15  LEU A CD2 1 
ATOM   117  N  N   . CYS A 1 16  ? -6.05488  9.14740   -22.51714 1.000 86.94005  ? 16  CYS A N   1 
ATOM   118  C  CA  . CYS A 1 16  ? -5.39684  8.85884   -23.77246 1.000 87.14110  ? 16  CYS A CA  1 
ATOM   119  C  C   . CYS A 1 16  ? -5.32984  7.35616   -23.96258 1.000 89.13951  ? 16  CYS A C   1 
ATOM   120  O  O   . CYS A 1 16  ? -5.53827  6.57509   -23.02799 1.000 94.44370  ? 16  CYS A O   1 
ATOM   121  C  CB  . CYS A 1 16  ? -3.99449  9.44043   -23.81215 1.000 92.07667  ? 16  CYS A CB  1 
ATOM   122  S  SG  . CYS A 1 16  ? -2.75075  8.51246   -22.95113 1.000 96.09795  ? 16  CYS A SG  1 
ATOM   123  N  N   . ASN A 1 17  ? -5.00004  6.95489   -25.17772 1.000 87.71448  ? 17  ASN A N   1 
ATOM   124  C  CA  . ASN A 1 17  ? -5.04099  5.54921   -25.51813 1.000 87.66738  ? 17  ASN A CA  1 
ATOM   125  C  C   . ASN A 1 17  ? -4.03467  4.77560   -24.67054 1.000 91.76159  ? 17  ASN A C   1 
ATOM   126  O  O   . ASN A 1 17  ? -4.27236  3.62921   -24.25963 1.000 91.72836  ? 17  ASN A O   1 
ATOM   127  C  CB  . ASN A 1 17  ? -4.76407  5.41485   -27.00116 1.000 83.47359  ? 17  ASN A CB  1 
ATOM   128  C  CG  . ASN A 1 17  ? -4.72310  4.00302   -27.43315 1.000 92.85202  ? 17  ASN A CG  1 
ATOM   129  O  OD1 . ASN A 1 17  ? -5.70516  3.27828   -27.29867 1.000 94.50514  ? 17  ASN A OD1 1 
ATOM   130  N  ND2 . ASN A 1 17  ? -3.55579  3.56409   -27.90130 1.000 99.40496  ? 17  ASN A ND2 1 
ATOM   131  N  N   . ARG A 1 18  ? -2.91089  5.42945   -24.38272 1.000 90.27675  ? 18  ARG A N   1 
ATOM   132  C  CA  . ARG A 1 18  ? -1.83649  4.77659   -23.64586 1.000 84.83578  ? 18  ARG A CA  1 
ATOM   133  C  C   . ARG A 1 18  ? -2.26397  4.47743   -22.21018 1.000 88.85369  ? 18  ARG A C   1 
ATOM   134  O  O   . ARG A 1 18  ? -2.11715  3.34648   -21.72896 1.000 94.72544  ? 18  ARG A O   1 
ATOM   135  C  CB  . ARG A 1 18  ? -0.58901  5.66073   -23.71786 1.000 88.08353  ? 18  ARG A CB  1 
ATOM   136  C  CG  . ARG A 1 18  ? 0.55942   5.35083   -22.79794 1.000 93.76040  ? 18  ARG A CG  1 
ATOM   137  C  CD  . ARG A 1 18  ? 0.56480   6.35216   -21.64386 1.000 103.71952 ? 18  ARG A CD  1 
ATOM   138  N  NE  . ARG A 1 18  ? 1.67171   6.18410   -20.70263 1.000 111.90675 ? 18  ARG A NE  1 
ATOM   139  C  CZ  . ARG A 1 18  ? 1.84981   6.93704   -19.61965 1.000 113.44742 ? 18  ARG A CZ  1 
ATOM   140  N  NH1 . ARG A 1 18  ? 0.95357   7.83969   -19.24894 1.000 109.56936 ? 18  ARG A NH1 1 
ATOM   141  N  NH2 . ARG A 1 18  ? 2.95036   6.77870   -18.88536 1.000 118.64850 ? 18  ARG A NH2 1 
ATOM   142  N  N   . CYS A 1 19  ? -2.85301  5.46042   -21.52985 1.000 88.37589  ? 19  CYS A N   1 
ATOM   143  C  CA  . CYS A 1 19  ? -3.34047  5.24434   -20.16862 1.000 84.84169  ? 19  CYS A CA  1 
ATOM   144  C  C   . CYS A 1 19  ? -4.48414  4.24845   -20.15244 1.000 88.19261  ? 19  CYS A C   1 
ATOM   145  O  O   . CYS A 1 19  ? -4.50198  3.31394   -19.34510 1.000 90.90017  ? 19  CYS A O   1 
ATOM   146  C  CB  . CYS A 1 19  ? -3.83551  6.55303   -19.57710 1.000 82.83891  ? 19  CYS A CB  1 
ATOM   147  S  SG  . CYS A 1 19  ? -2.60058  7.81559   -19.37553 1.000 85.40712  ? 19  CYS A SG  1 
ATOM   148  N  N   . GLN A 1 20  ? -5.47461  4.47260   -21.01727 1.000 88.75422  ? 20  GLN A N   1 
ATOM   149  C  CA  . GLN A 1 20  ? -6.62389  3.58543   -21.11729 1.000 85.84662  ? 20  GLN A CA  1 
ATOM   150  C  C   . GLN A 1 20  ? -6.18527  2.13796   -21.27624 1.000 88.48476  ? 20  GLN A C   1 
ATOM   151  O  O   . GLN A 1 20  ? -6.73040  1.24566   -20.61818 1.000 86.30624  ? 20  GLN A O   1 
ATOM   152  C  CB  . GLN A 1 20  ? -7.49883  4.04279   -22.28669 1.000 87.99328  ? 20  GLN A CB  1 
ATOM   153  C  CG  . GLN A 1 20  ? -8.74740  3.21638   -22.59796 1.000 95.85510  ? 20  GLN A CG  1 
ATOM   154  C  CD  . GLN A 1 20  ? -9.85092  3.30839   -21.55726 1.000 103.23039 ? 20  GLN A CD  1 
ATOM   155  O  OE1 . GLN A 1 20  ? -9.68971  2.87850   -20.40988 1.000 102.52548 ? 20  GLN A OE1 1 
ATOM   156  N  NE2 . GLN A 1 20  ? -10.98957 3.88173   -21.95947 1.000 109.00087 ? 20  GLN A NE2 1 
ATOM   157  N  N   . SER A 1 21  ? -5.17588  1.88851   -22.12131 1.000 90.17911  ? 21  SER A N   1 
ATOM   158  C  CA  . SER A 1 21  ? -4.64838  0.53259   -22.25867 1.000 86.89397  ? 21  SER A CA  1 
ATOM   159  C  C   . SER A 1 21  ? -4.08869  0.02927   -20.94300 1.000 87.84605  ? 21  SER A C   1 
ATOM   160  O  O   . SER A 1 21  ? -4.37415  -1.09607  -20.53326 1.000 92.09280  ? 21  SER A O   1 
ATOM   161  C  CB  . SER A 1 21  ? -3.58089  0.46474   -23.34208 1.000 83.10717  ? 21  SER A CB  1 
ATOM   162  O  OG  . SER A 1 21  ? -4.15687  0.72213   -24.60214 1.000 87.36705  ? 21  SER A OG  1 
ATOM   163  N  N   . LEU A 1 22  ? -3.28549  0.84620   -20.26504 1.000 89.72096  ? 22  LEU A N   1 
ATOM   164  C  CA  . LEU A 1 22  ? -2.81020  0.45684   -18.94243 1.000 86.65724  ? 22  LEU A CA  1 
ATOM   165  C  C   . LEU A 1 22  ? -3.95253  0.00911   -18.04501 1.000 82.72520  ? 22  LEU A C   1 
ATOM   166  O  O   . LEU A 1 22  ? -3.82051  -0.97783  -17.32324 1.000 90.49640  ? 22  LEU A O   1 
ATOM   167  C  CB  . LEU A 1 22  ? -2.04514  1.60816   -18.29004 1.000 87.64667  ? 22  LEU A CB  1 
ATOM   168  C  CG  . LEU A 1 22  ? -0.75345  1.96709   -19.00207 1.000 85.30252  ? 22  LEU A CG  1 
ATOM   169  C  CD1 . LEU A 1 22  ? 0.16773   2.72767   -18.09021 1.000 91.71541  ? 22  LEU A CD1 1 
ATOM   170  C  CD2 . LEU A 1 22  ? -0.10088  0.67713   -19.40999 1.000 90.49008  ? 22  LEU A CD2 1 
ATOM   171  N  N   . VAL A 1 23  ? -5.07984  0.72331   -18.06004 1.000 87.33024  ? 23  VAL A N   1 
ATOM   172  C  CA  . VAL A 1 23  ? -6.19682  0.33440   -17.19600 1.000 88.65533  ? 23  VAL A CA  1 
ATOM   173  C  C   . VAL A 1 23  ? -6.81257  -0.96894  -17.68058 1.000 89.44303  ? 23  VAL A C   1 
ATOM   174  O  O   . VAL A 1 23  ? -7.15078  -1.84702  -16.88237 1.000 91.40079  ? 23  VAL A O   1 
ATOM   175  C  CB  . VAL A 1 23  ? -7.26005  1.44930   -17.10309 1.000 84.69390  ? 23  VAL A CB  1 
ATOM   176  C  CG1 . VAL A 1 23  ? -8.43038  0.97768   -16.26245 1.000 76.13870  ? 23  VAL A CG1 1 
ATOM   177  C  CG2 . VAL A 1 23  ? -6.67477  2.72143   -16.48187 1.000 80.52694  ? 23  VAL A CG2 1 
ATOM   178  N  N   . GLU A 1 24  ? -6.96799  -1.12044  -18.99303 1.000 94.42605  ? 24  GLU A N   1 
ATOM   179  C  CA  . GLU A 1 24  ? -7.49170  -2.37766  -19.51967 1.000 92.63776  ? 24  GLU A CA  1 
ATOM   180  C  C   . GLU A 1 24  ? -6.56763  -3.54745  -19.17770 1.000 89.80798  ? 24  GLU A C   1 
ATOM   181  O  O   . GLU A 1 24  ? -7.01271  -4.55533  -18.62161 1.000 87.82133  ? 24  GLU A O   1 
ATOM   182  C  CB  . GLU A 1 24  ? -7.69013  -2.24434  -21.02766 1.000 94.01054  ? 24  GLU A CB  1 
ATOM   183  C  CG  . GLU A 1 24  ? -8.77506  -1.22794  -21.41435 1.000 87.32381  ? 24  GLU A CG  1 
ATOM   184  C  CD  . GLU A 1 24  ? -8.69161  -0.84480  -22.86730 1.000 93.91712  ? 24  GLU A CD  1 
ATOM   185  O  OE1 . GLU A 1 24  ? -7.75587  -1.33981  -23.54372 1.000 102.41821 ? 24  GLU A OE1 1 
ATOM   186  O  OE2 . GLU A 1 24  ? -9.58186  -0.09800  -23.33058 1.000 94.93107  ? 24  GLU A OE2 1 
ATOM   187  N  N   . LYS A 1 25  ? -5.26979  -3.40845  -19.48355 1.000 96.42972  ? 25  LYS A N   1 
ATOM   188  C  CA  . LYS A 1 25  ? -4.22741  -4.36553  -19.08327 1.000 93.70289  ? 25  LYS A CA  1 
ATOM   189  C  C   . LYS A 1 25  ? -4.29498  -4.74013  -17.59858 1.000 95.28166  ? 25  LYS A C   1 
ATOM   190  O  O   . LYS A 1 25  ? -3.87626  -5.84127  -17.20972 1.000 95.27012  ? 25  LYS A O   1 
ATOM   191  C  CB  . LYS A 1 25  ? -2.85354  -3.76690  -19.40856 1.000 94.62478  ? 25  LYS A CB  1 
ATOM   192  C  CG  . LYS A 1 25  ? -1.61312  -4.64201  -19.17103 1.000 105.26532 ? 25  LYS A CG  1 
ATOM   193  C  CD  . LYS A 1 25  ? -1.59420  -5.97891  -19.91035 1.000 121.44230 ? 25  LYS A CD  1 
ATOM   194  C  CE  . LYS A 1 25  ? -0.31953  -6.80219  -19.58543 1.000 118.64944 ? 25  LYS A CE  1 
ATOM   195  N  NZ  . LYS A 1 25  ? -0.35427  -8.10537  -20.32053 1.000 121.81561 ? 25  LYS A NZ  1 
ATOM   196  N  N   . GLY A 1 26  ? -4.81044  -3.84182  -16.75466 1.000 93.20829  ? 26  GLY A N   1 
ATOM   197  C  CA  . GLY A 1 26  ? -4.85678  -4.07322  -15.32835 1.000 82.55281  ? 26  GLY A CA  1 
ATOM   198  C  C   . GLY A 1 26  ? -3.67466  -3.53359  -14.56489 1.000 88.40345  ? 26  GLY A C   1 
ATOM   199  O  O   . GLY A 1 26  ? -3.68861  -3.57536  -13.32922 1.000 92.40427  ? 26  GLY A O   1 
ATOM   200  N  N   . GLU A 1 27  ? -2.65906  -3.01991  -15.26276 1.000 87.99656  ? 27  GLU A N   1 
ATOM   201  C  CA  . GLU A 1 27  ? -1.50336  -2.45386  -14.58860 1.000 86.18288  ? 27  GLU A CA  1 
ATOM   202  C  C   . GLU A 1 27  ? -1.90481  -1.33436  -13.64647 1.000 87.38514  ? 27  GLU A C   1 
ATOM   203  O  O   . GLU A 1 27  ? -1.41130  -1.26017  -12.51220 1.000 90.73240  ? 27  GLU A O   1 
ATOM   204  C  CB  . GLU A 1 27  ? -0.49101  -1.95029  -15.60898 1.000 90.05695  ? 27  GLU A CB  1 
ATOM   205  C  CG  . GLU A 1 27  ? 0.11899   -3.02877  -16.48380 1.000 100.66258 ? 27  GLU A CG  1 
ATOM   206  C  CD  . GLU A 1 27  ? 1.29169   -2.54077  -17.32220 1.000 120.52043 ? 27  GLU A CD  1 
ATOM   207  O  OE1 . GLU A 1 27  ? 1.67504   -1.36060  -17.19961 1.000 127.45839 ? 27  GLU A OE1 1 
ATOM   208  O  OE2 . GLU A 1 27  ? 1.81812   -3.35182  -18.11312 1.000 125.62304 ? 27  GLU A OE2 1 
ATOM   209  N  N   . VAL A 1 28  ? -2.80092  -0.45497  -14.08058 1.000 84.70965  ? 28  VAL A N   1 
ATOM   210  C  CA  . VAL A 1 28  ? -3.37043  0.53466   -13.18078 1.000 83.05579  ? 28  VAL A CA  1 
ATOM   211  C  C   . VAL A 1 28  ? -4.82662  0.16676   -12.97602 1.000 84.91376  ? 28  VAL A C   1 
ATOM   212  O  O   . VAL A 1 28  ? -5.68992  0.50636   -13.80016 1.000 84.16478  ? 28  VAL A O   1 
ATOM   213  C  CB  . VAL A 1 28  ? -3.18515  1.96973   -13.69103 1.000 79.59007  ? 28  VAL A CB  1 
ATOM   214  C  CG1 . VAL A 1 28  ? -3.71388  2.95763   -12.67505 1.000 77.92568  ? 28  VAL A CG1 1 
ATOM   215  C  CG2 . VAL A 1 28  ? -1.72632  2.24903   -13.86773 1.000 81.02454  ? 28  VAL A CG2 1 
ATOM   216  N  N   . GLU A 1 29  ? -5.07555  -0.57908  -11.89532 1.000 88.99468  ? 29  GLU A N   1 
ATOM   217  C  CA  . GLU A 1 29  ? -6.41464  -0.99579  -11.53617 1.000 83.28338  ? 29  GLU A CA  1 
ATOM   218  C  C   . GLU A 1 29  ? -7.30849  0.21794   -11.40807 1.000 81.54892  ? 29  GLU A C   1 
ATOM   219  O  O   . GLU A 1 29  ? -6.86133  1.36511   -11.39791 1.000 86.99233  ? 29  GLU A O   1 
ATOM   220  C  CB  . GLU A 1 29  ? -6.41955  -1.76552  -10.22148 1.000 88.47804  ? 29  GLU A CB  1 
ATOM   221  C  CG  . GLU A 1 29  ? -5.59292  -3.05917  -10.24317 1.000 85.49550  ? 29  GLU A CG  1 
ATOM   222  C  CD  . GLU A 1 29  ? -5.69165  -3.81829  -8.93586  1.000 99.45332  ? 29  GLU A CD  1 
ATOM   223  O  OE1 . GLU A 1 29  ? -6.84648  -4.16229  -8.59093  1.000 94.47479  ? 29  GLU A OE1 1 
ATOM   224  O  OE2 . GLU A 1 29  ? -4.64254  -4.02152  -8.24994  1.000 103.65787 ? 29  GLU A OE2 1 
ATOM   225  N  N   . ASN A 1 30  ? -8.59585  -0.04018  -11.29527 1.000 84.88021  ? 30  ASN A N   1 
ATOM   226  C  CA  . ASN A 1 30  ? -9.52406  1.07280   -11.35402 1.000 89.50706  ? 30  ASN A CA  1 
ATOM   227  C  C   . ASN A 1 30  ? -9.46262  1.90334   -10.07836 1.000 87.32067  ? 30  ASN A C   1 
ATOM   228  O  O   . ASN A 1 30  ? -9.37516  3.14101   -10.12351 1.000 86.85585  ? 30  ASN A O   1 
ATOM   229  C  CB  . ASN A 1 30  ? -10.91565 0.53652   -11.65403 1.000 93.66010  ? 30  ASN A CB  1 
ATOM   230  C  CG  . ASN A 1 30  ? -11.85252 1.62657   -12.05728 1.000 103.13773 ? 30  ASN A CG  1 
ATOM   231  O  OD1 . ASN A 1 30  ? -12.16361 2.53091   -11.27240 1.000 113.65959 ? 30  ASN A OD1 1 
ATOM   232  N  ND2 . ASN A 1 30  ? -12.13696 1.67587   -13.34540 1.000 103.06111 ? 30  ASN A ND2 1 
ATOM   233  N  N   . PHE A 1 31  ? -9.43666  1.23221   -8.93245  1.000 81.33807  ? 31  PHE A N   1 
ATOM   234  C  CA  . PHE A 1 31  ? -9.21541  1.92974   -7.67428  1.000 79.92386  ? 31  PHE A CA  1 
ATOM   235  C  C   . PHE A 1 31  ? -7.85333  2.62757   -7.61863  1.000 84.18108  ? 31  PHE A C   1 
ATOM   236  O  O   . PHE A 1 31  ? -7.67755  3.60049   -6.87250  1.000 85.44527  ? 31  PHE A O   1 
ATOM   237  C  CB  . PHE A 1 31  ? -9.40329  0.96091   -6.50672  1.000 77.31240  ? 31  PHE A CB  1 
ATOM   238  C  CG  . PHE A 1 31  ? -8.13331  0.29740   -6.04721  1.000 85.37637  ? 31  PHE A CG  1 
ATOM   239  C  CD1 . PHE A 1 31  ? -7.60600  -0.79777  -6.72652  1.000 81.22497  ? 31  PHE A CD1 1 
ATOM   240  C  CD2 . PHE A 1 31  ? -7.41278  0.83094   -4.99026  1.000 93.76086  ? 31  PHE A CD2 1 
ATOM   241  C  CE1 . PHE A 1 31  ? -6.40757  -1.38844  -6.31316  1.000 85.84389  ? 31  PHE A CE1 1 
ATOM   242  C  CE2 . PHE A 1 31  ? -6.20988  0.27070   -4.57045  1.000 92.92709  ? 31  PHE A CE2 1 
ATOM   243  C  CZ  . PHE A 1 31  ? -5.69958  -0.84926  -5.23447  1.000 95.77235  ? 31  PHE A CZ  1 
ATOM   244  N  N   . GLU A 1 32  ? -6.87885  2.18388   -8.40833  1.000 82.72573  ? 32  GLU A N   1 
ATOM   245  C  CA  . GLU A 1 32  ? -5.62605  2.92784   -8.40029  1.000 83.23956  ? 32  GLU A CA  1 
ATOM   246  C  C   . GLU A 1 32  ? -5.80921  4.27204   -9.06557  1.000 83.49133  ? 32  GLU A C   1 
ATOM   247  O  O   . GLU A 1 32  ? -5.20563  5.26942   -8.65556  1.000 87.32892  ? 32  GLU A O   1 
ATOM   248  C  CB  . GLU A 1 32  ? -4.50653  2.16126   -9.08856  1.000 83.63274  ? 32  GLU A CB  1 
ATOM   249  C  CG  . GLU A 1 32  ? -4.06380  0.95790   -8.33832  1.000 79.72196  ? 32  GLU A CG  1 
ATOM   250  C  CD  . GLU A 1 32  ? -2.80843  0.34774   -8.90839  1.000 89.00385  ? 32  GLU A CD  1 
ATOM   251  O  OE1 . GLU A 1 32  ? -2.22432  0.86948   -9.87308  1.000 91.79079  ? 32  GLU A OE1 1 
ATOM   252  O  OE2 . GLU A 1 32  ? -2.39530  -0.68779  -8.38060  1.000 104.62451 ? 32  GLU A OE2 1 
ATOM   253  N  N   . VAL A 1 33  ? -6.65734  4.31811   -10.08389 1.000 83.06690  ? 33  VAL A N   1 
ATOM   254  C  CA  . VAL A 1 33  ? -6.89624  5.56617   -10.79311 1.000 85.76961  ? 33  VAL A CA  1 
ATOM   255  C  C   . VAL A 1 33  ? -7.54740  6.57877   -9.88042  1.000 88.78607  ? 33  VAL A C   1 
ATOM   256  O  O   . VAL A 1 33  ? -7.21959  7.76769   -9.92327  1.000 92.06237  ? 33  VAL A O   1 
ATOM   257  C  CB  . VAL A 1 33  ? -7.74885  5.32304   -12.04316 1.000 81.11028  ? 33  VAL A CB  1 
ATOM   258  C  CG1 . VAL A 1 33  ? -7.94022  6.62279   -12.74771 1.000 72.07130  ? 33  VAL A CG1 1 
ATOM   259  C  CG2 . VAL A 1 33  ? -7.07329  4.30963   -12.94279 1.000 76.97561  ? 33  VAL A CG2 1 
ATOM   260  N  N   . ASP A 1 34  ? -8.47337  6.12985   -9.03813  1.000 88.28414  ? 34  ASP A N   1 
ATOM   261  C  CA  . ASP A 1 34  ? -9.08809  7.05651   -8.10605  1.000 88.83223  ? 34  ASP A CA  1 
ATOM   262  C  C   . ASP A 1 34  ? -8.04402  7.61362   -7.14143  1.000 87.65952  ? 34  ASP A C   1 
ATOM   263  O  O   . ASP A 1 34  ? -8.00039  8.82340   -6.90192  1.000 91.42789  ? 34  ASP A O   1 
ATOM   264  C  CB  . ASP A 1 34  ? -10.21669 6.35869   -7.35873  1.000 91.62586  ? 34  ASP A CB  1 
ATOM   265  C  CG  . ASP A 1 34  ? -11.01573 7.30966   -6.48128  1.000 106.45861 ? 34  ASP A CG  1 
ATOM   266  O  OD1 . ASP A 1 34  ? -10.72512 8.53294   -6.47909  1.000 112.96000 ? 34  ASP A OD1 1 
ATOM   267  O  OD2 . ASP A 1 34  ? -11.94450 6.82968   -5.78455  1.000 106.61736 ? 34  ASP A OD2 1 
ATOM   268  N  N   . LEU A 1 35  ? -7.18326  6.75319   -6.58946  1.000 86.47308  ? 35  LEU A N   1 
ATOM   269  C  CA  . LEU A 1 35  ? -6.09283  7.23916   -5.74908  1.000 86.34607  ? 35  LEU A CA  1 
ATOM   270  C  C   . LEU A 1 35  ? -5.33032  8.33433   -6.44980  1.000 88.24470  ? 35  LEU A C   1 
ATOM   271  O  O   . LEU A 1 35  ? -5.12186  9.41738   -5.90132  1.000 94.07033  ? 35  LEU A O   1 
ATOM   272  C  CB  . LEU A 1 35  ? -5.12751  6.11856   -5.40754  1.000 83.69217  ? 35  LEU A CB  1 
ATOM   273  C  CG  . LEU A 1 35  ? -5.78943  5.10417   -4.51897  1.000 88.55308  ? 35  LEU A CG  1 
ATOM   274  C  CD1 . LEU A 1 35  ? -4.84605  3.93836   -4.32842  1.000 88.48958  ? 35  LEU A CD1 1 
ATOM   275  C  CD2 . LEU A 1 35  ? -6.12649  5.79069   -3.21956  1.000 80.68199  ? 35  LEU A CD2 1 
ATOM   276  N  N   . LEU A 1 36  ? -4.91220  8.05927   -7.68050  1.000 86.14864  ? 36  LEU A N   1 
ATOM   277  C  CA  . LEU A 1 36  ? -4.11257  9.02227   -8.41197  1.000 82.48323  ? 36  LEU A CA  1 
ATOM   278  C  C   . LEU A 1 36  ? -4.81566  10.37683  -8.51223  1.000 85.48964  ? 36  LEU A C   1 
ATOM   279  O  O   . LEU A 1 36  ? -4.17619  11.41412  -8.32925  1.000 87.58311  ? 36  LEU A O   1 
ATOM   280  C  CB  . LEU A 1 36  ? -3.76631  8.44304   -9.77845  1.000 83.44883  ? 36  LEU A CB  1 
ATOM   281  C  CG  . LEU A 1 36  ? -2.84845  7.21523   -9.69984  1.000 80.36510  ? 36  LEU A CG  1 
ATOM   282  C  CD1 . LEU A 1 36  ? -2.25458  6.90638   -11.05092 1.000 77.78481  ? 36  LEU A CD1 1 
ATOM   283  C  CD2 . LEU A 1 36  ? -1.73027  7.38780   -8.68989  1.000 81.41141  ? 36  LEU A CD2 1 
ATOM   284  N  N   . LYS A 1 37  ? -6.13280  10.39654  -8.76491  1.000 88.54388  ? 37  LYS A N   1 
ATOM   285  C  CA  . LYS A 1 37  ? -6.87993  11.65773  -8.68894  1.000 88.31266  ? 37  LYS A CA  1 
ATOM   286  C  C   . LYS A 1 37  ? -6.70291  12.31371  -7.32812  1.000 90.13713  ? 37  LYS A C   1 
ATOM   287  O  O   . LYS A 1 37  ? -6.29531  13.47391  -7.23006  1.000 92.25339  ? 37  LYS A O   1 
ATOM   288  C  CB  . LYS A 1 37  ? -8.37911  11.45950  -8.96539  1.000 90.04451  ? 37  LYS A CB  1 
ATOM   289  C  CG  . LYS A 1 37  ? -8.73556  10.69548  -10.22776 1.000 102.20950 ? 37  LYS A CG  1 
ATOM   290  C  CD  . LYS A 1 37  ? -10.23751 10.30297  -10.30271 1.000 109.00322 ? 37  LYS A CD  1 
ATOM   291  C  CE  . LYS A 1 37  ? -10.52143 9.42428   -11.55360 1.000 106.05143 ? 37  LYS A CE  1 
ATOM   292  N  NZ  . LYS A 1 37  ? -11.92762 8.94221   -11.68629 1.000 108.60396 ? 37  LYS A NZ  1 
ATOM   293  N  N   . GLN A 1 38  ? -7.01209  11.58125  -6.26056  1.000 90.76376  ? 38  GLN A N   1 
ATOM   294  C  CA  . GLN A 1 38  ? -6.98928  12.18938  -4.93606  1.000 96.70501  ? 38  GLN A CA  1 
ATOM   295  C  C   . GLN A 1 38  ? -5.57384  12.52564  -4.50916  1.000 93.97566  ? 38  GLN A C   1 
ATOM   296  O  O   . GLN A 1 38  ? -5.35775  13.51301  -3.80822  1.000 99.59412  ? 38  GLN A O   1 
ATOM   297  C  CB  . GLN A 1 38  ? -7.66745  11.25765  -3.93725  1.000 97.57388  ? 38  GLN A CB  1 
ATOM   298  C  CG  . GLN A 1 38  ? -8.98412  10.79576  -4.50421  1.000 96.49616  ? 38  GLN A CG  1 
ATOM   299  C  CD  . GLN A 1 38  ? -10.02349 11.89929  -4.50529  1.000 99.66575  ? 38  GLN A CD  1 
ATOM   300  O  OE1 . GLN A 1 38  ? -9.78434  13.00396  -4.00203  1.000 104.64804 ? 38  GLN A OE1 1 
ATOM   301  N  NE2 . GLN A 1 38  ? -11.15167 11.63764  -5.15230  1.000 104.64342 ? 38  GLN A NE2 1 
ATOM   302  N  N   . LEU A 1 39  ? -4.59985  11.74376  -4.94538  1.000 89.29085  ? 39  LEU A N   1 
ATOM   303  C  CA  . LEU A 1 39  ? -3.21486  12.09071  -4.68009  1.000 87.29855  ? 39  LEU A CA  1 
ATOM   304  C  C   . LEU A 1 39  ? -2.82644  13.39843  -5.36434  1.000 94.81650  ? 39  LEU A C   1 
ATOM   305  O  O   . LEU A 1 39  ? -2.33382  14.31506  -4.69770  1.000 98.41868  ? 39  LEU A O   1 
ATOM   306  C  CB  . LEU A 1 39  ? -2.30901  10.93823  -5.10340  1.000 91.12456  ? 39  LEU A CB  1 
ATOM   307  C  CG  . LEU A 1 39  ? -2.24114  9.73897   -4.16234  1.000 84.41852  ? 39  LEU A CG  1 
ATOM   308  C  CD1 . LEU A 1 39  ? -1.31571  8.71792   -4.73046  1.000 88.38313  ? 39  LEU A CD1 1 
ATOM   309  C  CD2 . LEU A 1 39  ? -1.67295  10.21552  -2.83906  1.000 76.28938  ? 39  LEU A CD2 1 
ATOM   310  N  N   . ILE A 1 40  ? -3.04064  13.51822  -6.69099  1.000 100.10993 ? 40  ILE A N   1 
ATOM   311  C  CA  . ILE A 1 40  ? -2.64569  14.75638  -7.38381  1.000 97.29739  ? 40  ILE A CA  1 
ATOM   312  C  C   . ILE A 1 40  ? -3.43948  15.93659  -6.83809  1.000 94.33390  ? 40  ILE A C   1 
ATOM   313  O  O   . ILE A 1 40  ? -2.88216  17.01118  -6.61033  1.000 96.96369  ? 40  ILE A O   1 
ATOM   314  C  CB  . ILE A 1 40  ? -2.77284  14.66472  -8.92845  1.000 87.08253  ? 40  ILE A CB  1 
ATOM   315  C  CG1 . ILE A 1 40  ? -4.21198  14.46680  -9.37422  1.000 97.28714  ? 40  ILE A CG1 1 
ATOM   316  C  CG2 . ILE A 1 40  ? -1.94866  13.53744  -9.52302  1.000 83.84820  ? 40  ILE A CG2 1 
ATOM   317  C  CD1 . ILE A 1 40  ? -4.87130  15.72540  -9.85922  1.000 105.58207 ? 40  ILE A CD1 1 
ATOM   318  N  N   . GLU A 1 41  ? -4.74301  15.75008  -6.59471  1.000 99.94382  ? 41  GLU A N   1 
ATOM   319  C  CA  . GLU A 1 41  ? -5.52208  16.78180  -5.91470  1.000 105.41773 ? 41  GLU A CA  1 
ATOM   320  C  C   . GLU A 1 41  ? -4.86695  17.16855  -4.60179  1.000 105.63636 ? 41  GLU A C   1 
ATOM   321  O  O   . GLU A 1 41  ? -4.70028  18.35640  -4.30163  1.000 108.46377 ? 41  GLU A O   1 
ATOM   322  C  CB  . GLU A 1 41  ? -6.95605  16.30464  -5.65351  1.000 104.66330 ? 41  GLU A CB  1 
ATOM   323  C  CG  . GLU A 1 41  ? -7.80482  17.28256  -4.82938  1.000 102.27867 ? 41  GLU A CG  1 
ATOM   324  C  CD  . GLU A 1 41  ? -8.16619  18.55841  -5.58028  1.000 114.33819 ? 41  GLU A CD  1 
ATOM   325  O  OE1 . GLU A 1 41  ? -7.24776  19.31741  -5.96419  1.000 116.21597 ? 41  GLU A OE1 1 
ATOM   326  O  OE2 . GLU A 1 41  ? -9.37651  18.83134  -5.73436  1.000 119.10932 ? 41  GLU A OE2 1 
ATOM   327  N  N   . LEU A 1 42  ? -4.45055  16.17633  -3.82335  1.000 101.27927 ? 42  LEU A N   1 
ATOM   328  C  CA  . LEU A 1 42  ? -3.95562  16.47352  -2.49357  1.000 100.47464 ? 42  LEU A CA  1 
ATOM   329  C  C   . LEU A 1 42  ? -2.55491  17.07569  -2.52781  1.000 100.86078 ? 42  LEU A C   1 
ATOM   330  O  O   . LEU A 1 42  ? -2.13129  17.65958  -1.53147  1.000 105.97834 ? 42  LEU A O   1 
ATOM   331  C  CB  . LEU A 1 42  ? -3.99482  15.20350  -1.63888  1.000 98.93022  ? 42  LEU A CB  1 
ATOM   332  C  CG  . LEU A 1 42  ? -5.20214  15.07227  -0.69164  1.000 102.73178 ? 42  LEU A CG  1 
ATOM   333  C  CD1 . LEU A 1 42  ? -5.07085  16.00541  0.49252   1.000 102.56784 ? 42  LEU A CD1 1 
ATOM   334  C  CD2 . LEU A 1 42  ? -6.57446  15.27939  -1.41956  1.000 105.46885 ? 42  LEU A CD2 1 
ATOM   335  N  N   . GLU A 1 43  ? -1.82494  16.97887  -3.64291  1.000 101.18103 ? 43  GLU A N   1 
ATOM   336  C  CA  . GLU A 1 43  ? -0.54131  17.67773  -3.65385  1.000 102.57018 ? 43  GLU A CA  1 
ATOM   337  C  C   . GLU A 1 43  ? -0.65558  19.08700  -4.19701  1.000 103.42228 ? 43  GLU A C   1 
ATOM   338  O  O   . GLU A 1 43  ? 0.04179   19.98227  -3.71348  1.000 110.33765 ? 43  GLU A O   1 
ATOM   339  C  CB  . GLU A 1 43  ? 0.54645   16.93488  -4.44456  1.000 98.72577  ? 43  GLU A CB  1 
ATOM   340  C  CG  . GLU A 1 43  ? 0.58702   17.14103  -5.95059  1.000 94.17806  ? 43  GLU A CG  1 
ATOM   341  C  CD  . GLU A 1 43  ? 1.94765   16.76842  -6.57071  1.000 97.84470  ? 43  GLU A CD  1 
ATOM   342  O  OE1 . GLU A 1 43  ? 2.49341   15.69124  -6.27317  1.000 98.98995  ? 43  GLU A OE1 1 
ATOM   343  O  OE2 . GLU A 1 43  ? 2.45816   17.51862  -7.42356  1.000 106.27950 ? 43  GLU A OE2 1 
ATOM   344  N  N   . GLU A 1 44  ? -1.50307  19.32103  -5.19616  1.000 103.18399 ? 44  GLU A N   1 
ATOM   345  C  CA  . GLU A 1 44  ? -1.71795  20.70277  -5.60630  1.000 109.45460 ? 44  GLU A CA  1 
ATOM   346  C  C   . GLU A 1 44  ? -2.29573  21.51722  -4.45041  1.000 111.30011 ? 44  GLU A C   1 
ATOM   347  O  O   . GLU A 1 44  ? -1.81466  22.61807  -4.15651  1.000 115.20792 ? 44  GLU A O   1 
ATOM   348  C  CB  . GLU A 1 44  ? -2.60851  20.77451  -6.85751  1.000 106.45604 ? 44  GLU A CB  1 
ATOM   349  C  CG  . GLU A 1 44  ? -2.41639  19.59859  -7.82911  1.000 110.68328 ? 44  GLU A CG  1 
ATOM   350  C  CD  . GLU A 1 44  ? -3.00322  19.80555  -9.23205  1.000 111.94573 ? 44  GLU A CD  1 
ATOM   351  O  OE1 . GLU A 1 44  ? -4.23612  19.62737  -9.39121  1.000 109.31397 ? 44  GLU A OE1 1 
ATOM   352  O  OE2 . GLU A 1 44  ? -2.22878  20.05106  -10.19033 1.000 105.76372 ? 44  GLU A OE2 1 
ATOM   353  N  N   . THR A 1 45  ? -3.26790  20.95943  -3.72694  1.000 106.75978 ? 45  THR A N   1 
ATOM   354  C  CA  . THR A 1 45  ? -3.90822  21.73011  -2.66641  1.000 107.48074 ? 45  THR A CA  1 
ATOM   355  C  C   . THR A 1 45  ? -3.04416  21.82113  -1.40887  1.000 110.03005 ? 45  THR A C   1 
ATOM   356  O  O   . THR A 1 45  ? -2.86825  22.91063  -0.85439  1.000 112.47831 ? 45  THR A O   1 
ATOM   357  C  CB  . THR A 1 45  ? -5.26587  21.12138  -2.31244  1.000 107.08506 ? 45  THR A CB  1 
ATOM   358  O  OG1 . THR A 1 45  ? -5.07769  19.79362  -1.80778  1.000 111.22665 ? 45  THR A OG1 1 
ATOM   359  C  CG2 . THR A 1 45  ? -6.15807  21.06955  -3.54038  1.000 105.58543 ? 45  THR A CG2 1 
ATOM   360  N  N   . GLN A 1 46  ? -2.48190  20.70281  -0.95298  1.000 112.10997 ? 46  GLN A N   1 
ATOM   361  C  CA  . GLN A 1 46  ? -2.10292  20.58936  0.45049   1.000 105.53067 ? 46  GLN A CA  1 
ATOM   362  C  C   . GLN A 1 46  ? -0.65810  20.18671  0.72971   1.000 105.29511 ? 46  GLN A C   1 
ATOM   363  O  O   . GLN A 1 46  ? -0.14094  20.48230  1.81061   1.000 106.04651 ? 46  GLN A O   1 
ATOM   364  C  CB  . GLN A 1 46  ? -3.00964  19.57357  1.12131   1.000 100.46971 ? 46  GLN A CB  1 
ATOM   365  C  CG  . GLN A 1 46  ? -2.95106  19.61704  2.60770   1.000 109.48979 ? 46  GLN A CG  1 
ATOM   366  C  CD  . GLN A 1 46  ? -4.13881  18.92403  3.22958   1.000 121.75170 ? 46  GLN A CD  1 
ATOM   367  O  OE1 . GLN A 1 46  ? -5.28681  19.28793  2.97914   1.000 121.29713 ? 46  GLN A OE1 1 
ATOM   368  N  NE2 . GLN A 1 46  ? -3.87105  17.91234  4.04751   1.000 123.92941 ? 46  GLN A NE2 1 
ATOM   369  N  N   . PHE A 1 47  ? -0.00490  19.47748  -0.19377  1.000 105.73998 ? 47  PHE A N   1 
ATOM   370  C  CA  . PHE A 1 47  ? 1.33250   18.92443  0.06521   1.000 108.68452 ? 47  PHE A CA  1 
ATOM   371  C  C   . PHE A 1 47  ? 2.22762   19.11923  -1.15192  1.000 109.96983 ? 47  PHE A C   1 
ATOM   372  O  O   . PHE A 1 47  ? 2.38717   18.19206  -1.95131  1.000 105.20787 ? 47  PHE A O   1 
ATOM   373  C  CB  . PHE A 1 47  ? 1.26674   17.45202  0.42937   1.000 103.55331 ? 47  PHE A CB  1 
ATOM   374  C  CG  . PHE A 1 47  ? 0.55044   17.17198  1.70367   1.000 104.40807 ? 47  PHE A CG  1 
ATOM   375  C  CD1 . PHE A 1 47  ? 1.20486   17.29860  2.91108   1.000 110.35899 ? 47  PHE A CD1 1 
ATOM   376  C  CD2 . PHE A 1 47  ? -0.76726  16.76440  1.69922   1.000 99.38159  ? 47  PHE A CD2 1 
ATOM   377  C  CE1 . PHE A 1 47  ? 0.55097   17.02583  4.09074   1.000 113.69374 ? 47  PHE A CE1 1 
ATOM   378  C  CE2 . PHE A 1 47  ? -1.42284  16.49111  2.87055   1.000 96.68538  ? 47  PHE A CE2 1 
ATOM   379  C  CZ  . PHE A 1 47  ? -0.76991  16.62175  4.06560   1.000 103.92273 ? 47  PHE A CZ  1 
ATOM   380  N  N   . ARG A 1 48  ? 2.85612   20.29649  -1.25616  1.000 109.27920 ? 48  ARG A N   1 
ATOM   381  C  CA  . ARG A 1 48  ? 3.85073   20.46864  -2.30626  1.000 111.95429 ? 48  ARG A CA  1 
ATOM   382  C  C   . ARG A 1 48  ? 4.92302   19.38589  -2.19589  1.000 114.97130 ? 48  ARG A C   1 
ATOM   383  O  O   . ARG A 1 48  ? 5.51116   18.99185  -3.20901  1.000 118.66114 ? 48  ARG A O   1 
ATOM   384  C  CB  . ARG A 1 48  ? 4.46900   21.88189  -2.25174  1.000 122.82555 ? 48  ARG A CB  1 
ATOM   385  C  CG  . ARG A 1 48  ? 5.73038   22.09024  -3.14859  1.000 133.81760 ? 48  ARG A CG  1 
ATOM   386  C  CD  . ARG A 1 48  ? 6.59608   23.33097  -2.81115  1.000 140.68499 ? 48  ARG A CD  1 
ATOM   387  N  NE  . ARG A 1 48  ? 7.86103   23.34398  -3.55148  1.000 151.25697 ? 48  ARG A NE  1 
ATOM   388  C  CZ  . ARG A 1 48  ? 9.07494   23.31155  -3.00989  1.000 156.34666 ? 48  ARG A CZ  1 
ATOM   389  N  NH1 . ARG A 1 48  ? 9.24903   23.28912  -1.69906  1.000 155.81666 ? 48  ARG A NH1 1 
ATOM   390  N  NH2 . ARG A 1 48  ? 10.14323  23.30835  -3.80616  1.000 152.49771 ? 48  ARG A NH2 1 
ATOM   391  N  N   . GLU A 1 49  ? 5.14888   18.85343  -0.98283  1.000 113.36927 ? 49  GLU A N   1 
ATOM   392  C  CA  . GLU A 1 49  ? 6.19342   17.84924  -0.77620  1.000 112.11491 ? 49  GLU A CA  1 
ATOM   393  C  C   . GLU A 1 49  ? 5.89365   16.55599  -1.51743  1.000 108.69066 ? 49  GLU A C   1 
ATOM   394  O  O   . GLU A 1 49  ? 6.81217   15.77750  -1.81033  1.000 105.71021 ? 49  GLU A O   1 
ATOM   395  C  CB  . GLU A 1 49  ? 6.38037   17.56894  0.72012   1.000 106.28582 ? 49  GLU A CB  1 
ATOM   396  C  CG  . GLU A 1 49  ? 5.12593   17.65952  1.57879   1.000 112.78576 ? 49  GLU A CG  1 
ATOM   397  C  CD  . GLU A 1 49  ? 4.92771   19.03464  2.20324   1.000 116.00418 ? 49  GLU A CD  1 
ATOM   398  O  OE1 . GLU A 1 49  ? 4.79456   20.01527  1.44578   1.000 118.51534 ? 49  GLU A OE1 1 
ATOM   399  O  OE2 . GLU A 1 49  ? 4.92455   19.14235  3.45116   1.000 121.97661 ? 49  GLU A OE2 1 
ATOM   400  N  N   . LEU A 1 50  ? 4.61859   16.31437  -1.83019  1.000 108.78185 ? 50  LEU A N   1 
ATOM   401  C  CA  . LEU A 1 50  ? 4.23310   15.06896  -2.48188  1.000 105.42697 ? 50  LEU A CA  1 
ATOM   402  C  C   . LEU A 1 50  ? 4.91136   14.91858  -3.83301  1.000 102.79454 ? 50  LEU A C   1 
ATOM   403  O  O   . LEU A 1 50  ? 5.17912   13.79537  -4.27592  1.000 103.70568 ? 50  LEU A O   1 
ATOM   404  C  CB  . LEU A 1 50  ? 2.71759   15.02285  -2.65045  1.000 95.12937  ? 50  LEU A CB  1 
ATOM   405  C  CG  . LEU A 1 50  ? 1.92116   14.26431  -1.60969  1.000 90.75472  ? 50  LEU A CG  1 
ATOM   406  C  CD1 . LEU A 1 50  ? 0.50049   14.07189  -2.07604  1.000 93.66853  ? 50  LEU A CD1 1 
ATOM   407  C  CD2 . LEU A 1 50  ? 2.58626   12.95382  -1.36274  1.000 98.33142  ? 50  LEU A CD2 1 
ATOM   408  N  N   . LYS A 1 51  ? 5.22226   16.03820  -4.48882  1.000 105.45581 ? 51  LYS A N   1 
ATOM   409  C  CA  . LYS A 1 51  ? 5.72117   16.00577  -5.85736  1.000 108.97382 ? 51  LYS A CA  1 
ATOM   410  C  C   . LYS A 1 51  ? 7.08947   15.35135  -5.94350  1.000 107.95259 ? 51  LYS A C   1 
ATOM   411  O  O   . LYS A 1 51  ? 7.57555   15.07896  -7.04727  1.000 109.72231 ? 51  LYS A O   1 
ATOM   412  C  CB  . LYS A 1 51  ? 5.74635   17.43120  -6.43748  1.000 109.30380 ? 51  LYS A CB  1 
ATOM   413  C  CG  . LYS A 1 51  ? 6.18450   17.53432  -7.90475  1.000 118.72948 ? 51  LYS A CG  1 
ATOM   414  C  CD  . LYS A 1 51  ? 6.21764   18.96998  -8.41333  1.000 123.08812 ? 51  LYS A CD  1 
ATOM   415  C  CE  . LYS A 1 51  ? 6.65793   19.01364  -9.87518  1.000 119.93507 ? 51  LYS A CE  1 
ATOM   416  N  NZ  . LYS A 1 51  ? 6.68569   20.41554  -10.37275 1.000 120.73131 ? 51  LYS A NZ  1 
ATOM   417  N  N   . ASP A 1 52  ? 7.70177   15.06414  -4.80425  1.000 109.58529 ? 52  ASP A N   1 
ATOM   418  C  CA  . ASP A 1 52  ? 8.98545   14.38972  -4.77271  1.000 110.20527 ? 52  ASP A CA  1 
ATOM   419  C  C   . ASP A 1 52  ? 8.81734   12.87758  -4.65816  1.000 109.99300 ? 52  ASP A C   1 
ATOM   420  O  O   . ASP A 1 52  ? 9.76641   12.13032  -4.91117  1.000 109.90835 ? 52  ASP A O   1 
ATOM   421  C  CB  . ASP A 1 52  ? 9.79473   14.95092  -3.59512  1.000 117.29401 ? 52  ASP A CB  1 
ATOM   422  C  CG  . ASP A 1 52  ? 11.28118  14.66320  -3.69148  1.000 126.63925 ? 52  ASP A CG  1 
ATOM   423  O  OD1 . ASP A 1 52  ? 11.72974  14.08377  -4.71118  1.000 123.37148 ? 52  ASP A OD1 1 
ATOM   424  O  OD2 . ASP A 1 52  ? 12.00570  15.05927  -2.73984  1.000 129.48858 ? 52  ASP A OD2 1 
ATOM   425  N  N   . SER A 1 53  ? 7.62043   12.40983  -4.32021  1.000 105.39475 ? 53  SER A N   1 
ATOM   426  C  CA  . SER A 1 53  ? 7.40145   10.99438  -4.09209  1.000 98.06416  ? 53  SER A CA  1 
ATOM   427  C  C   . SER A 1 53  ? 7.11467   10.25331  -5.39111  1.000 94.77991  ? 53  SER A C   1 
ATOM   428  O  O   . SER A 1 53  ? 7.00402   10.83238  -6.47062  1.000 99.28634  ? 53  SER A O   1 
ATOM   429  C  CB  . SER A 1 53  ? 6.25630   10.78415  -3.11259  1.000 96.73389  ? 53  SER A CB  1 
ATOM   430  O  OG  . SER A 1 53  ? 6.43256   11.61242  -1.98007  1.000 106.30916 ? 53  SER A OG  1 
ATOM   431  N  N   . THR A 1 54  ? 6.98357   8.93967   -5.26582  1.000 94.12935  ? 54  THR A N   1 
ATOM   432  C  CA  . THR A 1 54  ? 6.77111   8.06059   -6.40272  1.000 92.33246  ? 54  THR A CA  1 
ATOM   433  C  C   . THR A 1 54  ? 5.67081   7.06851   -6.04913  1.000 93.26170  ? 54  THR A C   1 
ATOM   434  O  O   . THR A 1 54  ? 5.74473   6.40832   -5.00644  1.000 94.91583  ? 54  THR A O   1 
ATOM   435  C  CB  . THR A 1 54  ? 8.06544   7.33019   -6.75594  1.000 91.12128  ? 54  THR A CB  1 
ATOM   436  O  OG1 . THR A 1 54  ? 9.05436   8.29731   -7.11642  1.000 89.02296  ? 54  THR A OG1 1 
ATOM   437  C  CG2 . THR A 1 54  ? 7.83828   6.40030   -7.92455  1.000 90.18657  ? 54  THR A CG2 1 
ATOM   438  N  N   . TYR A 1 55  ? 4.63286   7.00940   -6.88627  1.000 86.65803  ? 55  TYR A N   1 
ATOM   439  C  CA  . TYR A 1 55  ? 3.59358   5.99197   -6.78758  1.000 82.79164  ? 55  TYR A CA  1 
ATOM   440  C  C   . TYR A 1 55  ? 4.13270   4.63192   -7.23875  1.000 91.34549  ? 55  TYR A C   1 
ATOM   441  O  O   . TYR A 1 55  ? 4.96223   4.54807   -8.15167  1.000 101.17024 ? 55  TYR A O   1 
ATOM   442  C  CB  . TYR A 1 55  ? 2.43402   6.32716   -7.71132  1.000 86.54466  ? 55  TYR A CB  1 
ATOM   443  C  CG  . TYR A 1 55  ? 1.21288   5.44996   -7.53422  1.000 85.65225  ? 55  TYR A CG  1 
ATOM   444  C  CD1 . TYR A 1 55  ? 0.44647   5.49422   -6.38291  1.000 87.03092  ? 55  TYR A CD1 1 
ATOM   445  C  CD2 . TYR A 1 55  ? 0.98602   4.39843   -8.41508  1.000 84.84409  ? 55  TYR A CD2 1 
ATOM   446  C  CE1 . TYR A 1 55  ? -0.64271  4.65076   -6.22092  1.000 87.04547  ? 55  TYR A CE1 1 
ATOM   447  C  CE2 . TYR A 1 55  ? -0.06775  3.52357   -8.24786  1.000 84.58659  ? 55  TYR A CE2 1 
ATOM   448  C  CZ  . TYR A 1 55  ? -0.88337  3.64932   -7.14825  1.000 88.84368  ? 55  TYR A CZ  1 
ATOM   449  O  OH  . TYR A 1 55  ? -1.93671  2.76821   -6.98607  1.000 86.49432  ? 55  TYR A OH  1 
ATOM   450  N  N   . HIS A 1 56  ? 3.62715   3.55822   -6.61529  1.000 88.38324  ? 56  HIS A N   1 
ATOM   451  C  CA  . HIS A 1 56  ? 3.94765   2.17054   -6.95360  1.000 83.35605  ? 56  HIS A CA  1 
ATOM   452  C  C   . HIS A 1 56  ? 2.67798   1.33260   -6.93332  1.000 87.06393  ? 56  HIS A C   1 
ATOM   453  O  O   . HIS A 1 56  ? 1.71340   1.66868   -6.23446  1.000 89.09487  ? 56  HIS A O   1 
ATOM   454  C  CB  . HIS A 1 56  ? 4.91721   1.57384   -5.95005  1.000 78.68277  ? 56  HIS A CB  1 
ATOM   455  C  CG  . HIS A 1 56  ? 6.30487   2.09293   -6.06159  1.000 86.44829  ? 56  HIS A CG  1 
ATOM   456  N  ND1 . HIS A 1 56  ? 7.04662   1.94576   -7.20891  1.000 93.08286  ? 56  HIS A ND1 1 
ATOM   457  C  CD2 . HIS A 1 56  ? 7.05393   2.84221   -5.21324  1.000 90.46370  ? 56  HIS A CD2 1 
ATOM   458  C  CE1 . HIS A 1 56  ? 8.21774   2.53598   -7.04134  1.000 95.29385  ? 56  HIS A CE1 1 
ATOM   459  N  NE2 . HIS A 1 56  ? 8.24653   3.09284   -5.84289  1.000 87.87334  ? 56  HIS A NE2 1 
ATOM   460  N  N   . LYS A 1 57  ? 2.68687   0.23660   -7.70157  1.000 79.70426  ? 57  LYS A N   1 
ATOM   461  C  CA  . LYS A 1 57  ? 1.51676   -0.62932  -7.76030  1.000 76.90698  ? 57  LYS A CA  1 
ATOM   462  C  C   . LYS A 1 57  ? 0.91652   -0.77604  -6.38327  1.000 82.76056  ? 57  LYS A C   1 
ATOM   463  O  O   . LYS A 1 57  ? 1.62437   -1.08310  -5.41992  1.000 95.40367  ? 57  LYS A O   1 
ATOM   464  C  CB  . LYS A 1 57  ? 1.86247   -2.01827  -8.27269  1.000 79.62779  ? 57  LYS A CB  1 
ATOM   465  C  CG  . LYS A 1 57  ? 0.66162   -2.96048  -8.22033  1.000 76.90028  ? 57  LYS A CG  1 
ATOM   466  C  CD  . LYS A 1 57  ? -0.28754  -2.69979  -9.35775  1.000 81.33444  ? 57  LYS A CD  1 
ATOM   467  C  CE  . LYS A 1 57  ? -1.43387  -3.67208  -9.34718  1.000 82.88423  ? 57  LYS A CE  1 
ATOM   468  N  NZ  . LYS A 1 57  ? -2.39035  -3.33546  -10.41643 1.000 82.89761  ? 57  LYS A NZ  1 
ATOM   469  N  N   . SER A 1 58  ? -0.37756  -0.51618  -6.26997  1.000 81.97768  ? 58  SER A N   1 
ATOM   470  C  CA  . SER A 1 58  ? -1.00793  -0.60839  -4.97047  1.000 83.97512  ? 58  SER A CA  1 
ATOM   471  C  C   . SER A 1 58  ? -2.17564  -1.58138  -4.98682  1.000 86.15140  ? 58  SER A C   1 
ATOM   472  O  O   . SER A 1 58  ? -2.77537  -1.86392  -6.03101  1.000 90.58132  ? 58  SER A O   1 
ATOM   473  C  CB  . SER A 1 58  ? -1.38994  0.77712   -4.46859  1.000 85.76994  ? 58  SER A CB  1 
ATOM   474  O  OG  . SER A 1 58  ? -0.22357  1.57928   -4.36140  1.000 83.10113  ? 58  SER A OG  1 
ATOM   475  N  N   . TYR A 1 59  ? -2.42094  -2.13990  -3.81862  1.000 81.51533  ? 59  TYR A N   1 
ATOM   476  C  CA  . TYR A 1 59  ? -3.30610  -3.26382  -3.61635  1.000 85.26210  ? 59  TYR A CA  1 
ATOM   477  C  C   . TYR A 1 59  ? -4.47812  -2.77350  -2.79241  1.000 82.64229  ? 59  TYR A C   1 
ATOM   478  O  O   . TYR A 1 59  ? -4.34443  -1.79831  -2.04579  1.000 80.12735  ? 59  TYR A O   1 
ATOM   479  C  CB  . TYR A 1 59  ? -2.50037  -4.39678  -2.96385  1.000 78.90047  ? 59  TYR A CB  1 
ATOM   480  C  CG  . TYR A 1 59  ? -1.20817  -4.72564  -3.71354  1.000 80.83338  ? 59  TYR A CG  1 
ATOM   481  C  CD1 . TYR A 1 59  ? -1.27172  -5.38551  -4.92915  1.000 85.51852  ? 59  TYR A CD1 1 
ATOM   482  C  CD2 . TYR A 1 59  ? 0.01939   -4.14848  -3.36641  1.000 80.54345  ? 59  TYR A CD2 1 
ATOM   483  C  CE1 . TYR A 1 59  ? -0.12542  -5.67965  -5.67275  1.000 86.24205  ? 59  TYR A CE1 1 
ATOM   484  C  CE2 . TYR A 1 59  ? 1.17934   -4.39142  -4.13772  1.000 84.15560  ? 59  TYR A CE2 1 
ATOM   485  C  CZ  . TYR A 1 59  ? 1.09254   -5.16448  -5.28719  1.000 85.14030  ? 59  TYR A CZ  1 
ATOM   486  O  OH  . TYR A 1 59  ? 2.21756   -5.42499  -6.05208  1.000 94.30118  ? 59  TYR A OH  1 
ATOM   487  N  N   . LYS A 1 60  ? -5.63058  -3.38307  -3.01314  1.000 80.02226  ? 60  LYS A N   1 
ATOM   488  C  CA  . LYS A 1 60  ? -6.83365  -3.16937  -2.23432  1.000 79.76081  ? 60  LYS A CA  1 
ATOM   489  C  C   . LYS A 1 60  ? -7.35826  -4.51166  -1.79410  1.000 91.50962  ? 60  LYS A C   1 
ATOM   490  O  O   . LYS A 1 60  ? -7.46904  -5.43395  -2.61095  1.000 96.62489  ? 60  LYS A O   1 
ATOM   491  C  CB  . LYS A 1 60  ? -7.90489  -2.48688  -3.06213  1.000 88.63551  ? 60  LYS A CB  1 
ATOM   492  C  CG  . LYS A 1 60  ? -9.28306  -2.55971  -2.47077  1.000 87.43432  ? 60  LYS A CG  1 
ATOM   493  C  CD  . LYS A 1 60  ? -10.22541 -1.80680  -3.36420  1.000 88.03388  ? 60  LYS A CD  1 
ATOM   494  C  CE  . LYS A 1 60  ? -11.65276 -1.97146  -2.91055  1.000 100.75597 ? 60  LYS A CE  1 
ATOM   495  N  NZ  . LYS A 1 60  ? -11.85274 -1.68478  -1.46858  1.000 102.78817 ? 60  LYS A NZ  1 
ATOM   496  N  N   . VAL A 1 61  ? -7.68871  -4.61627  -0.51138  1.000 88.37156  ? 61  VAL A N   1 
ATOM   497  C  CA  . VAL A 1 61  ? -8.18670  -5.87281  0.02248   1.000 87.98493  ? 61  VAL A CA  1 
ATOM   498  C  C   . VAL A 1 61  ? -9.32489  -5.58708  0.98396   1.000 90.43677  ? 61  VAL A C   1 
ATOM   499  O  O   . VAL A 1 61  ? -9.12060  -5.03068  2.06888   1.000 90.58290  ? 61  VAL A O   1 
ATOM   500  C  CB  . VAL A 1 61  ? -7.06556  -6.68585  0.68457   1.000 87.05587  ? 61  VAL A CB  1 
ATOM   501  C  CG1 . VAL A 1 61  ? -6.32750  -5.85444  1.67320   1.000 91.59946  ? 61  VAL A CG1 1 
ATOM   502  C  CG2 . VAL A 1 61  ? -7.69552  -7.79140  1.48306   1.000 97.47191  ? 61  VAL A CG2 1 
ATOM   503  N  N   . GLY A 1 62  ? -10.53153 -5.95159  0.57664   1.000 90.86281  ? 62  GLY A N   1 
ATOM   504  C  CA  . GLY A 1 62  ? -11.69635 -5.67030  1.38830   1.000 84.54627  ? 62  GLY A CA  1 
ATOM   505  C  C   . GLY A 1 62  ? -11.94843 -4.18386  1.47652   1.000 86.35023  ? 62  GLY A C   1 
ATOM   506  O  O   . GLY A 1 62  ? -12.08017 -3.48207  0.46728   1.000 84.18555  ? 62  GLY A O   1 
ATOM   507  N  N   . ASN A 1 63  ? -12.02703 -3.70017  2.70599   1.000 89.50243  ? 63  ASN A N   1 
ATOM   508  C  CA  . ASN A 1 63  ? -12.28009 -2.30206  2.99877   1.000 87.32588  ? 63  ASN A CA  1 
ATOM   509  C  C   . ASN A 1 63  ? -11.01336 -1.48098  3.01341   1.000 92.90588  ? 63  ASN A C   1 
ATOM   510  O  O   . ASN A 1 63  ? -11.05587 -0.29574  3.34958   1.000 97.45235  ? 63  ASN A O   1 
ATOM   511  C  CB  . ASN A 1 63  ? -12.96223 -2.18417  4.35550   1.000 101.25032 ? 63  ASN A CB  1 
ATOM   512  C  CG  . ASN A 1 63  ? -13.88267 -1.00117  4.42689   1.000 113.61581 ? 63  ASN A CG  1 
ATOM   513  O  OD1 . ASN A 1 63  ? -13.65356 -0.05385  5.19223   1.000 111.82194 ? 63  ASN A OD1 1 
ATOM   514  N  ND2 . ASN A 1 63  ? -14.92047 -1.02042  3.58870   1.000 114.49687 ? 63  ASN A ND2 1 
ATOM   515  N  N   . LEU A 1 64  ? -9.88614  -2.08789  2.68713   1.000 93.13105  ? 64  LEU A N   1 
ATOM   516  C  CA  . LEU A 1 64  ? -8.59043  -1.51107  2.97702   1.000 85.94108  ? 64  LEU A CA  1 
ATOM   517  C  C   . LEU A 1 64  ? -7.82575  -1.25232  1.69569   1.000 88.11844  ? 64  LEU A C   1 
ATOM   518  O  O   . LEU A 1 64  ? -7.70995  -2.13020  0.82721   1.000 88.05333  ? 64  LEU A O   1 
ATOM   519  C  CB  . LEU A 1 64  ? -7.77733  -2.41841  3.88513   1.000 83.46294  ? 64  LEU A CB  1 
ATOM   520  C  CG  . LEU A 1 64  ? -6.50521  -1.71472  4.34413   1.000 84.01176  ? 64  LEU A CG  1 
ATOM   521  C  CD1 . LEU A 1 64  ? -6.84318  -0.60005  5.30241   1.000 88.96715  ? 64  LEU A CD1 1 
ATOM   522  C  CD2 . LEU A 1 64  ? -5.57331  -2.70483  4.97797   1.000 74.28978  ? 64  LEU A CD2 1 
ATOM   523  N  N   . LEU A 1 65  ? -7.28624  -0.05420  1.60936   1.000 86.14200  ? 65  LEU A N   1 
ATOM   524  C  CA  . LEU A 1 65  ? -6.38898  0.34068   0.54681   1.000 82.06496  ? 65  LEU A CA  1 
ATOM   525  C  C   . LEU A 1 65  ? -4.97529  0.30597   1.10045   1.000 81.46957  ? 65  LEU A C   1 
ATOM   526  O  O   . LEU A 1 65  ? -4.71267  0.85338   2.17772   1.000 85.03150  ? 65  LEU A O   1 
ATOM   527  C  CB  . LEU A 1 65  ? -6.75413  1.74207   0.08540   1.000 83.50265  ? 65  LEU A CB  1 
ATOM   528  C  CG  . LEU A 1 65  ? -7.47933  1.85729   -1.23715  1.000 78.44342  ? 65  LEU A CG  1 
ATOM   529  C  CD1 . LEU A 1 65  ? -8.69862  0.98070   -1.21129  1.000 79.21142  ? 65  LEU A CD1 1 
ATOM   530  C  CD2 . LEU A 1 65  ? -7.89227  3.30872   -1.32039  1.000 81.08940  ? 65  LEU A CD2 1 
ATOM   531  N  N   . ILE A 1 66  ? -4.07844  -0.36055  0.39604   1.000 79.33358  ? 66  ILE A N   1 
ATOM   532  C  CA  . ILE A 1 66  ? -2.66686  -0.32308  0.73750   1.000 77.83948  ? 66  ILE A CA  1 
ATOM   533  C  C   . ILE A 1 66  ? -1.92465  0.33769   -0.40405  1.000 83.56331  ? 66  ILE A C   1 
ATOM   534  O  O   . ILE A 1 66  ? -1.87104  -0.17885  -1.53081  1.000 82.23113  ? 66  ILE A O   1 
ATOM   535  C  CB  . ILE A 1 66  ? -2.10206  -1.70220  1.04791   1.000 75.22313  ? 66  ILE A CB  1 
ATOM   536  C  CG1 . ILE A 1 66  ? -2.91874  -2.32016  2.17378   1.000 81.32457  ? 66  ILE A CG1 1 
ATOM   537  C  CG2 . ILE A 1 66  ? -0.65574  -1.55838  1.42379   1.000 72.91309  ? 66  ILE A CG2 1 
ATOM   538  C  CD1 . ILE A 1 66  ? -4.01188  -3.20830  1.71213   1.000 80.70118  ? 66  ILE A CD1 1 
ATOM   539  N  N   . LEU A 1 67  ? -1.36537  1.49221   -0.09165  1.000 83.62812  ? 67  LEU A N   1 
ATOM   540  C  CA  . LEU A 1 67  ? -0.66010  2.32381   -1.03799  1.000 79.14033  ? 67  LEU A CA  1 
ATOM   541  C  C   . LEU A 1 67  ? 0.82747   2.12021   -0.81862  1.000 82.88829  ? 67  LEU A C   1 
ATOM   542  O  O   . LEU A 1 67  ? 1.32714   2.32856   0.29370   1.000 81.92791  ? 67  LEU A O   1 
ATOM   543  C  CB  . LEU A 1 67  ? -1.03076  3.78812   -0.82863  1.000 77.60516  ? 67  LEU A CB  1 
ATOM   544  C  CG  . LEU A 1 67  ? -0.65872  4.67076   -2.00800  1.000 85.88309  ? 67  LEU A CG  1 
ATOM   545  C  CD1 . LEU A 1 67  ? -1.71253  4.53466   -3.07054  1.000 96.08598  ? 67  LEU A CD1 1 
ATOM   546  C  CD2 . LEU A 1 67  ? -0.49417  6.10034   -1.62710  1.000 78.33199  ? 67  LEU A CD2 1 
ATOM   547  N  N   . ILE A 1 68  ? 1.51525   1.69050   -1.86681  1.000 80.08749  ? 68  ILE A N   1 
ATOM   548  C  CA  . ILE A 1 68  ? 2.96533   1.55679   -1.87279  1.000 79.02326  ? 68  ILE A CA  1 
ATOM   549  C  C   . ILE A 1 68  ? 3.55841   2.79791   -2.51696  1.000 86.56173  ? 68  ILE A C   1 
ATOM   550  O  O   . ILE A 1 68  ? 3.11451   3.20633   -3.59486  1.000 88.17984  ? 68  ILE A O   1 
ATOM   551  C  CB  . ILE A 1 68  ? 3.39327   0.29378   -2.63463  1.000 80.16993  ? 68  ILE A CB  1 
ATOM   552  C  CG1 . ILE A 1 68  ? 2.54870   -0.89926  -2.19692  1.000 79.04710  ? 68  ILE A CG1 1 
ATOM   553  C  CG2 . ILE A 1 68  ? 4.83901   0.04476   -2.47027  1.000 78.59675  ? 68  ILE A CG2 1 
ATOM   554  C  CD1 . ILE A 1 68  ? 2.62485   -1.12692  -0.71894  1.000 81.14400  ? 68  ILE A CD1 1 
ATOM   555  N  N   . VAL A 1 69  ? 4.57880   3.38708   -1.87837  1.000 87.52126  ? 69  VAL A N   1 
ATOM   556  C  CA  . VAL A 1 69  ? 5.17274   4.63772   -2.34090  1.000 84.42025  ? 69  VAL A CA  1 
ATOM   557  C  C   . VAL A 1 69  ? 6.67902   4.57449   -2.13607  1.000 87.82647  ? 69  VAL A C   1 
ATOM   558  O  O   . VAL A 1 69  ? 7.19809   3.70543   -1.43952  1.000 90.14387  ? 69  VAL A O   1 
ATOM   559  C  CB  . VAL A 1 69  ? 4.63794   5.86102   -1.57346  1.000 89.34281  ? 69  VAL A CB  1 
ATOM   560  C  CG1 . VAL A 1 69  ? 3.19585   6.18606   -1.97194  1.000 89.95242  ? 69  VAL A CG1 1 
ATOM   561  C  CG2 . VAL A 1 69  ? 4.82783   5.68777   -0.09100  1.000 88.47852  ? 69  VAL A CG2 1 
ATOM   562  N  N   . THR A 1 70  ? 7.37735   5.53408   -2.73997  1.000 95.27649  ? 70  THR A N   1 
ATOM   563  C  CA  . THR A 1 70  ? 8.73255   5.91480   -2.34360  1.000 96.51274  ? 70  THR A CA  1 
ATOM   564  C  C   . THR A 1 70  ? 8.68535   7.35951   -1.88164  1.000 98.20989  ? 70  THR A C   1 
ATOM   565  O  O   . THR A 1 70  ? 8.30506   8.24104   -2.65565  1.000 100.31219 ? 70  THR A O   1 
ATOM   566  C  CB  . THR A 1 70  ? 9.72916   5.78502   -3.48970  1.000 85.66144  ? 70  THR A CB  1 
ATOM   567  O  OG1 . THR A 1 70  ? 9.77158   4.43116   -3.94299  1.000 87.94544  ? 70  THR A OG1 1 
ATOM   568  C  CG2 . THR A 1 70  ? 11.09108  6.20064   -3.02252  1.000 88.45113  ? 70  THR A CG2 1 
ATOM   569  N  N   . SER A 1 71  ? 9.03701   7.60648   -0.62646  1.000 99.62419  ? 71  SER A N   1 
ATOM   570  C  CA  . SER A 1 71  ? 8.94613   8.96943   -0.12241  1.000 101.95134 ? 71  SER A CA  1 
ATOM   571  C  C   . SER A 1 71  ? 10.08894  9.80071   -0.67801  1.000 103.03956 ? 71  SER A C   1 
ATOM   572  O  O   . SER A 1 71  ? 11.24991  9.38067   -0.67100  1.000 106.81665 ? 71  SER A O   1 
ATOM   573  C  CB  . SER A 1 71  ? 8.96562   8.99473   1.40322   1.000 105.61795 ? 71  SER A CB  1 
ATOM   574  O  OG  . SER A 1 71  ? 7.81021   8.37054   1.93027   1.000 107.44649 ? 71  SER A OG  1 
ATOM   575  N  N   . GLY A 1 72  ? 9.76080   10.97146  -1.18246  1.000 109.76241 ? 72  GLY A N   1 
ATOM   576  C  CA  . GLY A 1 72  ? 10.79574  11.91758  -1.53290  1.000 116.92263 ? 72  GLY A CA  1 
ATOM   577  C  C   . GLY A 1 72  ? 11.48872  12.45604  -0.29319  1.000 121.65088 ? 72  GLY A C   1 
ATOM   578  O  O   . GLY A 1 72  ? 11.08545  12.21797  0.84850   1.000 124.57402 ? 72  GLY A O   1 
ATOM   579  N  N   . SER A 1 73  ? 12.55966  13.21715  -0.53335  1.000 114.94038 ? 73  SER A N   1 
ATOM   580  C  CA  . SER A 1 73  ? 13.26523  13.86800  0.56113   1.000 114.81435 ? 73  SER A CA  1 
ATOM   581  C  C   . SER A 1 73  ? 12.45012  14.96753  1.21320   1.000 116.70082 ? 73  SER A C   1 
ATOM   582  O  O   . SER A 1 73  ? 12.90691  15.54413  2.20648   1.000 118.75767 ? 73  SER A O   1 
ATOM   583  C  CB  . SER A 1 73  ? 14.57857  14.45136  0.06443   1.000 121.00107 ? 73  SER A CB  1 
ATOM   584  O  OG  . SER A 1 73  ? 15.36838  13.44086  -0.52741  1.000 130.41068 ? 73  SER A OG  1 
ATOM   585  N  N   . GLN A 1 74  ? 11.27719  15.27907  0.67520   1.000 112.11269 ? 74  GLN A N   1 
ATOM   586  C  CA  . GLN A 1 74  ? 10.41102  16.28842  1.25448   1.000 114.73287 ? 74  GLN A CA  1 
ATOM   587  C  C   . GLN A 1 74  ? 9.34455   15.71169  2.17122   1.000 112.64060 ? 74  GLN A C   1 
ATOM   588  O  O   . GLN A 1 74  ? 8.68281   16.47575  2.88832   1.000 111.70221 ? 74  GLN A O   1 
ATOM   589  C  CB  . GLN A 1 74  ? 9.72409   17.07958  0.14397   1.000 118.85429 ? 74  GLN A CB  1 
ATOM   590  C  CG  . GLN A 1 74  ? 10.62835  17.53678  -0.96379  1.000 119.03822 ? 74  GLN A CG  1 
ATOM   591  C  CD  . GLN A 1 74  ? 11.46567  18.71497  -0.54467  1.000 126.68984 ? 74  GLN A CD  1 
ATOM   592  O  OE1 . GLN A 1 74  ? 11.14826  19.86007  -0.87319  1.000 133.52346 ? 74  GLN A OE1 1 
ATOM   593  N  NE2 . GLN A 1 74  ? 12.55392  18.44646  0.17413   1.000 125.95825 ? 74  GLN A NE2 1 
ATOM   594  N  N   . MET A 1 75  ? 9.14614   14.39948  2.16367   1.000 109.04577 ? 75  MET A N   1 
ATOM   595  C  CA  . MET A 1 75  ? 7.94736   13.81765  2.74654   1.000 111.00882 ? 75  MET A CA  1 
ATOM   596  C  C   . MET A 1 75  ? 8.25800   13.32700  4.15401   1.000 111.39299 ? 75  MET A C   1 
ATOM   597  O  O   . MET A 1 75  ? 9.02384   12.37414  4.33352   1.000 111.88616 ? 75  MET A O   1 
ATOM   598  C  CB  . MET A 1 75  ? 7.39670   12.69426  1.87141   1.000 107.04906 ? 75  MET A CB  1 
ATOM   599  C  CG  . MET A 1 75  ? 6.36322   13.19398  0.86756   1.000 103.36887 ? 75  MET A CG  1 
ATOM   600  S  SD  . MET A 1 75  ? 5.04947   14.13657  1.68025   1.000 99.77656  ? 75  MET A SD  1 
ATOM   601  C  CE  . MET A 1 75  ? 3.88466   12.87150  2.15189   1.000 106.54697 ? 75  MET A CE  1 
ATOM   602  N  N   . SER A 1 76  ? 7.66530   13.98629  5.14847   1.000 111.46268 ? 76  SER A N   1 
ATOM   603  C  CA  . SER A 1 76  ? 7.75658   13.50758  6.51965   1.000 108.83427 ? 76  SER A CA  1 
ATOM   604  C  C   . SER A 1 76  ? 6.86492   12.29275  6.70773   1.000 109.03770 ? 76  SER A C   1 
ATOM   605  O  O   . SER A 1 76  ? 5.75027   12.23107  6.17911   1.000 111.89810 ? 76  SER A O   1 
ATOM   606  C  CB  . SER A 1 76  ? 7.35681   14.61070  7.50688   1.000 119.12914 ? 76  SER A CB  1 
ATOM   607  O  OG  . SER A 1 76  ? 7.21248   14.12243  8.83552   1.000 123.90699 ? 76  SER A OG  1 
ATOM   608  N  N   . TYR A 1 77  ? 7.37658   11.31569  7.45614   1.000 109.31397 ? 77  TYR A N   1 
ATOM   609  C  CA  . TYR A 1 77  ? 6.56020   10.18502  7.88338   1.000 110.83028 ? 77  TYR A CA  1 
ATOM   610  C  C   . TYR A 1 77  ? 5.24582   10.64295  8.51478   1.000 112.47150 ? 77  TYR A C   1 
ATOM   611  O  O   . TYR A 1 77  ? 4.20143   10.00339  8.34311   1.000 108.43126 ? 77  TYR A O   1 
ATOM   612  C  CB  . TYR A 1 77  ? 7.34451   9.35851   8.88369   1.000 109.24295 ? 77  TYR A CB  1 
ATOM   613  C  CG  . TYR A 1 77  ? 6.52827   8.26614   9.50766   1.000 120.91563 ? 77  TYR A CG  1 
ATOM   614  C  CD1 . TYR A 1 77  ? 5.98236   7.25192   8.72951   1.000 127.87193 ? 77  TYR A CD1 1 
ATOM   615  C  CD2 . TYR A 1 77  ? 6.24227   8.27756   10.87073  1.000 123.22506 ? 77  TYR A CD2 1 
ATOM   616  C  CE1 . TYR A 1 77  ? 5.22142   6.23331   9.30606   1.000 132.49638 ? 77  TYR A CE1 1 
ATOM   617  C  CE2 . TYR A 1 77  ? 5.47554   7.27423   11.45604  1.000 118.46535 ? 77  TYR A CE2 1 
ATOM   618  C  CZ  . TYR A 1 77  ? 4.96983   6.25653   10.67050  1.000 125.90381 ? 77  TYR A CZ  1 
ATOM   619  O  OH  . TYR A 1 77  ? 4.20919   5.26087   11.24095  1.000 126.12302 ? 77  TYR A OH  1 
ATOM   620  N  N   . GLN A 1 78  ? 5.29066   11.73886  9.27214   1.000 114.96702 ? 78  GLN A N   1 
ATOM   621  C  CA  . GLN A 1 78  ? 4.07707   12.35277  9.79900   1.000 113.49252 ? 78  GLN A CA  1 
ATOM   622  C  C   . GLN A 1 78  ? 3.14182   12.75547  8.66790   1.000 113.92280 ? 78  GLN A C   1 
ATOM   623  O  O   . GLN A 1 78  ? 1.94447   12.43555  8.68451   1.000 112.22435 ? 78  GLN A O   1 
ATOM   624  C  CB  . GLN A 1 78  ? 4.46768   13.57930  10.60860  1.000 123.27754 ? 78  GLN A CB  1 
ATOM   625  C  CG  . GLN A 1 78  ? 5.55699   13.29100  11.61205  1.000 129.02894 ? 78  GLN A CG  1 
ATOM   626  C  CD  . GLN A 1 78  ? 6.00986   14.54838  12.31584  1.000 133.52895 ? 78  GLN A CD  1 
ATOM   627  O  OE1 . GLN A 1 78  ? 5.22717   15.20691  13.00357  1.000 138.52184 ? 78  GLN A OE1 1 
ATOM   628  N  NE2 . GLN A 1 78  ? 7.27145   14.91858  12.10716  1.000 126.59238 ? 78  GLN A NE2 1 
ATOM   629  N  N   . LYS A 1 79  ? 3.68561   13.47893  7.67788   1.000 114.33032 ? 79  LYS A N   1 
ATOM   630  C  CA  . LYS A 1 79  ? 2.90047   13.93975  6.53511   1.000 109.72794 ? 79  LYS A CA  1 
ATOM   631  C  C   . LYS A 1 79  ? 2.21495   12.77316  5.82584   1.000 104.07963 ? 79  LYS A C   1 
ATOM   632  O  O   . LYS A 1 79  ? 1.07283   12.90153  5.37771   1.000 100.86406 ? 79  LYS A O   1 
ATOM   633  C  CB  . LYS A 1 79  ? 3.80952   14.72469  5.58463   1.000 105.29125 ? 79  LYS A CB  1 
ATOM   634  C  CG  . LYS A 1 79  ? 4.45091   15.92288  6.27151   1.000 108.42743 ? 79  LYS A CG  1 
ATOM   635  C  CD  . LYS A 1 79  ? 5.40194   16.68749  5.36954   1.000 109.70601 ? 79  LYS A CD  1 
ATOM   636  C  CE  . LYS A 1 79  ? 6.19946   17.72501  6.16621   1.000 114.22790 ? 79  LYS A CE  1 
ATOM   637  N  NZ  . LYS A 1 79  ? 5.33492   18.74333  6.83622   1.000 118.49804 ? 79  LYS A NZ  1 
ATOM   638  N  N   . TRP A 1 80  ? 2.88066   11.61418  5.74382   1.000 100.45792 ? 80  TRP A N   1 
ATOM   639  C  CA  . TRP A 1 80  ? 2.23901   10.43246  5.16588   1.000 99.22301  ? 80  TRP A CA  1 
ATOM   640  C  C   . TRP A 1 80  ? 1.02706   9.97522   5.97465   1.000 98.10060  ? 80  TRP A C   1 
ATOM   641  O  O   . TRP A 1 80  ? 0.02105   9.53687   5.40068   1.000 95.26091  ? 80  TRP A O   1 
ATOM   642  C  CB  . TRP A 1 80  ? 3.23455   9.28680   5.03249   1.000 94.66420  ? 80  TRP A CB  1 
ATOM   643  C  CG  . TRP A 1 80  ? 4.15918   9.44147   3.89699   1.000 94.48368  ? 80  TRP A CG  1 
ATOM   644  C  CD1 . TRP A 1 80  ? 5.51653   9.53355   3.94627   1.000 100.03552 ? 80  TRP A CD1 1 
ATOM   645  C  CD2 . TRP A 1 80  ? 3.79859   9.52522   2.51746   1.000 96.41703  ? 80  TRP A CD2 1 
ATOM   646  N  NE1 . TRP A 1 80  ? 6.02765   9.66165   2.67817   1.000 98.41143  ? 80  TRP A NE1 1 
ATOM   647  C  CE2 . TRP A 1 80  ? 4.99135   9.66139   1.78195   1.000 97.84977  ? 80  TRP A CE2 1 
ATOM   648  C  CE3 . TRP A 1 80  ? 2.57904   9.50498   1.82880   1.000 97.15569  ? 80  TRP A CE3 1 
ATOM   649  C  CZ2 . TRP A 1 80  ? 5.00252   9.77349   0.39038   1.000 99.05338  ? 80  TRP A CZ2 1 
ATOM   650  C  CZ3 . TRP A 1 80  ? 2.59536   9.62080   0.44406   1.000 93.63225  ? 80  TRP A CZ3 1 
ATOM   651  C  CH2 . TRP A 1 80  ? 3.79717   9.74972   -0.25727  1.000 88.56521  ? 80  TRP A CH2 1 
ATOM   652  N  N   . ILE A 1 81  ? 1.10221   10.03184  7.30360   1.000 98.13524  ? 81  ILE A N   1 
ATOM   653  C  CA  . ILE A 1 81  ? -0.09862  9.74979   8.08275   1.000 97.75256  ? 81  ILE A CA  1 
ATOM   654  C  C   . ILE A 1 81  ? -1.14311  10.81798  7.81561   1.000 98.05098  ? 81  ILE A C   1 
ATOM   655  O  O   . ILE A 1 81  ? -2.35051  10.54585  7.79705   1.000 97.30642  ? 81  ILE A O   1 
ATOM   656  C  CB  . ILE A 1 81  ? 0.22315   9.62194   9.58465   1.000 93.61375  ? 81  ILE A CB  1 
ATOM   657  C  CG1 . ILE A 1 81  ? 1.27952   8.54389   9.81481   1.000 97.95052  ? 81  ILE A CG1 1 
ATOM   658  C  CG2 . ILE A 1 81  ? -1.01669  9.24878   10.36223  1.000 96.83565  ? 81  ILE A CG2 1 
ATOM   659  C  CD1 . ILE A 1 81  ? 1.71729   8.41228   11.26032  1.000 101.08459 ? 81  ILE A CD1 1 
ATOM   660  N  N   . LYS A 1 82  ? -0.69361  12.04598  7.57882   1.000 98.01119  ? 82  LYS A N   1 
ATOM   661  C  CA  . LYS A 1 82  ? -1.62414  13.09568  7.20170   1.000 100.86400 ? 82  LYS A CA  1 
ATOM   662  C  C   . LYS A 1 82  ? -2.21749  12.82070  5.82401   1.000 101.55418 ? 82  LYS A C   1 
ATOM   663  O  O   . LYS A 1 82  ? -3.42317  13.00274  5.60491   1.000 97.59300  ? 82  LYS A O   1 
ATOM   664  C  CB  . LYS A 1 82  ? -0.89998  14.43408  7.23490   1.000 106.40812 ? 82  LYS A CB  1 
ATOM   665  C  CG  . LYS A 1 82  ? -0.45567  14.85320  8.62328   1.000 107.72488 ? 82  LYS A CG  1 
ATOM   666  C  CD  . LYS A 1 82  ? 0.28572   16.17399  8.55118   1.000 117.13790 ? 82  LYS A CD  1 
ATOM   667  C  CE  . LYS A 1 82  ? 0.71857   16.66808  9.91809   1.000 116.77905 ? 82  LYS A CE  1 
ATOM   668  N  NZ  . LYS A 1 82  ? 1.46141   17.95742  9.78772   1.000 116.82256 ? 82  LYS A NZ  1 
ATOM   669  N  N   . VAL A 1 83  ? -1.38220  12.36452  4.88603   1.000 100.33493 ? 83  VAL A N   1 
ATOM   670  C  CA  . VAL A 1 83  ? -1.86737  12.02567  3.55465   1.000 89.50741  ? 83  VAL A CA  1 
ATOM   671  C  C   . VAL A 1 83  ? -2.86404  10.88344  3.64079   1.000 94.57078  ? 83  VAL A C   1 
ATOM   672  O  O   . VAL A 1 83  ? -3.90644  10.89630  2.97818   1.000 94.58873  ? 83  VAL A O   1 
ATOM   673  C  CB  . VAL A 1 83  ? -0.68701  11.66865  2.63469   1.000 92.40444  ? 83  VAL A CB  1 
ATOM   674  C  CG1 . VAL A 1 83  ? -1.19567  11.02081  1.37799   1.000 99.70448  ? 83  VAL A CG1 1 
ATOM   675  C  CG2 . VAL A 1 83  ? 0.13810   12.89489  2.29422   1.000 97.43348  ? 83  VAL A CG2 1 
ATOM   676  N  N   . ALA A 1 84  ? -2.56195  9.87828   4.46534   1.000 96.79423  ? 84  ALA A N   1 
ATOM   677  C  CA  . ALA A 1 84  ? -3.46187  8.73952   4.60368   1.000 95.52252  ? 84  ALA A CA  1 
ATOM   678  C  C   . ALA A 1 84  ? -4.85730  9.18635   5.03117   1.000 96.56319  ? 84  ALA A C   1 
ATOM   679  O  O   . ALA A 1 84  ? -5.85959  8.80194   4.41731   1.000 95.94302  ? 84  ALA A O   1 
ATOM   680  C  CB  . ALA A 1 84  ? -2.88232  7.73323   5.59771   1.000 92.55833  ? 84  ALA A CB  1 
ATOM   681  N  N   . LYS A 1 85  ? -4.94301  10.01295  6.07637   1.000 97.04676  ? 85  LYS A N   1 
ATOM   682  C  CA  . LYS A 1 85  ? -6.25199  10.44724  6.55234   1.000 95.16034  ? 85  LYS A CA  1 
ATOM   683  C  C   . LYS A 1 85  ? -6.97776  11.27092  5.49603   1.000 97.74986  ? 85  LYS A C   1 
ATOM   684  O  O   . LYS A 1 85  ? -8.20626  11.18799  5.36343   1.000 96.00921  ? 85  LYS A O   1 
ATOM   685  C  CB  . LYS A 1 85  ? -6.09890  11.23188  7.85306   1.000 95.24380  ? 85  LYS A CB  1 
ATOM   686  C  CG  . LYS A 1 85  ? -5.53822  10.37308  8.96948   1.000 104.65794 ? 85  LYS A CG  1 
ATOM   687  C  CD  . LYS A 1 85  ? -5.14232  11.16378  10.21519  1.000 107.07730 ? 85  LYS A CD  1 
ATOM   688  C  CE  . LYS A 1 85  ? -4.64372  10.21234  11.32922  1.000 108.60387 ? 85  LYS A CE  1 
ATOM   689  N  NZ  . LYS A 1 85  ? -4.13938  10.91338  12.55398  1.000 106.04248 ? 85  LYS A NZ  1 
ATOM   690  N  N   . ALA A 1 86  ? -6.23178  12.06001  4.72201   1.000 95.23217  ? 86  ALA A N   1 
ATOM   691  C  CA  . ALA A 1 86  ? -6.84295  12.81455  3.63418   1.000 94.29790  ? 86  ALA A CA  1 
ATOM   692  C  C   . ALA A 1 86  ? -7.51165  11.88201  2.63348   1.000 97.43710  ? 86  ALA A C   1 
ATOM   693  O  O   . ALA A 1 86  ? -8.68855  12.05053  2.29561   1.000 100.29573 ? 86  ALA A O   1 
ATOM   694  C  CB  . ALA A 1 86  ? -5.78774  13.67292  2.94600   1.000 89.39418  ? 86  ALA A CB  1 
ATOM   695  N  N   . LEU A 1 87  ? -6.76028  10.89404  2.14366   1.000 95.43284  ? 87  LEU A N   1 
ATOM   696  C  CA  . LEU A 1 87  ? -7.31320  9.87515   1.26028   1.000 91.78455  ? 87  LEU A CA  1 
ATOM   697  C  C   . LEU A 1 87  ? -8.50031  9.16594   1.90038   1.000 96.98223  ? 87  LEU A C   1 
ATOM   698  O  O   . LEU A 1 87  ? -9.52664  8.93922   1.25051   1.000 95.84521  ? 87  LEU A O   1 
ATOM   699  C  CB  . LEU A 1 87  ? -6.20860  8.88085   0.90413   1.000 87.47399  ? 87  LEU A CB  1 
ATOM   700  C  CG  . LEU A 1 87  ? -5.08502  9.49769   0.07034   1.000 88.36281  ? 87  LEU A CG  1 
ATOM   701  C  CD1 . LEU A 1 87  ? -4.24263  8.46397   -0.58204  1.000 77.57159  ? 87  LEU A CD1 1 
ATOM   702  C  CD2 . LEU A 1 87  ? -5.69837  10.36245  -1.02312  1.000 97.44137  ? 87  LEU A CD2 1 
ATOM   703  N  N   . GLN A 1 88  ? -8.38715  8.82354   3.18209   1.000 101.65228 ? 88  GLN A N   1 
ATOM   704  C  CA  . GLN A 1 88  ? -9.45065  8.08356   3.84307   1.000 103.19766 ? 88  GLN A CA  1 
ATOM   705  C  C   . GLN A 1 88  ? -10.70876 8.93006   4.03511   1.000 102.37550 ? 88  GLN A C   1 
ATOM   706  O  O   . GLN A 1 88  ? -11.76006 8.37620   4.36439   1.000 111.67210 ? 88  GLN A O   1 
ATOM   707  C  CB  . GLN A 1 88  ? -8.92122  7.50486   5.17224   1.000 101.14199 ? 88  GLN A CB  1 
ATOM   708  C  CG  . GLN A 1 88  ? -9.87650  6.56491   5.92720   1.000 103.37461 ? 88  GLN A CG  1 
ATOM   709  C  CD  . GLN A 1 88  ? -9.21997  5.82693   7.12683   1.000 117.65786 ? 88  GLN A CD  1 
ATOM   710  O  OE1 . GLN A 1 88  ? -7.99517  5.87799   7.34297   1.000 112.94638 ? 88  GLN A OE1 1 
ATOM   711  N  NE2 . GLN A 1 88  ? -10.05869 5.16993   7.93306   1.000 115.50334 ? 88  GLN A NE2 1 
ATOM   712  N  N   . GLU A 1 89  ? -10.65125 10.24529  3.81269   1.000 97.71789  ? 89  GLU A N   1 
ATOM   713  C  CA  . GLU A 1 89  ? -11.90340 10.99910  3.81521   1.000 103.68135 ? 89  GLU A CA  1 
ATOM   714  C  C   . GLU A 1 89  ? -12.48808 11.16889  2.41977   1.000 105.68529 ? 89  GLU A C   1 
ATOM   715  O  O   . GLU A 1 89  ? -13.70820 11.08947  2.25313   1.000 108.93173 ? 89  GLU A O   1 
ATOM   716  C  CB  . GLU A 1 89  ? -11.73732 12.38700  4.43858   1.000 108.45702 ? 89  GLU A CB  1 
ATOM   717  C  CG  . GLU A 1 89  ? -11.15043 12.43659  5.83631   1.000 115.52310 ? 89  GLU A CG  1 
ATOM   718  C  CD  . GLU A 1 89  ? -10.47992 13.78015  6.12123   1.000 121.44589 ? 89  GLU A CD  1 
ATOM   719  O  OE1 . GLU A 1 89  ? -10.50726 14.65107  5.21916   1.000 123.88035 ? 89  GLU A OE1 1 
ATOM   720  O  OE2 . GLU A 1 89  ? -9.92840  13.96830  7.23429   1.000 121.44063 ? 89  GLU A OE2 1 
ATOM   721  N  N   . LYS A 1 90  ? -11.65772 11.43500  1.41244   1.000 102.35296 ? 90  LYS A N   1 
ATOM   722  C  CA  . LYS A 1 90  ? -12.18701 11.54334  0.05957   1.000 95.11268  ? 90  LYS A CA  1 
ATOM   723  C  C   . LYS A 1 90  ? -12.74560 10.20179  -0.39375  1.000 97.84290  ? 90  LYS A C   1 
ATOM   724  O  O   . LYS A 1 90  ? -13.91773 10.10128  -0.77033  1.000 107.37296 ? 90  LYS A O   1 
ATOM   725  C  CB  . LYS A 1 90  ? -11.10072 12.03502  -0.89545  1.000 98.92305  ? 90  LYS A CB  1 
ATOM   726  C  CG  . LYS A 1 90  ? -10.34167 13.25399  -0.37645  1.000 107.98576 ? 90  LYS A CG  1 
ATOM   727  C  CD  . LYS A 1 90  ? -11.27580 14.38574  0.02023   1.000 118.02500 ? 90  LYS A CD  1 
ATOM   728  C  CE  . LYS A 1 90  ? -10.50691 15.55164  0.63834   1.000 119.06007 ? 90  LYS A CE  1 
ATOM   729  N  NZ  . LYS A 1 90  ? -11.44121 16.65416  1.03142   1.000 121.33409 ? 90  LYS A NZ  1 
ATOM   730  N  N   . ILE A 1 91  ? -11.93001 9.15113   -0.34028  1.000 99.45542  ? 91  ILE A N   1 
ATOM   731  C  CA  . ILE A 1 91  ? -12.41215 7.80544   -0.61135  1.000 98.74518  ? 91  ILE A CA  1 
ATOM   732  C  C   . ILE A 1 91  ? -13.10437 7.30168   0.65214   1.000 101.53876 ? 91  ILE A C   1 
ATOM   733  O  O   . ILE A 1 91  ? -12.88639 7.81302   1.75507   1.000 104.82888 ? 91  ILE A O   1 
ATOM   734  C  CB  . ILE A 1 91  ? -11.26517 6.86131   -1.03663  1.000 90.13244  ? 91  ILE A CB  1 
ATOM   735  C  CG1 . ILE A 1 91  ? -10.49103 7.43937   -2.20035  1.000 86.87053  ? 91  ILE A CG1 1 
ATOM   736  C  CG2 . ILE A 1 91  ? -11.81043 5.56269   -1.55454  1.000 90.28618  ? 91  ILE A CG2 1 
ATOM   737  C  CD1 . ILE A 1 91  ? -9.23865  8.11701   -1.78721  1.000 84.65318  ? 91  ILE A CD1 1 
ATOM   738  N  N   . GLY A 1 92  ? -13.95844 6.29722   0.50161   1.000 94.87141  ? 92  GLY A N   1 
ATOM   739  C  CA  . GLY A 1 92  ? -14.55907 5.68679   1.67045   1.000 99.28657  ? 92  GLY A CA  1 
ATOM   740  C  C   . GLY A 1 92  ? -13.63455 4.78839   2.47240   1.000 104.71923 ? 92  GLY A C   1 
ATOM   741  O  O   . GLY A 1 92  ? -13.70460 4.76220   3.70635   1.000 113.37545 ? 92  GLY A O   1 
ATOM   742  N  N   . LEU A 1 93  ? -12.74737 4.06833   1.78818   1.000 102.07574 ? 93  LEU A N   1 
ATOM   743  C  CA  . LEU A 1 93  ? -12.02104 2.96083   2.39620   1.000 98.59430  ? 93  LEU A CA  1 
ATOM   744  C  C   . LEU A 1 93  ? -10.97418 3.44292   3.41236   1.000 98.27860  ? 93  LEU A C   1 
ATOM   745  O  O   . LEU A 1 93  ? -10.57754 4.61173   3.44721   1.000 98.64417  ? 93  LEU A O   1 
ATOM   746  C  CB  . LEU A 1 93  ? -11.34613 2.12160   1.31452   1.000 95.00084  ? 93  LEU A CB  1 
ATOM   747  C  CG  . LEU A 1 93  ? -12.26260 1.41487   0.31271   1.000 93.69078  ? 93  LEU A CG  1 
ATOM   748  C  CD1 . LEU A 1 93  ? -13.45123 0.84010   1.04718   1.000 103.66985 ? 93  LEU A CD1 1 
ATOM   749  C  CD2 . LEU A 1 93  ? -12.69478 2.28660   -0.84029  1.000 89.73049  ? 93  LEU A CD2 1 
ATOM   750  N  N   . ARG A 1 94  ? -10.51931 2.52125   4.25906   1.000 92.54578  ? 94  ARG A N   1 
ATOM   751  C  CA  . ARG A 1 94  ? -9.36848  2.82726   5.08565   1.000 90.93906  ? 94  ARG A CA  1 
ATOM   752  C  C   . ARG A 1 94  ? -8.10509  2.78602   4.25387   1.000 92.40885  ? 94  ARG A C   1 
ATOM   753  O  O   . ARG A 1 94  ? -7.96739  1.96644   3.34414   1.000 92.33259  ? 94  ARG A O   1 
ATOM   754  C  CB  . ARG A 1 94  ? -9.24057  1.88691   6.27915   1.000 86.91385  ? 94  ARG A CB  1 
ATOM   755  C  CG  . ARG A 1 94  ? -10.46938 1.72514   7.11676   1.000 86.68202  ? 94  ARG A CG  1 
ATOM   756  C  CD  . ARG A 1 94  ? -10.23452 0.62179   8.10743   1.000 90.05404  ? 94  ARG A CD  1 
ATOM   757  N  NE  . ARG A 1 94  ? -11.36948 0.34030   8.97779   1.000 88.35757  ? 94  ARG A NE  1 
ATOM   758  C  CZ  . ARG A 1 94  ? -11.34600 -0.58902  9.92601   1.000 92.20011  ? 94  ARG A CZ  1 
ATOM   759  N  NH1 . ARG A 1 94  ? -10.30685 -1.39946  10.07051  1.000 94.40565  ? 94  ARG A NH1 1 
ATOM   760  N  NH2 . ARG A 1 94  ? -12.37656 -0.69552  10.76236  1.000 86.56749  ? 94  ARG A NH2 1 
ATOM   761  N  N   . VAL A 1 95  ? -7.17941  3.67544   4.57974   1.000 91.95862  ? 95  VAL A N   1 
ATOM   762  C  CA  . VAL A 1 95  ? -5.95137  3.85350   3.82241   1.000 89.92806  ? 95  VAL A CA  1 
ATOM   763  C  C   . VAL A 1 95  ? -4.76504  3.50699   4.70660   1.000 93.56380  ? 95  VAL A C   1 
ATOM   764  O  O   . VAL A 1 95  ? -4.74118  3.85666   5.89588   1.000 94.77545  ? 95  VAL A O   1 
ATOM   765  C  CB  . VAL A 1 95  ? -5.82621  5.29819   3.30436   1.000 98.28389  ? 95  VAL A CB  1 
ATOM   766  C  CG1 . VAL A 1 95  ? -4.48945  5.48983   2.58772   1.000 92.47779  ? 95  VAL A CG1 1 
ATOM   767  C  CG2 . VAL A 1 95  ? -6.99459  5.65045   2.38774   1.000 98.44236  ? 95  VAL A CG2 1 
ATOM   768  N  N   . ARG A 1 96  ? -3.76728  2.83889   4.12169   1.000 92.01643  ? 96  ARG A N   1 
ATOM   769  C  CA  . ARG A 1 96  ? -2.51358  2.58944   4.82000   1.000 81.80306  ? 96  ARG A CA  1 
ATOM   770  C  C   . ARG A 1 96  ? -1.37734  2.81973   3.84095   1.000 85.00667  ? 96  ARG A C   1 
ATOM   771  O  O   . ARG A 1 96  ? -1.25951  2.10680   2.83540   1.000 82.43332  ? 96  ARG A O   1 
ATOM   772  C  CB  . ARG A 1 96  ? -2.47174  1.17396   5.36957   1.000 77.91064  ? 96  ARG A CB  1 
ATOM   773  C  CG  . ARG A 1 96  ? -2.98306  1.16628   6.75774   1.000 83.99218  ? 96  ARG A CG  1 
ATOM   774  C  CD  . ARG A 1 96  ? -2.13160  1.96000   7.69760   1.000 88.91150  ? 96  ARG A CD  1 
ATOM   775  N  NE  . ARG A 1 96  ? -2.69547  1.84084   9.03678   1.000 88.96035  ? 96  ARG A NE  1 
ATOM   776  C  CZ  . ARG A 1 96  ? -2.09232  1.24648   10.04969  1.000 85.49744  ? 96  ARG A CZ  1 
ATOM   777  N  NH1 . ARG A 1 96  ? -0.89849  0.69836   9.90448   1.000 90.13497  ? 96  ARG A NH1 1 
ATOM   778  N  NH2 . ARG A 1 96  ? -2.71978  1.16868   11.22352  1.000 83.35037  ? 96  ARG A NH2 1 
ATOM   779  N  N   . ILE A 1 97  ? -0.57058  3.83087   4.10447   1.000 86.73198  ? 97  ILE A N   1 
ATOM   780  C  CA  . ILE A 1 97  ? 0.61863   4.07403   3.31066   1.000 82.40323  ? 97  ILE A CA  1 
ATOM   781  C  C   . ILE A 1 97  ? 1.69085   3.14483   3.84737   1.000 82.88640  ? 97  ILE A C   1 
ATOM   782  O  O   . ILE A 1 97  ? 1.92663   3.09648   5.05968   1.000 80.38906  ? 97  ILE A O   1 
ATOM   783  C  CB  . ILE A 1 97  ? 1.07318   5.53836   3.41079   1.000 90.25474  ? 97  ILE A CB  1 
ATOM   784  C  CG1 . ILE A 1 97  ? -0.04944  6.52647   3.07407   1.000 91.27861  ? 97  ILE A CG1 1 
ATOM   785  C  CG2 . ILE A 1 97  ? 2.19556   5.78058   2.44358   1.000 84.20929  ? 97  ILE A CG2 1 
ATOM   786  C  CD1 . ILE A 1 97  ? -0.60010  6.38903   1.71955   1.000 87.47169  ? 97  ILE A CD1 1 
ATOM   787  N  N   . LEU A 1 98  ? 2.30583   2.37926   2.96070   1.000 85.30583  ? 98  LEU A N   1 
ATOM   788  C  CA  . LEU A 1 98  ? 3.46827   1.55236   3.25533   1.000 79.66447  ? 98  LEU A CA  1 
ATOM   789  C  C   . LEU A 1 98  ? 4.56602   1.98553   2.30251   1.000 79.46727  ? 98  LEU A C   1 
ATOM   790  O  O   . LEU A 1 98  ? 4.33308   2.03262   1.09043   1.000 81.77766  ? 98  LEU A O   1 
ATOM   791  C  CB  . LEU A 1 98  ? 3.18020   0.07776   2.99868   1.000 75.68232  ? 98  LEU A CB  1 
ATOM   792  C  CG  . LEU A 1 98  ? 2.09131   -0.65572  3.74073   1.000 73.11775  ? 98  LEU A CG  1 
ATOM   793  C  CD1 . LEU A 1 98  ? 2.24896   -2.11181  3.41596   1.000 79.55618  ? 98  LEU A CD1 1 
ATOM   794  C  CD2 . LEU A 1 98  ? 2.20775   -0.41015  5.20675   1.000 76.10152  ? 98  LEU A CD2 1 
ATOM   795  N  N   . GLU A 1 99  ? 5.75923   2.27965   2.80174   1.000 78.76029  ? 99  GLU A N   1 
ATOM   796  C  CA  . GLU A 1 99  ? 6.79764   2.60752   1.84038   1.000 89.66173  ? 99  GLU A CA  1 
ATOM   797  C  C   . GLU A 1 99  ? 7.34094   1.34612   1.19512   1.000 86.44369  ? 99  GLU A C   1 
ATOM   798  O  O   . GLU A 1 99  ? 7.45567   0.30067   1.84414   1.000 84.82705  ? 99  GLU A O   1 
ATOM   799  C  CB  . GLU A 1 99  ? 7.94641   3.41481   2.43026   1.000 94.62611  ? 99  GLU A CB  1 
ATOM   800  C  CG  . GLU A 1 99  ? 8.77339   3.89062   1.23162   1.000 98.57175  ? 99  GLU A CG  1 
ATOM   801  C  CD  . GLU A 1 99  ? 9.90577   4.79040   1.54503   1.000 110.61673 ? 99  GLU A CD  1 
ATOM   802  O  OE1 . GLU A 1 99  ? 9.64652   5.86765   2.11779   1.000 116.25085 ? 99  GLU A OE1 1 
ATOM   803  O  OE2 . GLU A 1 99  ? 11.04717  4.42687   1.18222   1.000 117.16148 ? 99  GLU A OE2 1 
ATOM   804  N  N   . LYS A 1 100 ? 7.64727   1.45142   -0.10137  1.000 82.76059  ? 100 LYS A N   1 
ATOM   805  C  CA  . LYS A 1 100 ? 7.99205   0.27253   -0.86624  1.000 77.93408  ? 100 LYS A CA  1 
ATOM   806  C  C   . LYS A 1 100 ? 9.26791   -0.28949  -0.29560  1.000 82.28090  ? 100 LYS A C   1 
ATOM   807  O  O   . LYS A 1 100 ? 10.18043  0.44840   0.08414   1.000 87.38405  ? 100 LYS A O   1 
ATOM   808  C  CB  . LYS A 1 100 ? 8.15516   0.57756   -2.35646  1.000 79.43798  ? 100 LYS A CB  1 
ATOM   809  C  CG  . LYS A 1 100 ? 8.46398   -0.67487  -3.16190  1.000 81.02905  ? 100 LYS A CG  1 
ATOM   810  C  CD  . LYS A 1 100 ? 8.60161   -0.46518  -4.66904  1.000 85.67931  ? 100 LYS A CD  1 
ATOM   811  C  CE  . LYS A 1 100 ? 8.89966   -1.81371  -5.35232  1.000 94.70206  ? 100 LYS A CE  1 
ATOM   812  N  NZ  . LYS A 1 100 ? 9.05688   -1.71468  -6.83476  1.000 116.31653 ? 100 LYS A NZ  1 
ATOM   813  N  N   . SER A 1 101 ? 9.27972   -1.59627  -0.15396  1.000 79.18507  ? 101 SER A N   1 
ATOM   814  C  CA  . SER A 1 101 ? 10.36979  -2.29820  0.47485   1.000 80.90733  ? 101 SER A CA  1 
ATOM   815  C  C   . SER A 1 101 ? 10.54093  -3.60355  -0.24710  1.000 81.04253  ? 101 SER A C   1 
ATOM   816  O  O   . SER A 1 101 ? 9.61111   -4.12355  -0.85964  1.000 82.24238  ? 101 SER A O   1 
ATOM   817  C  CB  . SER A 1 101 ? 10.12664  -2.58050  1.95548   1.000 91.06972  ? 101 SER A CB  1 
ATOM   818  O  OG  . SER A 1 101 ? 11.13259  -3.43472  2.46213   1.000 91.48260  ? 101 SER A OG  1 
ATOM   819  N  N   . ASN A 1 102 ? 11.73447  -4.13478  -0.14636  1.000 94.15880  ? 102 ASN A N   1 
ATOM   820  C  CA  . ASN A 1 102 ? 12.03071  -5.35587  -0.84752  1.000 93.93546  ? 102 ASN A CA  1 
ATOM   821  C  C   . ASN A 1 102 ? 12.04477  -6.55876  0.08823   1.000 96.01378  ? 102 ASN A C   1 
ATOM   822  O  O   . ASN A 1 102 ? 11.82210  -7.68118  -0.38050  1.000 93.10482  ? 102 ASN A O   1 
ATOM   823  C  CB  . ASN A 1 102 ? 13.35585  -5.16754  -1.59783  1.000 101.51785 ? 102 ASN A CB  1 
ATOM   824  C  CG  . ASN A 1 102 ? 13.73603  -6.35437  -2.42850  1.000 115.05164 ? 102 ASN A CG  1 
ATOM   825  O  OD1 . ASN A 1 102 ? 12.98744  -6.75446  -3.32323  1.000 125.54825 ? 102 ASN A OD1 1 
ATOM   826  N  ND2 . ASN A 1 102 ? 14.94651  -6.87221  -2.21108  1.000 114.32171 ? 102 ASN A ND2 1 
ATOM   827  N  N   . SER A 1 103 ? 12.22988  -6.35190  1.40461   1.000 93.84100  ? 103 SER A N   1 
ATOM   828  C  CA  . SER A 1 103 ? 12.08068  -7.44441  2.36000   1.000 91.16609  ? 103 SER A CA  1 
ATOM   829  C  C   . SER A 1 103 ? 10.65225  -7.45135  2.82643   1.000 90.08556  ? 103 SER A C   1 
ATOM   830  O  O   . SER A 1 103 ? 10.01971  -6.39753  2.97605   1.000 92.67714  ? 103 SER A O   1 
ATOM   831  C  CB  . SER A 1 103 ? 12.92792  -7.34540  3.63291   1.000 99.41605  ? 103 SER A CB  1 
ATOM   832  O  OG  . SER A 1 103 ? 12.63364  -6.17887  4.37675   1.000 86.36837  ? 103 SER A OG  1 
ATOM   833  N  N   . ILE A 1 104 ? 10.17971  -8.64970  3.12037   1.000 90.97081  ? 104 ILE A N   1 
ATOM   834  C  CA  . ILE A 1 104 ? 8.82768   -8.80345  3.60294   1.000 86.20918  ? 104 ILE A CA  1 
ATOM   835  C  C   . ILE A 1 104 ? 8.73994   -8.44946  5.07390   1.000 83.65411  ? 104 ILE A C   1 
ATOM   836  O  O   . ILE A 1 104 ? 7.68715   -8.03985  5.55831   1.000 85.56717  ? 104 ILE A O   1 
ATOM   837  C  CB  . ILE A 1 104 ? 8.37553   -10.22964 3.31152   1.000 82.18334  ? 104 ILE A CB  1 
ATOM   838  C  CG1 . ILE A 1 104 ? 6.97498   -10.39576 3.81975   1.000 84.43644  ? 104 ILE A CG1 1 
ATOM   839  C  CG2 . ILE A 1 104 ? 9.32283   -11.21090 3.95808   1.000 96.96282  ? 104 ILE A CG2 1 
ATOM   840  C  CD1 . ILE A 1 104 ? 6.40991   -11.68721 3.44689   1.000 95.15053  ? 104 ILE A CD1 1 
ATOM   841  N  N   . LYS A 1 105 ? 9.84455   -8.56150  5.79671   1.000 92.03417  ? 105 LYS A N   1 
ATOM   842  C  CA  . LYS A 1 105 ? 9.85499   -8.15196  7.19207   1.000 90.11511  ? 105 LYS A CA  1 
ATOM   843  C  C   . LYS A 1 105 ? 9.66088   -6.64203  7.33793   1.000 89.06970  ? 105 LYS A C   1 
ATOM   844  O  O   . LYS A 1 105 ? 8.99078   -6.19644  8.27151   1.000 88.60907  ? 105 LYS A O   1 
ATOM   845  C  CB  . LYS A 1 105 ? 11.13377  -8.69711  7.83858   1.000 86.54650  ? 105 LYS A CB  1 
ATOM   846  C  CG  . LYS A 1 105 ? 12.37215  -8.39989  7.00805   1.000 99.62945  ? 105 LYS A CG  1 
ATOM   847  C  CD  . LYS A 1 105 ? 13.67511  -8.96925  7.57419   1.000 97.78226  ? 105 LYS A CD  1 
ATOM   848  C  CE  . LYS A 1 105 ? 13.98318  -8.47980  8.97134   1.000 96.35727  ? 105 LYS A CE  1 
ATOM   849  N  NZ  . LYS A 1 105 ? 15.30822  -8.99957  9.42332   1.000 87.89345  ? 105 LYS A NZ  1 
ATOM   850  N  N   . SER A 1 106 ? 10.15418  -5.83248  6.39731   1.000 90.23879  ? 106 SER A N   1 
ATOM   851  C  CA  . SER A 1 106 ? 9.89020   -4.39743  6.52202   1.000 88.09995  ? 106 SER A CA  1 
ATOM   852  C  C   . SER A 1 106 ? 8.41461   -4.09412  6.34221   1.000 90.24183  ? 106 SER A C   1 
ATOM   853  O  O   . SER A 1 106 ? 7.80157   -3.43004  7.18849   1.000 85.95470  ? 106 SER A O   1 
ATOM   854  C  CB  . SER A 1 106 ? 10.70848  -3.58286  5.52864   1.000 89.09753  ? 106 SER A CB  1 
ATOM   855  O  OG  . SER A 1 106 ? 12.08035  -3.83421  5.70634   1.000 111.31617 ? 106 SER A OG  1 
ATOM   856  N  N   . THR A 1 107 ? 7.82592   -4.55376  5.23501   1.000 85.00261  ? 107 THR A N   1 
ATOM   857  C  CA  . THR A 1 107 ? 6.44733   -4.17388  4.98906   1.000 83.31065  ? 107 THR A CA  1 
ATOM   858  C  C   . THR A 1 107 ? 5.49426   -4.83312  5.97740   1.000 81.85509  ? 107 THR A C   1 
ATOM   859  O  O   . THR A 1 107 ? 4.37644   -4.34186  6.16851   1.000 84.86887  ? 107 THR A O   1 
ATOM   860  C  CB  . THR A 1 107 ? 6.06584   -4.46801  3.53543   1.000 83.09037  ? 107 THR A CB  1 
ATOM   861  O  OG1 . THR A 1 107 ? 6.11649   -5.86544  3.30078   1.000 85.53680  ? 107 THR A OG1 1 
ATOM   862  C  CG2 . THR A 1 107 ? 7.00562   -3.78759  2.56584   1.000 89.05248  ? 107 THR A CG2 1 
ATOM   863  N  N   . ALA A 1 108 ? 5.91276   -5.89450  6.65974   1.000 81.59451  ? 108 ALA A N   1 
ATOM   864  C  CA  . ALA A 1 108 ? 5.00723   -6.44411  7.65705   1.000 75.89815  ? 108 ALA A CA  1 
ATOM   865  C  C   . ALA A 1 108 ? 5.01907   -5.61277  8.91696   1.000 77.35873  ? 108 ALA A C   1 
ATOM   866  O  O   . ALA A 1 108 ? 4.00006   -5.51664  9.60370   1.000 81.44537  ? 108 ALA A O   1 
ATOM   867  C  CB  . ALA A 1 108 ? 5.35753   -7.87606  7.99516   1.000 70.63693  ? 108 ALA A CB  1 
ATOM   868  N  N   . VAL A 1 109 ? 6.15614   -5.01135  9.24531   1.000 83.15176  ? 109 VAL A N   1 
ATOM   869  C  CA  . VAL A 1 109 ? 6.19002   -4.14395  10.41412  1.000 82.43734  ? 109 VAL A CA  1 
ATOM   870  C  C   . VAL A 1 109 ? 5.33123   -2.91548  10.17544  1.000 83.59026  ? 109 VAL A C   1 
ATOM   871  O  O   . VAL A 1 109 ? 4.59890   -2.47388  11.06407  1.000 83.44893  ? 109 VAL A O   1 
ATOM   872  C  CB  . VAL A 1 109 ? 7.63165   -3.76419  10.77788  1.000 68.76350  ? 109 VAL A CB  1 
ATOM   873  C  CG1 . VAL A 1 109 ? 7.61691   -2.89300  11.99260  1.000 75.21850  ? 109 VAL A CG1 1 
ATOM   874  C  CG2 . VAL A 1 109 ? 8.40103   -4.99748  11.08792  1.000 65.51204  ? 109 VAL A CG2 1 
ATOM   875  N  N   . GLN A 1 110 ? 5.36981   -2.36415  8.96337   1.000 85.66738  ? 110 GLN A N   1 
ATOM   876  C  CA  . GLN A 1 110 ? 4.64997   -1.11843  8.73205   1.000 79.62381  ? 110 GLN A CA  1 
ATOM   877  C  C   . GLN A 1 110 ? 3.15220   -1.35557  8.78723   1.000 87.32168  ? 110 GLN A C   1 
ATOM   878  O  O   . GLN A 1 110 ? 2.41132   -0.61319  9.44566   1.000 95.61369  ? 110 GLN A O   1 
ATOM   879  C  CB  . GLN A 1 110 ? 5.02004   -0.50127  7.38529   1.000 80.88755  ? 110 GLN A CB  1 
ATOM   880  C  CG  . GLN A 1 110 ? 6.50584   -0.29798  7.17061   1.000 91.27091  ? 110 GLN A CG  1 
ATOM   881  C  CD  . GLN A 1 110 ? 6.82765   0.22746   5.77842   1.000 100.87949 ? 110 GLN A CD  1 
ATOM   882  O  OE1 . GLN A 1 110 ? 6.37079   1.32339   5.40244   1.000 94.33911  ? 110 GLN A OE1 1 
ATOM   883  N  NE2 . GLN A 1 110 ? 7.55645   -0.58092  4.97528   1.000 93.85125  ? 110 GLN A NE2 1 
ATOM   884  N  N   . LEU A 1 111 ? 2.68740   -2.40562  8.11044   1.000 78.23928  ? 111 LEU A N   1 
ATOM   885  C  CA  . LEU A 1 111 ? 1.25089   -2.62002  8.02659   1.000 74.48966  ? 111 LEU A CA  1 
ATOM   886  C  C   . LEU A 1 111 ? 0.67380   -2.93126  9.40029   1.000 81.00179  ? 111 LEU A C   1 
ATOM   887  O  O   . LEU A 1 111 ? -0.19273  -2.20640  9.89780   1.000 87.25975  ? 111 LEU A O   1 
ATOM   888  C  CB  . LEU A 1 111 ? 0.96712   -3.72749  7.02029   1.000 73.50015  ? 111 LEU A CB  1 
ATOM   889  C  CG  . LEU A 1 111 ? -0.46437  -3.93868  6.56846   1.000 69.12732  ? 111 LEU A CG  1 
ATOM   890  C  CD1 . LEU A 1 111 ? -0.84316  -2.73585  5.77342   1.000 81.28977  ? 111 LEU A CD1 1 
ATOM   891  C  CD2 . LEU A 1 111 ? -0.45110  -5.11587  5.65801   1.000 67.51137  ? 111 LEU A CD2 1 
ATOM   892  N  N   . LEU A 1 112 ? 1.22609   -3.93617  10.07184  1.000 84.61695  ? 112 LEU A N   1 
ATOM   893  C  CA  . LEU A 1 112 ? 0.66216   -4.44719  11.32024  1.000 80.93682  ? 112 LEU A CA  1 
ATOM   894  C  C   . LEU A 1 112 ? 0.63549   -3.37791  12.42848  1.000 87.01860  ? 112 LEU A C   1 
ATOM   895  O  O   . LEU A 1 112 ? -0.12122  -3.50604  13.40327  1.000 85.08281  ? 112 LEU A O   1 
ATOM   896  C  CB  . LEU A 1 112 ? 1.51742   -5.62114  11.76303  1.000 80.51889  ? 112 LEU A CB  1 
ATOM   897  C  CG  . LEU A 1 112 ? 1.39043   -7.04177  11.19882  1.000 78.18327  ? 112 LEU A CG  1 
ATOM   898  C  CD1 . LEU A 1 112 ? 2.03512   -8.08718  12.09088  1.000 83.90800  ? 112 LEU A CD1 1 
ATOM   899  C  CD2 . LEU A 1 112 ? 0.05242   -7.49788  10.84380  1.000 87.88646  ? 112 LEU A CD2 1 
ATOM   900  N  N   . THR A 1 113 ? 1.53284   -2.36617  12.34892  1.000 94.83470  ? 113 THR A N   1 
ATOM   901  C  CA  . THR A 1 113 ? 1.46702   -1.18275  13.23207  1.000 88.97140  ? 113 THR A CA  1 
ATOM   902  C  C   . THR A 1 113 ? 0.06492   -0.60685  13.26570  1.000 86.45069  ? 113 THR A C   1 
ATOM   903  O  O   . THR A 1 113 ? -0.49625  -0.34638  12.20107  1.000 87.48164  ? 113 THR A O   1 
ATOM   904  C  CB  . THR A 1 113 ? 2.42594   -0.08645  12.76896  1.000 79.01083  ? 113 THR A CB  1 
ATOM   905  O  OG1 . THR A 1 113 ? 3.73931   -0.64262  12.59277  1.000 108.35339 ? 113 THR A OG1 1 
ATOM   906  C  CG2 . THR A 1 113 ? 2.41809   1.11567   13.67116  1.000 76.31441  ? 113 THR A CG2 1 
ATOM   907  N  N   . PRO A 1 114 ? -0.51079  -0.31145  14.46268  1.000 90.04508  ? 114 PRO A N   1 
ATOM   908  C  CA  . PRO A 1 114 ? 0.04243   -0.14369  15.82260  1.000 82.29211  ? 114 PRO A CA  1 
ATOM   909  C  C   . PRO A 1 114 ? 0.49005   -1.36751  16.56046  1.000 86.99584  ? 114 PRO A C   1 
ATOM   910  O  O   . PRO A 1 114 ? 1.14399   -1.19925  17.58293  1.000 88.30804  ? 114 PRO A O   1 
ATOM   911  C  CB  . PRO A 1 114 ? -1.12545  0.46350   16.59386  1.000 77.54372  ? 114 PRO A CB  1 
ATOM   912  C  CG  . PRO A 1 114 ? -2.31265  -0.10893  15.95823  1.000 84.38115  ? 114 PRO A CG  1 
ATOM   913  C  CD  . PRO A 1 114 ? -1.98198  -0.28790  14.49744  1.000 88.34744  ? 114 PRO A CD  1 
ATOM   914  N  N   . ALA A 1 115 ? 0.13749   -2.57905  16.14458  1.000 85.65945  ? 115 ALA A N   1 
ATOM   915  C  CA  . ALA A 1 115 ? 0.63353   -3.75604  16.83924  1.000 84.38975  ? 115 ALA A CA  1 
ATOM   916  C  C   . ALA A 1 115 ? 2.12219   -3.87152  16.59222  1.000 89.02829  ? 115 ALA A C   1 
ATOM   917  O  O   . ALA A 1 115 ? 2.64087   -3.29274  15.63065  1.000 92.69516  ? 115 ALA A O   1 
ATOM   918  C  CB  . ALA A 1 115 ? -0.08831  -5.02008  16.36252  1.000 84.02712  ? 115 ALA A CB  1 
ATOM   919  N  N   . ARG A 1 116 ? 2.81889   -4.57531  17.49474  1.000 94.34767  ? 116 ARG A N   1 
ATOM   920  C  CA  . ARG A 1 116 ? 4.22540   -4.90626  17.29125  1.000 88.16341  ? 116 ARG A CA  1 
ATOM   921  C  C   . ARG A 1 116 ? 4.38155   -6.37003  16.93923  1.000 88.17900  ? 116 ARG A C   1 
ATOM   922  O  O   . ARG A 1 116 ? 3.63561   -7.22851  17.41845  1.000 89.58239  ? 116 ARG A O   1 
ATOM   923  C  CB  . ARG A 1 116 ? 5.08562   -4.57438  18.51197  1.000 87.26917  ? 116 ARG A CB  1 
ATOM   924  C  CG  . ARG A 1 116 ? 4.94559   -3.14016  18.93230  1.000 106.44253 ? 116 ARG A CG  1 
ATOM   925  C  CD  . ARG A 1 116 ? 5.76892   -2.77643  20.13065  1.000 120.47739 ? 116 ARG A CD  1 
ATOM   926  N  NE  . ARG A 1 116 ? 5.54026   -1.37067  20.43029  1.000 132.46866 ? 116 ARG A NE  1 
ATOM   927  C  CZ  . ARG A 1 116 ? 6.13880   -0.70116  21.40353  1.000 145.62301 ? 116 ARG A CZ  1 
ATOM   928  N  NH1 . ARG A 1 116 ? 7.04846   -1.27455  22.17829  1.000 146.11407 ? 116 ARG A NH1 1 
ATOM   929  N  NH2 . ARG A 1 116 ? 5.83881   0.58430   21.58454  1.000 144.01560 ? 116 ARG A NH2 1 
ATOM   930  N  N   . VAL A 1 117 ? 5.35208   -6.63625  16.10786  1.000 94.06686  ? 117 VAL A N   1 
ATOM   931  C  CA  . VAL A 1 117 ? 5.59886   -7.95927  15.55150  1.000 93.53637  ? 117 VAL A CA  1 
ATOM   932  C  C   . VAL A 1 117 ? 6.70735   -8.64314  16.35028  1.000 88.19373  ? 117 VAL A C   1 
ATOM   933  O  O   . VAL A 1 117 ? 7.67727   -8.00089  16.77809  1.000 85.52920  ? 117 VAL A O   1 
ATOM   934  C  CB  . VAL A 1 117 ? 5.96585   -7.82144  14.06655  1.000 83.47194  ? 117 VAL A CB  1 
ATOM   935  C  CG1 . VAL A 1 117 ? 7.08380   -6.78818  13.93080  1.000 92.00441  ? 117 VAL A CG1 1 
ATOM   936  C  CG2 . VAL A 1 117 ? 6.35243   -9.15666  13.46450  1.000 80.69555  ? 117 VAL A CG2 1 
ATOM   937  N  N   . LEU A 1 118 ? 6.55522   -9.95399  16.56466  1.000 90.10473  ? 118 LEU A N   1 
ATOM   938  C  CA  . LEU A 1 118 ? 7.51822   -10.73033 17.34833  1.000 90.85045  ? 118 LEU A CA  1 
ATOM   939  C  C   . LEU A 1 118 ? 8.72537   -11.17165 16.52576  1.000 90.08890  ? 118 LEU A C   1 
ATOM   940  O  O   . LEU A 1 118 ? 9.87041   -11.05492 16.97958  1.000 87.30862  ? 118 LEU A O   1 
ATOM   941  C  CB  . LEU A 1 118 ? 6.82372   -11.94560 17.96388  1.000 88.26274  ? 118 LEU A CB  1 
ATOM   942  C  CG  . LEU A 1 118 ? 7.66423   -12.69699 18.99267  1.000 100.83921 ? 118 LEU A CG  1 
ATOM   943  C  CD1 . LEU A 1 118 ? 8.53364   -13.76086 18.30489  1.000 104.80291 ? 118 LEU A CD1 1 
ATOM   944  C  CD2 . LEU A 1 118 ? 8.56523   -11.74766 19.79849  1.000 110.12842 ? 118 LEU A CD2 1 
ATOM   945  N  N   . GLY A 1 119 ? 8.48463   -11.74984 15.35712  1.000 88.01633  ? 119 GLY A N   1 
ATOM   946  C  CA  . GLY A 1 119 ? 9.56180   -12.05668 14.43630  1.000 82.87435  ? 119 GLY A CA  1 
ATOM   947  C  C   . GLY A 1 119 ? 8.97404   -12.56432 13.14177  1.000 82.94941  ? 119 GLY A C   1 
ATOM   948  O  O   . GLY A 1 119 ? 7.77521   -12.84170 13.04302  1.000 75.57980  ? 119 GLY A O   1 
ATOM   949  N  N   . VAL A 1 120 ? 9.84153   -12.70076 12.14411  1.000 82.76140  ? 120 VAL A N   1 
ATOM   950  C  CA  . VAL A 1 120 ? 9.44923   -13.21277 10.83718  1.000 80.92653  ? 120 VAL A CA  1 
ATOM   951  C  C   . VAL A 1 120 ? 10.31892  -14.39397 10.44178  1.000 81.97147  ? 120 VAL A C   1 
ATOM   952  O  O   . VAL A 1 120 ? 11.55326  -14.29345 10.44711  1.000 82.10064  ? 120 VAL A O   1 
ATOM   953  C  CB  . VAL A 1 120 ? 9.53017   -12.11737 9.77464   1.000 80.75730  ? 120 VAL A CB  1 
ATOM   954  C  CG1 . VAL A 1 120 ? 9.16402   -12.67851 8.44719   1.000 85.59359  ? 120 VAL A CG1 1 
ATOM   955  C  CG2 . VAL A 1 120 ? 8.56333   -11.04170 10.14376  1.000 84.36018  ? 120 VAL A CG2 1 
ATOM   956  N  N   . ASN A 1 121 ? 9.68083   -15.50368 10.07524  1.000 78.85004  ? 121 ASN A N   1 
ATOM   957  C  CA  . ASN A 1 121 ? 10.37357  -16.69110 9.60466   1.000 81.55331  ? 121 ASN A CA  1 
ATOM   958  C  C   . ASN A 1 121 ? 10.23538  -16.78206 8.09410   1.000 77.70079  ? 121 ASN A C   1 
ATOM   959  O  O   . ASN A 1 121 ? 9.11899   -16.77080 7.56879   1.000 76.93769  ? 121 ASN A O   1 
ATOM   960  C  CB  . ASN A 1 121 ? 9.85527   -17.98897 10.24950  1.000 84.79740  ? 121 ASN A CB  1 
ATOM   961  C  CG  . ASN A 1 121 ? 9.62977   -17.88836 11.75625  1.000 80.67042  ? 121 ASN A CG  1 
ATOM   962  O  OD1 . ASN A 1 121 ? 10.20654  -17.03900 12.44832  1.000 81.26947  ? 121 ASN A OD1 1 
ATOM   963  N  ND2 . ASN A 1 121 ? 8.85342   -18.83085 12.28124  1.000 80.78768  ? 121 ASN A ND2 1 
ATOM   964  N  N   . THR A 1 122 ? 11.35385  -16.88229 7.40004   1.000 80.57772  ? 122 THR A N   1 
ATOM   965  C  CA  . THR A 1 122 ? 11.35114  -17.43901 6.05981   1.000 80.04899  ? 122 THR A CA  1 
ATOM   966  C  C   . THR A 1 122 ? 11.45882  -18.95336 6.12926   1.000 87.59787  ? 122 THR A C   1 
ATOM   967  O  O   . THR A 1 122 ? 12.08280  -19.50860 7.04456   1.000 90.60252  ? 122 THR A O   1 
ATOM   968  C  CB  . THR A 1 122 ? 12.51757  -16.89135 5.25136   1.000 83.45421  ? 122 THR A CB  1 
ATOM   969  O  OG1 . THR A 1 122 ? 12.45269  -15.45886 5.23253   1.000 91.71956  ? 122 THR A OG1 1 
ATOM   970  C  CG2 . THR A 1 122 ? 12.55103  -17.46968 3.83728   1.000 78.04304  ? 122 THR A CG2 1 
ATOM   971  N  N   . VAL A 1 123 ? 10.84156  -19.62367 5.15591   1.000 83.97707  ? 123 VAL A N   1 
ATOM   972  C  CA  . VAL A 1 123 ? 10.94739  -21.07374 5.02924   1.000 82.75372  ? 123 VAL A CA  1 
ATOM   973  C  C   . VAL A 1 123 ? 10.98526  -21.40623 3.54872   1.000 86.45150  ? 123 VAL A C   1 
ATOM   974  O  O   . VAL A 1 123 ? 10.31024  -20.76083 2.74095   1.000 88.56945  ? 123 VAL A O   1 
ATOM   975  C  CB  . VAL A 1 123 ? 9.78073   -21.80390 5.73178   1.000 81.97589  ? 123 VAL A CB  1 
ATOM   976  C  CG1 . VAL A 1 123 ? 9.97416   -21.80498 7.23781   1.000 88.52396  ? 123 VAL A CG1 1 
ATOM   977  C  CG2 . VAL A 1 123 ? 8.48019   -21.18250 5.37426   1.000 90.04234  ? 123 VAL A CG2 1 
ATOM   978  N  N   . TRP A 1 124 ? 11.78714  -22.40261 3.18917   1.000 87.47911  ? 124 TRP A N   1 
ATOM   979  C  CA  . TRP A 1 124 ? 11.92059  -22.83549 1.80970   1.000 87.04303  ? 124 TRP A CA  1 
ATOM   980  C  C   . TRP A 1 124 ? 11.37561  -24.24045 1.69573   1.000 100.24444 ? 124 TRP A C   1 
ATOM   981  O  O   . TRP A 1 124 ? 11.85192  -25.15141 2.38850   1.000 98.60191  ? 124 TRP A O   1 
ATOM   982  C  CB  . TRP A 1 124 ? 13.37105  -22.80403 1.35447   1.000 83.45489  ? 124 TRP A CB  1 
ATOM   983  C  CG  . TRP A 1 124 ? 13.82101  -21.45362 1.23960   1.000 84.46584  ? 124 TRP A CG  1 
ATOM   984  C  CD1 . TRP A 1 124 ? 13.39518  -20.52374 0.33772   1.000 91.14228  ? 124 TRP A CD1 1 
ATOM   985  C  CD2 . TRP A 1 124 ? 14.76277  -20.80148 2.08369   1.000 84.77589  ? 124 TRP A CD2 1 
ATOM   986  N  NE1 . TRP A 1 124 ? 14.03180  -19.31975 0.56358   1.000 89.19320  ? 124 TRP A NE1 1 
ATOM   987  C  CE2 . TRP A 1 124 ? 14.87933  -19.47250 1.63251   1.000 85.72604  ? 124 TRP A CE2 1 
ATOM   988  C  CE3 . TRP A 1 124 ? 15.52324  -21.20929 3.18198   1.000 83.40241  ? 124 TRP A CE3 1 
ATOM   989  C  CZ2 . TRP A 1 124 ? 15.72599  -18.55667 2.24034   1.000 85.64837  ? 124 TRP A CZ2 1 
ATOM   990  C  CZ3 . TRP A 1 124 ? 16.36338  -20.29061 3.77903   1.000 82.19064  ? 124 TRP A CZ3 1 
ATOM   991  C  CH2 . TRP A 1 124 ? 16.45768  -18.98634 3.30804   1.000 78.23817  ? 124 TRP A CH2 1 
ATOM   992  N  N   . LEU A 1 125 ? 10.40096  -24.41531 0.81446   1.000 105.07049 ? 125 LEU A N   1 
ATOM   993  C  CA  . LEU A 1 125 ? 9.88718   -25.73124 0.55244   1.000 105.48654 ? 125 LEU A CA  1 
ATOM   994  C  C   . LEU A 1 125 ? 10.92435  -26.56441 -0.20006  1.000 109.26478 ? 125 LEU A C   1 
ATOM   995  O  O   . LEU A 1 125 ? 11.87499  -26.02507 -0.78517  1.000 106.54055 ? 125 LEU A O   1 
ATOM   996  C  CB  . LEU A 1 125 ? 8.59315   -25.62281 -0.24218  1.000 104.86791 ? 125 LEU A CB  1 
ATOM   997  C  CG  . LEU A 1 125 ? 7.49049   -24.96972 0.59516   1.000 104.79645 ? 125 LEU A CG  1 
ATOM   998  C  CD1 . LEU A 1 125 ? 6.12583   -25.32192 0.04236   1.000 110.48727 ? 125 LEU A CD1 1 
ATOM   999  C  CD2 . LEU A 1 125 ? 7.58449   -25.34144 2.07767   1.000 102.82764 ? 125 LEU A CD2 1 
ATOM   1000 N  N   . PRO A 1 126 ? 10.78664  -27.89666 -0.15505  1.000 108.26753 ? 126 PRO A N   1 
ATOM   1001 C  CA  . PRO A 1 126 ? 11.47638  -28.72237 -1.15974  1.000 100.22144 ? 126 PRO A CA  1 
ATOM   1002 C  C   . PRO A 1 126 ? 11.21594  -28.24427 -2.58328  1.000 112.40561 ? 126 PRO A C   1 
ATOM   1003 O  O   . PRO A 1 126 ? 12.16644  -28.11325 -3.36843  1.000 109.73883 ? 126 PRO A O   1 
ATOM   1004 C  CB  . PRO A 1 126 ? 10.91522  -30.12423 -0.90355  1.000 102.12591 ? 126 PRO A CB  1 
ATOM   1005 C  CG  . PRO A 1 126 ? 10.42208  -30.08779 0.55044   1.000 106.48705 ? 126 PRO A CG  1 
ATOM   1006 C  CD  . PRO A 1 126 ? 9.93537   -28.69708 0.75275   1.000 111.26681 ? 126 PRO A CD  1 
ATOM   1007 N  N   . ASP A 1 127 ? 9.95699   -27.89932 -2.91455  1.000 119.54671 ? 127 ASP A N   1 
ATOM   1008 C  CA  . ASP A 1 127 ? 9.65242   -27.23787 -4.19374  1.000 113.60808 ? 127 ASP A CA  1 
ATOM   1009 C  C   . ASP A 1 127 ? 10.59725  -26.08001 -4.51239  1.000 111.54949 ? 127 ASP A C   1 
ATOM   1010 O  O   . ASP A 1 127 ? 10.79321  -25.74438 -5.69098  1.000 111.56372 ? 127 ASP A O   1 
ATOM   1011 C  CB  . ASP A 1 127 ? 8.21067   -26.68584 -4.24177  1.000 114.79772 ? 127 ASP A CB  1 
ATOM   1012 C  CG  . ASP A 1 127 ? 7.14762   -27.68590 -3.77617  1.000 122.70606 ? 127 ASP A CG  1 
ATOM   1013 O  OD1 . ASP A 1 127 ? 7.39347   -28.91765 -3.81208  1.000 132.36701 ? 127 ASP A OD1 1 
ATOM   1014 O  OD2 . ASP A 1 127 ? 6.05696   -27.23993 -3.36036  1.000 118.30247 ? 127 ASP A OD2 1 
ATOM   1015 N  N   . GLY A 1 128 ? 11.18252  -25.45612 -3.48383  1.000 112.89281 ? 128 GLY A N   1 
ATOM   1016 C  CA  . GLY A 1 128 ? 11.92749  -24.22487 -3.63730  1.000 109.77188 ? 128 GLY A CA  1 
ATOM   1017 C  C   . GLY A 1 128 ? 11.12024  -22.96542 -3.39391  1.000 113.68468 ? 128 GLY A C   1 
ATOM   1018 O  O   . GLY A 1 128 ? 11.70579  -21.91037 -3.10949  1.000 109.41874 ? 128 GLY A O   1 
ATOM   1019 N  N   . THR A 1 129 ? 9.79923   -23.04332 -3.49848  1.000 110.91247 ? 129 THR A N   1 
ATOM   1020 C  CA  . THR A 1 129 ? 8.94792   -21.91760 -3.15331  1.000 108.73957 ? 129 THR A CA  1 
ATOM   1021 C  C   . THR A 1 129 ? 9.22021   -21.44409 -1.72255  1.000 102.29796 ? 129 THR A C   1 
ATOM   1022 O  O   . THR A 1 129 ? 9.49368   -22.24782 -0.82117  1.000 100.45176 ? 129 THR A O   1 
ATOM   1023 C  CB  . THR A 1 129 ? 7.47804   -22.31979 -3.36014  1.000 108.76310 ? 129 THR A CB  1 
ATOM   1024 O  OG1 . THR A 1 129 ? 7.08483   -23.29345 -2.38402  1.000 110.46050 ? 129 THR A OG1 1 
ATOM   1025 C  CG2 . THR A 1 129 ? 7.24475   -22.90105 -4.76795  1.000 106.02527 ? 129 THR A CG2 1 
ATOM   1026 N  N   . VAL A 1 130 ? 9.24432   -20.11487 -1.54882  1.000 91.75737  ? 130 VAL A N   1 
ATOM   1027 C  CA  . VAL A 1 130 ? 9.49279   -19.46767 -0.25995  1.000 85.30691  ? 130 VAL A CA  1 
ATOM   1028 C  C   . VAL A 1 130 ? 8.16724   -19.05254 0.36416   1.000 91.20992  ? 130 VAL A C   1 
ATOM   1029 O  O   . VAL A 1 130 ? 7.31157   -18.45963 -0.30904  1.000 95.42668  ? 130 VAL A O   1 
ATOM   1030 C  CB  . VAL A 1 130 ? 10.41704  -18.24834 -0.41655  1.000 84.57333  ? 130 VAL A CB  1 
ATOM   1031 C  CG1 . VAL A 1 130 ? 9.95463   -17.38417 -1.55613  1.000 93.91546  ? 130 VAL A CG1 1 
ATOM   1032 C  CG2 . VAL A 1 130 ? 10.41304  -17.40466 0.82528   1.000 86.51619  ? 130 VAL A CG2 1 
ATOM   1033 N  N   . GLN A 1 131 ? 7.99073   -19.36466 1.65101   1.000 92.17141  ? 131 GLN A N   1 
ATOM   1034 C  CA  . GLN A 1 131 ? 6.84682   -18.88992 2.41191   1.000 86.12695  ? 131 GLN A CA  1 
ATOM   1035 C  C   . GLN A 1 131 ? 7.33552   -18.08629 3.59912   1.000 82.75378  ? 131 GLN A C   1 
ATOM   1036 O  O   . GLN A 1 131 ? 8.43483   -18.29773 4.10830   1.000 87.22795  ? 131 GLN A O   1 
ATOM   1037 C  CB  . GLN A 1 131 ? 5.98610   -20.02513 2.93280   1.000 82.88579  ? 131 GLN A CB  1 
ATOM   1038 C  CG  . GLN A 1 131 ? 5.80669   -21.15647 1.98901   1.000 91.30582  ? 131 GLN A CG  1 
ATOM   1039 C  CD  . GLN A 1 131 ? 5.01898   -22.25996 2.63986   1.000 99.16429  ? 131 GLN A CD  1 
ATOM   1040 O  OE1 . GLN A 1 131 ? 5.36652   -22.72161 3.73440   1.000 96.88274  ? 131 GLN A OE1 1 
ATOM   1041 N  NE2 . GLN A 1 131 ? 3.97218   -22.71771 1.96767   1.000 104.79318 ? 131 GLN A NE2 1 
ATOM   1042 N  N   . TYR A 1 132 ? 6.47622   -17.21018 4.07236   1.000 79.24134  ? 132 TYR A N   1 
ATOM   1043 C  CA  . TYR A 1 132 ? 6.78300   -16.33801 5.18561   1.000 79.81460  ? 132 TYR A CA  1 
ATOM   1044 C  C   . TYR A 1 132 ? 5.74128   -16.49594 6.29260   1.000 80.18026  ? 132 TYR A C   1 
ATOM   1045 O  O   . TYR A 1 132 ? 4.57202   -16.79350 6.03359   1.000 83.61337  ? 132 TYR A O   1 
ATOM   1046 C  CB  . TYR A 1 132 ? 6.84359   -14.91742 4.67208   1.000 78.05117  ? 132 TYR A CB  1 
ATOM   1047 C  CG  . TYR A 1 132 ? 7.98167   -14.62975 3.69977   1.000 82.46580  ? 132 TYR A CG  1 
ATOM   1048 C  CD1 . TYR A 1 132 ? 9.31112   -14.59888 4.12376   1.000 85.29534  ? 132 TYR A CD1 1 
ATOM   1049 C  CD2 . TYR A 1 132 ? 7.73392   -14.47556 2.33709   1.000 87.10468  ? 132 TYR A CD2 1 
ATOM   1050 C  CE1 . TYR A 1 132 ? 10.35004  -14.33156 3.22281   1.000 84.48060  ? 132 TYR A CE1 1 
ATOM   1051 C  CE2 . TYR A 1 132 ? 8.75910   -14.21435 1.43716   1.000 86.56518  ? 132 TYR A CE2 1 
ATOM   1052 C  CZ  . TYR A 1 132 ? 10.05893  -14.14571 1.88117   1.000 84.42424  ? 132 TYR A CZ  1 
ATOM   1053 O  OH  . TYR A 1 132 ? 11.05771  -13.89958 0.97519   1.000 81.57310  ? 132 TYR A OH  1 
ATOM   1054 N  N   . VAL A 1 133 ? 6.18592   -16.31343 7.53613   1.000 79.00913  ? 133 VAL A N   1 
ATOM   1055 C  CA  . VAL A 1 133 ? 5.33691   -16.35264 8.72492   1.000 82.20769  ? 133 VAL A CA  1 
ATOM   1056 C  C   . VAL A 1 133 ? 5.70493   -15.18367 9.63616   1.000 85.98990  ? 133 VAL A C   1 
ATOM   1057 O  O   . VAL A 1 133 ? 6.86386   -15.07083 10.06512  1.000 83.16812  ? 133 VAL A O   1 
ATOM   1058 C  CB  . VAL A 1 133 ? 5.46340   -17.68807 9.47469   1.000 75.31694  ? 133 VAL A CB  1 
ATOM   1059 C  CG1 . VAL A 1 133 ? 4.44967   -17.76564 10.61872  1.000 75.08275  ? 133 VAL A CG1 1 
ATOM   1060 C  CG2 . VAL A 1 133 ? 5.20159   -18.82507 8.50970   1.000 69.66293  ? 133 VAL A CG2 1 
ATOM   1061 N  N   . VAL A 1 134 ? 4.72761   -14.30815 9.91389   1.000 81.38679  ? 134 VAL A N   1 
ATOM   1062 C  CA  . VAL A 1 134 ? 4.90523   -13.17917 10.82232  1.000 79.83466  ? 134 VAL A CA  1 
ATOM   1063 C  C   . VAL A 1 134 ? 4.30381   -13.57858 12.14714  1.000 85.82487  ? 134 VAL A C   1 
ATOM   1064 O  O   . VAL A 1 134 ? 3.10460   -13.84709 12.25328  1.000 85.86953  ? 134 VAL A O   1 
ATOM   1065 C  CB  . VAL A 1 134 ? 4.27634   -11.87826 10.31084  1.000 75.19728  ? 134 VAL A CB  1 
ATOM   1066 C  CG1 . VAL A 1 134 ? 5.01466   -11.36976 9.11871   1.000 76.45297  ? 134 VAL A CG1 1 
ATOM   1067 C  CG2 . VAL A 1 134 ? 2.90767   -12.13828 9.89626   1.000 89.32254  ? 134 VAL A CG2 1 
ATOM   1068 N  N   . ARG A 1 135 ? 5.16449   -13.62561 13.14343  1.000 95.37041  ? 135 ARG A N   1 
ATOM   1069 C  CA  . ARG A 1 135 ? 4.82779   -13.98373 14.50430  1.000 92.40401  ? 135 ARG A CA  1 
ATOM   1070 C  C   . ARG A 1 135 ? 4.40283   -12.72331 15.24379  1.000 88.09570  ? 135 ARG A C   1 
ATOM   1071 O  O   . ARG A 1 135 ? 5.04567   -11.67523 15.11290  1.000 83.98887  ? 135 ARG A O   1 
ATOM   1072 C  CB  . ARG A 1 135 ? 6.07238   -14.61797 15.11149  1.000 91.54208  ? 135 ARG A CB  1 
ATOM   1073 C  CG  . ARG A 1 135 ? 6.42695   -15.91509 14.44779  1.000 86.94615  ? 135 ARG A CG  1 
ATOM   1074 C  CD  . ARG A 1 135 ? 7.78604   -16.34835 14.89785  1.000 95.84058  ? 135 ARG A CD  1 
ATOM   1075 N  NE  . ARG A 1 135 ? 7.88242   -16.54046 16.33244  1.000 99.84925  ? 135 ARG A NE  1 
ATOM   1076 C  CZ  . ARG A 1 135 ? 9.02538   -16.79511 16.94481  1.000 105.82107 ? 135 ARG A CZ  1 
ATOM   1077 N  NH1 . ARG A 1 135 ? 10.15019  -16.97313 16.26170  1.000 101.78629 ? 135 ARG A NH1 1 
ATOM   1078 N  NH2 . ARG A 1 135 ? 9.04315   -16.86677 18.26993  1.000 109.70346 ? 135 ARG A NH2 1 
ATOM   1079 N  N   . ILE A 1 136 ? 3.30504   -12.81161 15.98575  1.000 91.33007  ? 136 ILE A N   1 
ATOM   1080 C  CA  . ILE A 1 136 ? 2.84427   -11.71337 16.82663  1.000 98.61696  ? 136 ILE A CA  1 
ATOM   1081 C  C   . ILE A 1 136 ? 2.44546   -12.27197 18.18549  1.000 96.66923  ? 136 ILE A C   1 
ATOM   1082 O  O   . ILE A 1 136 ? 1.88266   -13.37006 18.27781  1.000 87.35372  ? 136 ILE A O   1 
ATOM   1083 C  CB  . ILE A 1 136 ? 1.68181   -10.93072 16.17262  1.000 90.03356  ? 136 ILE A CB  1 
ATOM   1084 C  CG1 . ILE A 1 136 ? 0.35962   -11.68108 16.30099  1.000 90.64126  ? 136 ILE A CG1 1 
ATOM   1085 C  CG2 . ILE A 1 136 ? 1.94557   -10.69133 14.71386  1.000 90.18039  ? 136 ILE A CG2 1 
ATOM   1086 C  CD1 . ILE A 1 136 ? -0.82579  -10.87765 15.85264  1.000 88.97467  ? 136 ILE A CD1 1 
ATOM   1087 N  N   . SER A 1 137 ? 2.78632   -11.53090 19.24047  1.000 96.05550  ? 137 SER A N   1 
ATOM   1088 C  CA  . SER A 1 137 ? 2.36242   -11.88400 20.58574  1.000 90.05729  ? 137 SER A CA  1 
ATOM   1089 C  C   . SER A 1 137 ? 0.84771   -12.03173 20.62748  1.000 93.88711  ? 137 SER A C   1 
ATOM   1090 O  O   . SER A 1 137 ? 0.12733   -11.42548 19.83488  1.000 102.76758 ? 137 SER A O   1 
ATOM   1091 C  CB  . SER A 1 137 ? 2.83066   -10.80742 21.56556  1.000 99.31032  ? 137 SER A CB  1 
ATOM   1092 O  OG  . SER A 1 137 ? 2.24603   -10.96436 22.84368  1.000 110.37816 ? 137 SER A OG  1 
ATOM   1093 N  N   . LYS A 1 138 ? 0.35022   -12.86046 21.54524  1.000 98.32692  ? 138 LYS A N   1 
ATOM   1094 C  CA  . LYS A 1 138 ? -1.09997  -12.95777 21.68878  1.000 101.87337 ? 138 LYS A CA  1 
ATOM   1095 C  C   . LYS A 1 138 ? -1.69580  -11.61576 22.09181  1.000 98.33554  ? 138 LYS A C   1 
ATOM   1096 O  O   . LYS A 1 138 ? -2.78615  -11.24973 21.63723  1.000 97.41370  ? 138 LYS A O   1 
ATOM   1097 C  CB  . LYS A 1 138 ? -1.48425  -14.02623 22.71109  1.000 110.39990 ? 138 LYS A CB  1 
ATOM   1098 C  CG  . LYS A 1 138 ? -3.00478  -14.12127 22.86456  1.000 118.43523 ? 138 LYS A CG  1 
ATOM   1099 C  CD  . LYS A 1 138 ? -3.49805  -15.11575 23.91914  1.000 122.83640 ? 138 LYS A CD  1 
ATOM   1100 C  CE  . LYS A 1 138 ? -5.03642  -15.06612 23.99492  1.000 130.31430 ? 138 LYS A CE  1 
ATOM   1101 N  NZ  . LYS A 1 138 ? -5.64643  -15.97803 25.01076  1.000 136.31948 ? 138 LYS A NZ  1 
ATOM   1102 N  N   . GLN A 1 139 ? -0.97886  -10.86489 22.93225  1.000 97.31728  ? 139 GLN A N   1 
ATOM   1103 C  CA  . GLN A 1 139 ? -1.44362  -9.55339  23.37443  1.000 103.05172 ? 139 GLN A CA  1 
ATOM   1104 C  C   . GLN A 1 139 ? -1.65101  -8.61624  22.19364  1.000 100.54982 ? 139 GLN A C   1 
ATOM   1105 O  O   . GLN A 1 139 ? -2.69371  -7.95987  22.07826  1.000 97.12703  ? 139 GLN A O   1 
ATOM   1106 C  CB  . GLN A 1 139 ? -0.42455  -8.95482  24.33320  1.000 106.60790 ? 139 GLN A CB  1 
ATOM   1107 C  CG  . GLN A 1 139 ? -0.04961  -9.88998  25.45030  1.000 111.93989 ? 139 GLN A CG  1 
ATOM   1108 C  CD  . GLN A 1 139 ? 1.04545   -9.32421  26.32346  1.000 125.23612 ? 139 GLN A CD  1 
ATOM   1109 O  OE1 . GLN A 1 139 ? 1.55159   -8.22481  26.07957  1.000 126.85209 ? 139 GLN A OE1 1 
ATOM   1110 N  NE2 . GLN A 1 139 ? 1.43737   -10.08365 27.33832  1.000 131.86647 ? 139 GLN A NE2 1 
ATOM   1111 N  N   . GLU A 1 140 ? -0.65189  -8.54204  21.30836  1.000 97.98834  ? 140 GLU A N   1 
ATOM   1112 C  CA  . GLU A 1 140 ? -0.69961  -7.64386  20.15940  1.000 94.35627  ? 140 GLU A CA  1 
ATOM   1113 C  C   . GLU A 1 140 ? -1.89178  -7.91010  19.25054  1.000 94.41972  ? 140 GLU A C   1 
ATOM   1114 O  O   . GLU A 1 140 ? -2.34392  -6.98724  18.56103  1.000 92.77971  ? 140 GLU A O   1 
ATOM   1115 C  CB  . GLU A 1 140 ? 0.58671   -7.77922  19.35765  1.000 96.08203  ? 140 GLU A CB  1 
ATOM   1116 C  CG  . GLU A 1 140 ? 1.85424   -7.42414  20.10000  1.000 97.92384  ? 140 GLU A CG  1 
ATOM   1117 C  CD  . GLU A 1 140 ? 1.73218   -6.15850  20.90621  1.000 94.36107  ? 140 GLU A CD  1 
ATOM   1118 O  OE1 . GLU A 1 140 ? 1.51507   -5.08994  20.28647  1.000 89.94833  ? 140 GLU A OE1 1 
ATOM   1119 O  OE2 . GLU A 1 140 ? 1.84781   -6.23494  22.14893  1.000 100.71257 ? 140 GLU A OE2 1 
ATOM   1120 N  N   . LYS A 1 141 ? -2.41161  -9.14932  19.21850  1.000 90.24793  ? 141 LYS A N   1 
ATOM   1121 C  CA  . LYS A 1 141 ? -3.46343  -9.45692  18.24912  1.000 92.05271  ? 141 LYS A CA  1 
ATOM   1122 C  C   . LYS A 1 141 ? -4.61135  -8.46740  18.35287  1.000 94.79315  ? 141 LYS A C   1 
ATOM   1123 O  O   . LYS A 1 141 ? -5.25426  -8.15021  17.34480  1.000 94.38283  ? 141 LYS A O   1 
ATOM   1124 C  CB  . LYS A 1 141 ? -3.99281  -10.88673 18.41192  1.000 88.11714  ? 141 LYS A CB  1 
ATOM   1125 C  CG  . LYS A 1 141 ? -5.03602  -11.22828 17.33027  1.000 90.59992  ? 141 LYS A CG  1 
ATOM   1126 C  CD  . LYS A 1 141 ? -5.64885  -12.60871 17.43758  1.000 94.96464  ? 141 LYS A CD  1 
ATOM   1127 C  CE  . LYS A 1 141 ? -6.48745  -12.91825 16.20243  1.000 100.55424 ? 141 LYS A CE  1 
ATOM   1128 N  NZ  . LYS A 1 141 ? -7.00967  -14.31473 16.24413  1.000 114.29549 ? 141 LYS A NZ  1 
ATOM   1129 N  N   . ARG A 1 142 ? -4.84425  -7.93680  19.55843  1.000 104.74950 ? 142 ARG A N   1 
ATOM   1130 C  CA  . ARG A 1 142 ? -5.85831  -6.92569  19.83813  1.000 100.07226 ? 142 ARG A CA  1 
ATOM   1131 C  C   . ARG A 1 142 ? -5.50303  -5.56959  19.24607  1.000 94.32406  ? 142 ARG A C   1 
ATOM   1132 O  O   . ARG A 1 142 ? -6.38057  -4.69706  19.15089  1.000 98.72690  ? 142 ARG A O   1 
ATOM   1133 C  CB  . ARG A 1 142 ? -6.07107  -6.86529  21.36673  1.000 105.74527 ? 142 ARG A CB  1 
ATOM   1134 C  CG  . ARG A 1 142 ? -6.64358  -5.57833  21.99313  1.000 112.43302 ? 142 ARG A CG  1 
ATOM   1135 C  CD  . ARG A 1 142 ? -6.34557  -5.52150  23.51255  1.000 120.23496 ? 142 ARG A CD  1 
ATOM   1136 N  NE  . ARG A 1 142 ? -6.66489  -4.23222  24.12507  1.000 121.60468 ? 142 ARG A NE  1 
ATOM   1137 C  CZ  . ARG A 1 142 ? -6.45416  -3.93241  25.40313  1.000 124.00692 ? 142 ARG A CZ  1 
ATOM   1138 N  NH1 . ARG A 1 142 ? -5.96806  -4.82234  26.25211  1.000 131.58553 ? 142 ARG A NH1 1 
ATOM   1139 N  NH2 . ARG A 1 142 ? -6.75141  -2.71250  25.84478  1.000 122.67785 ? 142 ARG A NH2 1 
ATOM   1140 N  N   . PHE A 1 143 ? -4.26255  -5.39109  18.78938  1.000 89.29440  ? 143 PHE A N   1 
ATOM   1141 C  CA  . PHE A 1 143 ? -3.81905  -4.09790  18.29779  1.000 87.51189  ? 143 PHE A CA  1 
ATOM   1142 C  C   . PHE A 1 143 ? -3.64208  -4.11166  16.79312  1.000 87.82608  ? 143 PHE A C   1 
ATOM   1143 O  O   . PHE A 1 143 ? -3.19547  -3.11477  16.21721  1.000 86.28787  ? 143 PHE A O   1 
ATOM   1144 C  CB  . PHE A 1 143 ? -2.50296  -3.70290  18.95320  1.000 80.00888  ? 143 PHE A CB  1 
ATOM   1145 C  CG  . PHE A 1 143 ? -2.66458  -3.27890  20.36987  1.000 87.28751  ? 143 PHE A CG  1 
ATOM   1146 C  CD1 . PHE A 1 143 ? -3.14648  -4.18480  21.30253  1.000 94.43128  ? 143 PHE A CD1 1 
ATOM   1147 C  CD2 . PHE A 1 143 ? -2.45448  -1.98479  20.76254  1.000 86.59095  ? 143 PHE A CD2 1 
ATOM   1148 C  CE1 . PHE A 1 143 ? -3.32621  -3.83132  22.60498  1.000 96.09834  ? 143 PHE A CE1 1 
ATOM   1149 C  CE2 . PHE A 1 143 ? -2.64888  -1.62182  22.07527  1.000 87.39113  ? 143 PHE A CE2 1 
ATOM   1150 C  CZ  . PHE A 1 143 ? -3.08305  -2.54701  22.99347  1.000 97.18089  ? 143 PHE A CZ  1 
ATOM   1151 N  N   . LEU A 1 144 ? -3.94071  -5.23612  16.15746  1.000 87.35816  ? 144 LEU A N   1 
ATOM   1152 C  CA  . LEU A 1 144 ? -3.85558  -5.35471  14.72119  1.000 82.18686  ? 144 LEU A CA  1 
ATOM   1153 C  C   . LEU A 1 144 ? -4.78759  -4.32986  14.08547  1.000 81.17019  ? 144 LEU A C   1 
ATOM   1154 O  O   . LEU A 1 144 ? -5.85373  -4.04364  14.63232  1.000 95.93765  ? 144 LEU A O   1 
ATOM   1155 C  CB  . LEU A 1 144 ? -4.24638  -6.77223  14.31630  1.000 88.89047  ? 144 LEU A CB  1 
ATOM   1156 C  CG  . LEU A 1 144 ? -3.16547  -7.84256  14.50366  1.000 85.50240  ? 144 LEU A CG  1 
ATOM   1157 C  CD1 . LEU A 1 144 ? -3.41781  -9.02072  13.61343  1.000 81.18071  ? 144 LEU A CD1 1 
ATOM   1158 C  CD2 . LEU A 1 144 ? -1.79976  -7.25299  14.18927  1.000 94.76372  ? 144 LEU A CD2 1 
ATOM   1159 N  N   . PRO A 1 145 ? -4.40696  -3.74355  12.96241  1.000 83.82028  ? 145 PRO A N   1 
ATOM   1160 C  CA  . PRO A 1 145 ? -5.22797  -2.69415  12.33326  1.000 86.70337  ? 145 PRO A CA  1 
ATOM   1161 C  C   . PRO A 1 145 ? -6.36598  -3.21753  11.47271  1.000 83.21216  ? 145 PRO A C   1 
ATOM   1162 O  O   . PRO A 1 145 ? -7.16257  -2.41965  10.96361  1.000 89.48093  ? 145 PRO A O   1 
ATOM   1163 C  CB  . PRO A 1 145 ? -4.20092  -1.95289  11.46521  1.000 88.20108  ? 145 PRO A CB  1 
ATOM   1164 C  CG  . PRO A 1 145 ? -3.23617  -3.03239  11.05567  1.000 83.74197  ? 145 PRO A CG  1 
ATOM   1165 C  CD  . PRO A 1 145 ? -3.15847  -3.99633  12.21848  1.000 86.68032  ? 145 PRO A CD  1 
ATOM   1166 N  N   . ALA A 1 146 ? -6.44167  -4.52877  11.29864  1.000 81.63461  ? 146 ALA A N   1 
ATOM   1167 C  CA  . ALA A 1 146 ? -7.45513  -5.19487  10.49470  1.000 84.42780  ? 146 ALA A CA  1 
ATOM   1168 C  C   . ALA A 1 146 ? -7.35182  -6.67913  10.81685  1.000 86.46249  ? 146 ALA A C   1 
ATOM   1169 O  O   . ALA A 1 146 ? -6.34023  -7.13689  11.35387  1.000 81.74195  ? 146 ALA A O   1 
ATOM   1170 C  CB  . ALA A 1 146 ? -7.27025  -4.92511  8.99868   1.000 74.10558  ? 146 ALA A CB  1 
ATOM   1171 N  N   . ASP A 1 147 ? -8.41988  -7.41497  10.53559  1.000 83.88273  ? 147 ASP A N   1 
ATOM   1172 C  CA  . ASP A 1 147 ? -8.46279  -8.80919  10.94543  1.000 87.02314  ? 147 ASP A CA  1 
ATOM   1173 C  C   . ASP A 1 147 ? -7.29377  -9.56500  10.31274  1.000 94.79367  ? 147 ASP A C   1 
ATOM   1174 O  O   . ASP A 1 147 ? -6.81590  -9.21266  9.22699   1.000 92.70168  ? 147 ASP A O   1 
ATOM   1175 C  CB  . ASP A 1 147 ? -9.80684  -9.40800  10.54961  1.000 89.21711  ? 147 ASP A CB  1 
ATOM   1176 C  CG  . ASP A 1 147 ? -10.00394 -9.42905  9.04883   1.000 103.28199 ? 147 ASP A CG  1 
ATOM   1177 O  OD1 . ASP A 1 147 ? -9.33380  -10.23809 8.36954   1.000 99.81820  ? 147 ASP A OD1 1 
ATOM   1178 O  OD2 . ASP A 1 147 ? -10.74821 -8.56300  8.53330   1.000 113.34650 ? 147 ASP A OD2 1 
ATOM   1179 N  N   . GLU A 1 148 ? -6.81365  -10.60169 11.01331  1.000 96.66535  ? 148 GLU A N   1 
ATOM   1180 C  CA  . GLU A 1 148 ? -5.52615  -11.19072 10.65533  1.000 87.46394  ? 148 GLU A CA  1 
ATOM   1181 C  C   . GLU A 1 148 ? -5.53262  -11.76116 9.23793   1.000 88.61300  ? 148 GLU A C   1 
ATOM   1182 O  O   . GLU A 1 148 ? -4.54287  -11.63307 8.50951   1.000 93.54695  ? 148 GLU A O   1 
ATOM   1183 C  CB  . GLU A 1 148 ? -5.12449  -12.24339 11.68740  1.000 83.51071  ? 148 GLU A CB  1 
ATOM   1184 C  CG  . GLU A 1 148 ? -6.18277  -13.26507 12.02027  1.000 105.57139 ? 148 GLU A CG  1 
ATOM   1185 C  CD  . GLU A 1 148 ? -5.67585  -14.25526 13.06090  1.000 118.17412 ? 148 GLU A CD  1 
ATOM   1186 O  OE1 . GLU A 1 148 ? -4.50274  -14.10852 13.45882  1.000 103.52404 ? 148 GLU A OE1 1 
ATOM   1187 O  OE2 . GLU A 1 148 ? -6.42625  -15.17967 13.46757  1.000 127.30322 ? 148 GLU A OE2 1 
ATOM   1188 N  N   . THR A 1 149 ? -6.64408  -12.34650 8.80042   1.000 89.67474  ? 149 THR A N   1 
ATOM   1189 C  CA  . THR A 1 149 ? -6.64680  -12.92444 7.45767   1.000 86.68500  ? 149 THR A CA  1 
ATOM   1190 C  C   . THR A 1 149 ? -6.59581  -11.86364 6.35627   1.000 87.65696  ? 149 THR A C   1 
ATOM   1191 O  O   . THR A 1 149 ? -6.12196  -12.15182 5.25360   1.000 86.42829  ? 149 THR A O   1 
ATOM   1192 C  CB  . THR A 1 149 ? -7.85978  -13.83147 7.27485   1.000 87.42997  ? 149 THR A CB  1 
ATOM   1193 O  OG1 . THR A 1 149 ? -9.05176  -13.03961 7.28036   1.000 94.64386  ? 149 THR A OG1 1 
ATOM   1194 C  CG2 . THR A 1 149 ? -7.92608  -14.86354 8.40939   1.000 99.68932  ? 149 THR A CG2 1 
ATOM   1195 N  N   . SER A 1 150 ? -7.06479  -10.63875 6.60795   1.000 90.64103  ? 150 SER A N   1 
ATOM   1196 C  CA  . SER A 1 150 ? -6.95037  -9.62725  5.56143   1.000 83.44376  ? 150 SER A CA  1 
ATOM   1197 C  C   . SER A 1 150 ? -5.51837  -9.13202  5.44866   1.000 86.22822  ? 150 SER A C   1 
ATOM   1198 O  O   . SER A 1 150 ? -5.00166  -8.96223  4.33527   1.000 86.85085  ? 150 SER A O   1 
ATOM   1199 C  CB  . SER A 1 150 ? -7.91471  -8.47343  5.81310   1.000 84.33884  ? 150 SER A CB  1 
ATOM   1200 O  OG  . SER A 1 150 ? -9.26122  -8.89798  5.67165   1.000 97.06730  ? 150 SER A OG  1 
ATOM   1201 N  N   . LEU A 1 151 ? -4.85952  -8.91173  6.59359   1.000 85.29707  ? 151 LEU A N   1 
ATOM   1202 C  CA  . LEU A 1 151 ? -3.42151  -8.64365  6.60655   1.000 80.50204  ? 151 LEU A CA  1 
ATOM   1203 C  C   . LEU A 1 151 ? -2.63892  -9.71849  5.86256   1.000 83.11315  ? 151 LEU A C   1 
ATOM   1204 O  O   . LEU A 1 151 ? -1.68637  -9.40537  5.13748   1.000 84.77398  ? 151 LEU A O   1 
ATOM   1205 C  CB  . LEU A 1 151 ? -2.93747  -8.52781  8.04812   1.000 74.26169  ? 151 LEU A CB  1 
ATOM   1206 C  CG  . LEU A 1 151 ? -3.57921  -7.37144  8.80744   1.000 77.92311  ? 151 LEU A CG  1 
ATOM   1207 C  CD1 . LEU A 1 151 ? -3.05327  -7.23527  10.19036  1.000 75.21681  ? 151 LEU A CD1 1 
ATOM   1208 C  CD2 . LEU A 1 151 ? -3.21158  -6.11475  8.06057   1.000 75.31339  ? 151 LEU A CD2 1 
ATOM   1209 N  N   . GLU A 1 152 ? -3.02220  -10.98944 6.01540   1.000 80.40085  ? 152 GLU A N   1 
ATOM   1210 C  CA  . GLU A 1 152 ? -2.31003  -12.04150 5.29708   1.000 79.53714  ? 152 GLU A CA  1 
ATOM   1211 C  C   . GLU A 1 152 ? -2.46439  -11.87797 3.79335   1.000 81.96606  ? 152 GLU A C   1 
ATOM   1212 O  O   . GLU A 1 152 ? -1.48202  -11.94448 3.04601   1.000 82.26586  ? 152 GLU A O   1 
ATOM   1213 C  CB  . GLU A 1 152 ? -2.79515  -13.41804 5.73106   1.000 78.48243  ? 152 GLU A CB  1 
ATOM   1214 C  CG  . GLU A 1 152 ? -2.50080  -13.73743 7.15916   1.000 78.80246  ? 152 GLU A CG  1 
ATOM   1215 C  CD  . GLU A 1 152 ? -2.97012  -15.11010 7.52189   1.000 91.67636  ? 152 GLU A CD  1 
ATOM   1216 O  OE1 . GLU A 1 152 ? -4.18478  -15.37655 7.38111   1.000 100.80857 ? 152 GLU A OE1 1 
ATOM   1217 O  OE2 . GLU A 1 152 ? -2.13605  -15.92016 7.97294   1.000 99.08037  ? 152 GLU A OE2 1 
ATOM   1218 N  N   . GLU A 1 153 ? -3.69507  -11.66201 3.33013   1.000 82.27756  ? 153 GLU A N   1 
ATOM   1219 C  CA  . GLU A 1 153 ? -3.90368  -11.44492 1.90619   1.000 84.83152  ? 153 GLU A CA  1 
ATOM   1220 C  C   . GLU A 1 153 ? -3.15010  -10.21690 1.41968   1.000 86.98329  ? 153 GLU A C   1 
ATOM   1221 O  O   . GLU A 1 153 ? -2.54327  -10.23473 0.33850   1.000 86.73881  ? 153 GLU A O   1 
ATOM   1222 C  CB  . GLU A 1 153 ? -5.39833  -11.33356 1.61198   1.000 89.41928  ? 153 GLU A CB  1 
ATOM   1223 C  CG  . GLU A 1 153 ? -5.69766  -10.97694 0.16403   1.000 100.07481 ? 153 GLU A CG  1 
ATOM   1224 C  CD  . GLU A 1 153 ? -7.16121  -11.17851 -0.22209  1.000 113.65365 ? 153 GLU A CD  1 
ATOM   1225 O  OE1 . GLU A 1 153 ? -8.06529  -10.58863 0.41067   1.000 112.73415 ? 153 GLU A OE1 1 
ATOM   1226 O  OE2 . GLU A 1 153 ? -7.40423  -11.89735 -1.21553  1.000 129.79173 ? 153 GLU A OE2 1 
ATOM   1227 N  N   . ALA A 1 154 ? -3.16390  -9.14668  2.21241   1.000 85.11700  ? 154 ALA A N   1 
ATOM   1228 C  CA  . ALA A 1 154 ? -2.46359  -7.92861  1.82797   1.000 85.30073  ? 154 ALA A CA  1 
ATOM   1229 C  C   . ALA A 1 154 ? -0.98009  -8.19188  1.61924   1.000 79.59745  ? 154 ALA A C   1 
ATOM   1230 O  O   . ALA A 1 154 ? -0.42285  -7.96355  0.53686   1.000 77.39549  ? 154 ALA A O   1 
ATOM   1231 C  CB  . ALA A 1 154 ? -2.66672  -6.87279  2.90669   1.000 87.42614  ? 154 ALA A CB  1 
ATOM   1232 N  N   . LEU A 1 155 ? -0.33607  -8.69021  2.66008   1.000 76.94509  ? 155 LEU A N   1 
ATOM   1233 C  CA  . LEU A 1 155 ? 1.08547   -8.96223  2.60851   1.000 72.71024  ? 155 LEU A CA  1 
ATOM   1234 C  C   . LEU A 1 155 ? 1.40651   -9.92740  1.47787   1.000 80.36856  ? 155 LEU A C   1 
ATOM   1235 O  O   . LEU A 1 155 ? 2.40920   -9.76385  0.76779   1.000 83.26756  ? 155 LEU A O   1 
ATOM   1236 C  CB  . LEU A 1 155 ? 1.48674   -9.53222  3.95382   1.000 65.64809  ? 155 LEU A CB  1 
ATOM   1237 C  CG  . LEU A 1 155 ? 1.57615   -8.41629  4.97513   1.000 64.03957  ? 155 LEU A CG  1 
ATOM   1238 C  CD1 . LEU A 1 155 ? 1.92984   -8.95649  6.30533   1.000 65.66227  ? 155 LEU A CD1 1 
ATOM   1239 C  CD2 . LEU A 1 155 ? 2.63138   -7.42917  4.53661   1.000 81.65923  ? 155 LEU A CD2 1 
ATOM   1240 N  N   . SER A 1 156 ? 0.54832   -10.93227 1.28122   1.000 82.55918  ? 156 SER A N   1 
ATOM   1241 C  CA  . SER A 1 156 ? 0.79352   -11.90086 0.22216   1.000 80.24238  ? 156 SER A CA  1 
ATOM   1242 C  C   . SER A 1 156 ? 0.75729   -11.23552 -1.14260  1.000 91.39912  ? 156 SER A C   1 
ATOM   1243 O  O   . SER A 1 156 ? 1.59260   -11.54181 -2.00418  1.000 90.62010  ? 156 SER A O   1 
ATOM   1244 C  CB  . SER A 1 156 ? -0.21803  -13.03506 0.29230   1.000 76.14788  ? 156 SER A CB  1 
ATOM   1245 O  OG  . SER A 1 156 ? -0.14991  -13.67670 1.55291   1.000 85.19584  ? 156 SER A OG  1 
ATOM   1246 N  N   . LYS A 1 157 ? -0.19149  -10.31012 -1.35707  1.000 89.40522  ? 157 LYS A N   1 
ATOM   1247 C  CA  . LYS A 1 157 ? -0.24551  -9.61932  -2.63805  1.000 82.26688  ? 157 LYS A CA  1 
ATOM   1248 C  C   . LYS A 1 157 ? 1.00276   -8.78417  -2.86188  1.000 85.24604  ? 157 LYS A C   1 
ATOM   1249 O  O   . LYS A 1 157 ? 1.63842   -8.89151  -3.91683  1.000 89.08018  ? 157 LYS A O   1 
ATOM   1250 C  CB  . LYS A 1 157 ? -1.49346  -8.74591  -2.75937  1.000 87.21006  ? 157 LYS A CB  1 
ATOM   1251 C  CG  . LYS A 1 157 ? -2.82361  -9.49262  -2.88176  1.000 90.03790  ? 157 LYS A CG  1 
ATOM   1252 C  CD  . LYS A 1 157 ? -3.99287  -8.50151  -3.07556  1.000 94.52251  ? 157 LYS A CD  1 
ATOM   1253 C  CE  . LYS A 1 157 ? -5.31619  -9.21496  -3.34323  1.000 100.23790 ? 157 LYS A CE  1 
ATOM   1254 N  NZ  . LYS A 1 157 ? -6.41500  -8.25378  -3.63825  1.000 98.45514  ? 157 LYS A NZ  1 
ATOM   1255 N  N   . ILE A 1 158 ? 1.37319   -7.94399  -1.88469  1.000 80.76201  ? 158 ILE A N   1 
ATOM   1256 C  CA  . ILE A 1 158 ? 2.46679   -6.99599  -2.11503  1.000 79.17298  ? 158 ILE A CA  1 
ATOM   1257 C  C   . ILE A 1 158 ? 3.71118   -7.71437  -2.58677  1.000 87.99837  ? 158 ILE A C   1 
ATOM   1258 O  O   . ILE A 1 158 ? 4.27572   -7.38378  -3.63486  1.000 92.92008  ? 158 ILE A O   1 
ATOM   1259 C  CB  . ILE A 1 158 ? 2.76702   -6.16410  -0.86172  1.000 71.36831  ? 158 ILE A CB  1 
ATOM   1260 C  CG1 . ILE A 1 158 ? 1.51632   -5.44233  -0.39119  1.000 76.68649  ? 158 ILE A CG1 1 
ATOM   1261 C  CG2 . ILE A 1 158 ? 3.92505   -5.25379  -1.11387  1.000 68.79032  ? 158 ILE A CG2 1 
ATOM   1262 C  CD1 . ILE A 1 158 ? 1.73384   -4.65111  0.85462   1.000 74.18497  ? 158 ILE A CD1 1 
ATOM   1263 N  N   . HIS A 1 159 ? 4.14547   -8.71846  -1.83185  1.000 85.08404  ? 159 HIS A N   1 
ATOM   1264 C  CA  . HIS A 1 159 ? 5.34279   -9.47374  -2.16079  1.000 85.34345  ? 159 HIS A CA  1 
ATOM   1265 C  C   . HIS A 1 159 ? 5.05590   -10.72292 -2.97396  1.000 90.53963  ? 159 HIS A C   1 
ATOM   1266 O  O   . HIS A 1 159 ? 5.94195   -11.56969 -3.11824  1.000 89.44554  ? 159 HIS A O   1 
ATOM   1267 C  CB  . HIS A 1 159 ? 6.07113   -9.83515  -0.88160  1.000 83.51892  ? 159 HIS A CB  1 
ATOM   1268 C  CG  . HIS A 1 159 ? 6.49739   -8.64106  -0.11308  1.000 82.27895  ? 159 HIS A CG  1 
ATOM   1269 N  ND1 . HIS A 1 159 ? 7.48644   -7.79412  -0.56197  1.000 83.35175  ? 159 HIS A ND1 1 
ATOM   1270 C  CD2 . HIS A 1 159 ? 5.99335   -8.07663  1.00707   1.000 83.03328  ? 159 HIS A CD2 1 
ATOM   1271 C  CE1 . HIS A 1 159 ? 7.63109   -6.79864  0.29736   1.000 86.07365  ? 159 HIS A CE1 1 
ATOM   1272 N  NE2 . HIS A 1 159 ? 6.73180   -6.94170  1.25407   1.000 85.75121  ? 159 HIS A NE2 1 
ATOM   1273 N  N   . SER A 1 160 ? 3.83348   -10.87539 -3.47395  1.000 92.19985  ? 160 SER A N   1 
ATOM   1274 C  CA  . SER A 1 160 ? 3.50543   -11.93651 -4.42606  1.000 90.96461  ? 160 SER A CA  1 
ATOM   1275 C  C   . SER A 1 160 ? 3.97924   -13.30043 -3.94560  1.000 90.27412  ? 160 SER A C   1 
ATOM   1276 O  O   . SER A 1 160 ? 4.47631   -14.11681 -4.72127  1.000 99.64601  ? 160 SER A O   1 
ATOM   1277 C  CB  . SER A 1 160 ? 4.08007   -11.62167 -5.80282  1.000 90.31001  ? 160 SER A CB  1 
ATOM   1278 O  OG  . SER A 1 160 ? 3.58839   -10.37033 -6.26525  1.000 101.11530 ? 160 SER A OG  1 
ATOM   1279 N  N   . THR A 1 161 ? 3.82454   -13.55200 -2.65251  1.000 85.21975  ? 161 THR A N   1 
ATOM   1280 C  CA  . THR A 1 161 ? 4.23529   -14.81669 -2.06766  1.000 88.54855  ? 161 THR A CA  1 
ATOM   1281 C  C   . THR A 1 161 ? 3.23696   -15.17758 -0.97527  1.000 93.00109  ? 161 THR A C   1 
ATOM   1282 O  O   . THR A 1 161 ? 2.28162   -14.43772 -0.71336  1.000 93.54813  ? 161 THR A O   1 
ATOM   1283 C  CB  . THR A 1 161 ? 5.66906   -14.73376 -1.52774  1.000 87.78697  ? 161 THR A CB  1 
ATOM   1284 O  OG1 . THR A 1 161 ? 5.98546   -15.92792 -0.80772  1.000 93.27086  ? 161 THR A OG1 1 
ATOM   1285 C  CG2 . THR A 1 161 ? 5.81460   -13.54561 -0.59728  1.000 87.47863  ? 161 THR A CG2 1 
ATOM   1286 N  N   . GLN A 1 162 ? 3.45018   -16.33014 -0.34341  1.000 86.31376  ? 162 GLN A N   1 
ATOM   1287 C  CA  . GLN A 1 162 ? 2.58818   -16.77166 0.74139   1.000 80.90750  ? 162 GLN A CA  1 
ATOM   1288 C  C   . GLN A 1 162 ? 3.03661   -16.17720 2.06803   1.000 84.94106  ? 162 GLN A C   1 
ATOM   1289 O  O   . GLN A 1 162 ? 4.17792   -16.37339 2.49562   1.000 89.56605  ? 162 GLN A O   1 
ATOM   1290 C  CB  . GLN A 1 162 ? 2.57777   -18.28515 0.83397   1.000 90.24407  ? 162 GLN A CB  1 
ATOM   1291 C  CG  . GLN A 1 162 ? 1.90361   -18.74546 2.10294   1.000 95.11402  ? 162 GLN A CG  1 
ATOM   1292 C  CD  . GLN A 1 162 ? 1.51147   -20.18845 2.06942   1.000 96.88292  ? 162 GLN A CD  1 
ATOM   1293 O  OE1 . GLN A 1 162 ? 1.66367   -20.85800 1.05327   1.000 100.28554 ? 162 GLN A OE1 1 
ATOM   1294 N  NE2 . GLN A 1 162 ? 1.04408   -20.69717 3.20095   1.000 107.13894 ? 162 GLN A NE2 1 
ATOM   1295 N  N   . VAL A 1 163 ? 2.12752   -15.47608 2.72787   1.000 83.19182  ? 163 VAL A N   1 
ATOM   1296 C  CA  . VAL A 1 163 ? 2.38536   -14.82494 3.99973   1.000 80.91989  ? 163 VAL A CA  1 
ATOM   1297 C  C   . VAL A 1 163 ? 1.28376   -15.26309 4.95147   1.000 88.36189  ? 163 VAL A C   1 
ATOM   1298 O  O   . VAL A 1 163 ? 0.10858   -15.33198 4.56392   1.000 87.22761  ? 163 VAL A O   1 
ATOM   1299 C  CB  . VAL A 1 163 ? 2.43067   -13.28556 3.84068   1.000 79.57603  ? 163 VAL A CB  1 
ATOM   1300 C  CG1 . VAL A 1 163 ? 2.92668   -12.61726 5.08495   1.000 75.95374  ? 163 VAL A CG1 1 
ATOM   1301 C  CG2 . VAL A 1 163 ? 3.33585   -12.89843 2.69884   1.000 77.35397  ? 163 VAL A CG2 1 
ATOM   1302 N  N   . ARG A 1 164 ? 1.66976   -15.60224 6.18329   1.000 84.92531  ? 164 ARG A N   1 
ATOM   1303 C  CA  . ARG A 1 164 ? 0.73667   -16.09933 7.18345   1.000 84.29879  ? 164 ARG A CA  1 
ATOM   1304 C  C   . ARG A 1 164 ? 1.09056   -15.51370 8.54032   1.000 87.55622  ? 164 ARG A C   1 
ATOM   1305 O  O   . ARG A 1 164 ? 2.25925   -15.24098 8.82807   1.000 86.76198  ? 164 ARG A O   1 
ATOM   1306 C  CB  . ARG A 1 164 ? 0.74028   -17.62668 7.26594   1.000 84.79339  ? 164 ARG A CB  1 
ATOM   1307 C  CG  . ARG A 1 164 ? -0.03553  -18.34149 6.16384   1.000 94.99003  ? 164 ARG A CG  1 
ATOM   1308 C  CD  . ARG A 1 164 ? 0.04118   -19.84876 6.41112   1.000 108.56863 ? 164 ARG A CD  1 
ATOM   1309 N  NE  . ARG A 1 164 ? -0.75501  -20.65744 5.49189   1.000 119.77928 ? 164 ARG A NE  1 
ATOM   1310 C  CZ  . ARG A 1 164 ? -0.78108  -21.98736 5.50439   1.000 126.22953 ? 164 ARG A CZ  1 
ATOM   1311 N  NH1 . ARG A 1 164 ? -0.05187  -22.68725 6.36494   1.000 122.79933 ? 164 ARG A NH1 1 
ATOM   1312 N  NH2 . ARG A 1 164 ? -1.54504  -22.63274 4.62291   1.000 125.06230 ? 164 ARG A NH2 1 
ATOM   1313 N  N   . ILE A 1 165 ? 0.06924   -15.31714 9.37493   1.000 91.45814  ? 165 ILE A N   1 
ATOM   1314 C  CA  . ILE A 1 165 ? 0.23759   -14.72355 10.69659  1.000 84.76827  ? 165 ILE A CA  1 
ATOM   1315 C  C   . ILE A 1 165 ? -0.00098  -15.80103 11.73873  1.000 92.16664  ? 165 ILE A C   1 
ATOM   1316 O  O   . ILE A 1 165 ? -1.03386  -16.47884 11.70813  1.000 97.46978  ? 165 ILE A O   1 
ATOM   1317 C  CB  . ILE A 1 165 ? -0.72088  -13.54874 10.92560  1.000 81.31769  ? 165 ILE A CB  1 
ATOM   1318 C  CG1 . ILE A 1 165 ? -0.41695  -12.42742 9.93469   1.000 75.73565  ? 165 ILE A CG1 1 
ATOM   1319 C  CG2 . ILE A 1 165 ? -0.61517  -13.08210 12.36990  1.000 80.55798  ? 165 ILE A CG2 1 
ATOM   1320 C  CD1 . ILE A 1 165 ? -1.12081  -11.13734 10.20051  1.000 71.38366  ? 165 ILE A CD1 1 
ATOM   1321 N  N   . ARG A 1 166 ? 0.95759   -15.95798 12.65132  1.000 93.67221  ? 166 ARG A N   1 
ATOM   1322 C  CA  . ARG A 1 166 ? 0.92716   -16.92273 13.74831  1.000 86.20021  ? 166 ARG A CA  1 
ATOM   1323 C  C   . ARG A 1 166 ? 0.73509   -16.11889 15.02350  1.000 95.68645  ? 166 ARG A C   1 
ATOM   1324 O  O   . ARG A 1 166 ? 1.63398   -15.37075 15.42876  1.000 95.89847  ? 166 ARG A O   1 
ATOM   1325 C  CB  . ARG A 1 166 ? 2.23315   -17.70312 13.82111  1.000 85.89174  ? 166 ARG A CB  1 
ATOM   1326 C  CG  . ARG A 1 166 ? 2.30837   -18.69870 14.94376  1.000 89.55328  ? 166 ARG A CG  1 
ATOM   1327 C  CD  . ARG A 1 166 ? 3.71601   -19.27130 15.02453  1.000 88.65064  ? 166 ARG A CD  1 
ATOM   1328 N  NE  . ARG A 1 166 ? 4.09337   -20.08710 13.88069  1.000 91.05302  ? 166 ARG A NE  1 
ATOM   1329 C  CZ  . ARG A 1 166 ? 5.31108   -20.57298 13.68831  1.000 85.34795  ? 166 ARG A CZ  1 
ATOM   1330 N  NH1 . ARG A 1 166 ? 6.31593   -20.26701 14.50348  1.000 87.19417  ? 166 ARG A NH1 1 
ATOM   1331 N  NH2 . ARG A 1 166 ? 5.52842   -21.37932 12.65007  1.000 84.27372  ? 166 ARG A NH2 1 
ATOM   1332 N  N   . VAL A 1 167 ? -0.42231  -16.27831 15.66850  1.000 99.16900  ? 167 VAL A N   1 
ATOM   1333 C  CA  . VAL A 1 167 ? -0.72532  -15.44212 16.82679  1.000 97.74739  ? 167 VAL A CA  1 
ATOM   1334 C  C   . VAL A 1 167 ? 0.02464   -15.84810 18.08245  1.000 106.36240 ? 167 VAL A C   1 
ATOM   1335 O  O   . VAL A 1 167 ? -0.05853  -15.11841 19.07937  1.000 115.55892 ? 167 VAL A O   1 
ATOM   1336 C  CB  . VAL A 1 167 ? -2.22991  -15.44368 17.14515  1.000 97.07109  ? 167 VAL A CB  1 
ATOM   1337 C  CG1 . VAL A 1 167 ? -3.02251  -15.05671 15.92833  1.000 104.02140 ? 167 VAL A CG1 1 
ATOM   1338 C  CG2 . VAL A 1 167 ? -2.65177  -16.82178 17.61184  1.000 112.88033 ? 167 VAL A CG2 1 
ATOM   1339 N  N   . GLU A 1 168 ? 0.78294   -16.95067 18.04391  1.000 100.40140 ? 168 GLU A N   1 
ATOM   1340 C  CA  . GLU A 1 168 ? 1.32348   -17.65928 19.22748  1.000 106.40818 ? 168 GLU A CA  1 
ATOM   1341 C  C   . GLU A 1 168 ? 1.16848   -16.95305 20.59154  1.000 109.67006 ? 168 GLU A C   1 
ATOM   1342 O  O   . GLU A 1 168 ? 1.98987   -16.13223 20.97865  1.000 112.90148 ? 168 GLU A O   1 
ATOM   1343 C  CB  . GLU A 1 168 ? 2.82237   -18.01077 19.02573  1.000 102.09956 ? 168 GLU A CB  1 
ATOM   1344 C  CG  . GLU A 1 168 ? 3.69153   -17.06521 18.19413  1.000 100.65871 ? 168 GLU A CG  1 
ATOM   1345 C  CD  . GLU A 1 168 ? 5.14038   -17.58845 18.00907  1.000 107.38489 ? 168 GLU A CD  1 
ATOM   1346 O  OE1 . GLU A 1 168 ? 5.31277   -18.68254 17.42961  1.000 103.07607 ? 168 GLU A OE1 1 
ATOM   1347 O  OE2 . GLU A 1 168 ? 6.11262   -16.91633 18.43503  1.000 102.46182 ? 168 GLU A OE2 1 
ATOM   1348 O  OXT . GLU A 1 168 ? 0.22974   -17.17325 21.36741  1.000 115.98372 ? 168 GLU A OXT 1 
HETATM 1349 ZN ZN  . ZN  B 2 .   ? -2.59249  9.47749   -20.90838 1.000 98.91372  ? 201 ZN  A ZN  1 
# 
